data_1D42
# 
_entry.id   1D42 
# 
_audit_conform.dict_name       mmcif_pdbx.dic 
_audit_conform.dict_version    5.392 
_audit_conform.dict_location   http://mmcif.pdb.org/dictionaries/ascii/mmcif_pdbx.dic 
# 
loop_
_database_2.database_id 
_database_2.database_code 
_database_2.pdbx_database_accession 
_database_2.pdbx_DOI 
PDB   1D42         pdb_00001d42 10.2210/pdb1d42/pdb 
WWPDB D_1000172647 ?            ?                   
# 
loop_
_pdbx_audit_revision_history.ordinal 
_pdbx_audit_revision_history.data_content_type 
_pdbx_audit_revision_history.major_revision 
_pdbx_audit_revision_history.minor_revision 
_pdbx_audit_revision_history.revision_date 
1 'Structure model' 1 0 1993-04-15 
2 'Structure model' 1 1 2008-03-24 
3 'Structure model' 1 2 2011-07-13 
4 'Structure model' 1 3 2022-02-16 
5 'Structure model' 1 4 2024-05-22 
# 
_pdbx_audit_revision_details.ordinal             1 
_pdbx_audit_revision_details.revision_ordinal    1 
_pdbx_audit_revision_details.data_content_type   'Structure model' 
_pdbx_audit_revision_details.provider            repository 
_pdbx_audit_revision_details.type                'Initial release' 
_pdbx_audit_revision_details.description         ? 
_pdbx_audit_revision_details.details             ? 
# 
loop_
_pdbx_audit_revision_group.ordinal 
_pdbx_audit_revision_group.revision_ordinal 
_pdbx_audit_revision_group.data_content_type 
_pdbx_audit_revision_group.group 
1 2 'Structure model' 'Version format compliance' 
2 3 'Structure model' 'Version format compliance' 
3 4 'Structure model' 'Database references'       
4 4 'Structure model' 'Derived calculations'      
5 4 'Structure model' Other                       
6 5 'Structure model' 'Data collection'           
# 
loop_
_pdbx_audit_revision_category.ordinal 
_pdbx_audit_revision_category.revision_ordinal 
_pdbx_audit_revision_category.data_content_type 
_pdbx_audit_revision_category.category 
1 4 'Structure model' database_2            
2 4 'Structure model' pdbx_database_status  
3 4 'Structure model' pdbx_struct_assembly  
4 4 'Structure model' pdbx_struct_oper_list 
5 5 'Structure model' chem_comp_atom        
6 5 'Structure model' chem_comp_bond        
# 
loop_
_pdbx_audit_revision_item.ordinal 
_pdbx_audit_revision_item.revision_ordinal 
_pdbx_audit_revision_item.data_content_type 
_pdbx_audit_revision_item.item 
1 4 'Structure model' '_database_2.pdbx_DOI'                
2 4 'Structure model' '_database_2.pdbx_database_accession' 
3 4 'Structure model' '_pdbx_database_status.process_site'  
# 
_pdbx_database_status.status_code                     REL 
_pdbx_database_status.entry_id                        1D42 
_pdbx_database_status.recvd_initial_deposition_date   1991-05-15 
_pdbx_database_status.deposit_site                    ? 
_pdbx_database_status.process_site                    BNL 
_pdbx_database_status.status_code_sf                  ? 
_pdbx_database_status.status_code_mr                  REL 
_pdbx_database_status.SG_entry                        ? 
_pdbx_database_status.pdb_format_compatible           Y 
_pdbx_database_status.status_code_cs                  ? 
_pdbx_database_status.status_code_nmr_data            ? 
_pdbx_database_status.methods_development_category    ? 
# 
loop_
_audit_author.name 
_audit_author.pdbx_ordinal 
'Schmitz, U.' 1 
'James, T.L.' 2 
# 
loop_
_citation.id 
_citation.title 
_citation.journal_abbrev 
_citation.journal_volume 
_citation.page_first 
_citation.page_last 
_citation.year 
_citation.journal_id_ASTM 
_citation.country 
_citation.journal_id_ISSN 
_citation.journal_id_CSD 
_citation.book_publisher 
_citation.pdbx_database_id_PubMed 
_citation.pdbx_database_id_DOI 
primary 
;Solution structure of [d(GTATATAC)]2 via restrained molecular dynamics simulations with nuclear magnetic resonance constraints derived from relaxation matrix analysis of two-dimensional nuclear Overhauser effect experiments.
;
J.Mol.Biol.  221 271  292 1991 JMOBAK UK 0022-2836 0070 ? 1920410 '10.1016/0022-2836(91)80219-K' 
1       
'Deoxyribose Conformation in [D(GTATATAC)]2: Evaluation of Sugar Pucker by Simulation of Double-Quantum-Filtered Cosy Cross-Peaks' 
Biochemistry 29  2357 ?   1990 BICHAW US 0006-2960 0033 ? ?       ?                              
# 
loop_
_citation_author.citation_id 
_citation_author.name 
_citation_author.ordinal 
_citation_author.identifier_ORCID 
primary 'Schmitz, U.'    1 ? 
primary 'Pearlman, D.A.' 2 ? 
primary 'James, T.L.'    3 ? 
1       'Schmitz, U.'    4 ? 
1       'Zon, G.'        5 ? 
1       'James, T.L.'    6 ? 
# 
_entity.id                         1 
_entity.type                       polymer 
_entity.src_method                 syn 
_entity.pdbx_description           
;DNA (5'-D(*GP*TP*AP*TP*AP*TP*AP*C)-3')
;
_entity.formula_weight             2425.629 
_entity.pdbx_number_of_molecules   2 
_entity.pdbx_ec                    ? 
_entity.pdbx_mutation              ? 
_entity.pdbx_fragment              ? 
_entity.details                    ? 
# 
_entity_poly.entity_id                      1 
_entity_poly.type                           polydeoxyribonucleotide 
_entity_poly.nstd_linkage                   no 
_entity_poly.nstd_monomer                   no 
_entity_poly.pdbx_seq_one_letter_code       '(DG)(DT)(DA)(DT)(DA)(DT)(DA)(DC)' 
_entity_poly.pdbx_seq_one_letter_code_can   GTATATAC 
_entity_poly.pdbx_strand_id                 A,B 
_entity_poly.pdbx_target_identifier         ? 
# 
loop_
_entity_poly_seq.entity_id 
_entity_poly_seq.num 
_entity_poly_seq.mon_id 
_entity_poly_seq.hetero 
1 1 DG n 
1 2 DT n 
1 3 DA n 
1 4 DT n 
1 5 DA n 
1 6 DT n 
1 7 DA n 
1 8 DC n 
# 
loop_
_chem_comp.id 
_chem_comp.type 
_chem_comp.mon_nstd_flag 
_chem_comp.name 
_chem_comp.pdbx_synonyms 
_chem_comp.formula 
_chem_comp.formula_weight 
DA 'DNA linking' y "2'-DEOXYADENOSINE-5'-MONOPHOSPHATE" ? 'C10 H14 N5 O6 P' 331.222 
DC 'DNA linking' y "2'-DEOXYCYTIDINE-5'-MONOPHOSPHATE"  ? 'C9 H14 N3 O7 P'  307.197 
DG 'DNA linking' y "2'-DEOXYGUANOSINE-5'-MONOPHOSPHATE" ? 'C10 H14 N5 O7 P' 347.221 
DT 'DNA linking' y "THYMIDINE-5'-MONOPHOSPHATE"         ? 'C10 H15 N2 O8 P' 322.208 
# 
loop_
_pdbx_poly_seq_scheme.asym_id 
_pdbx_poly_seq_scheme.entity_id 
_pdbx_poly_seq_scheme.seq_id 
_pdbx_poly_seq_scheme.mon_id 
_pdbx_poly_seq_scheme.ndb_seq_num 
_pdbx_poly_seq_scheme.pdb_seq_num 
_pdbx_poly_seq_scheme.auth_seq_num 
_pdbx_poly_seq_scheme.pdb_mon_id 
_pdbx_poly_seq_scheme.auth_mon_id 
_pdbx_poly_seq_scheme.pdb_strand_id 
_pdbx_poly_seq_scheme.pdb_ins_code 
_pdbx_poly_seq_scheme.hetero 
A 1 1 DG 1 1  1  DG G A . n 
A 1 2 DT 2 2  2  DT T A . n 
A 1 3 DA 3 3  3  DA A A . n 
A 1 4 DT 4 4  4  DT T A . n 
A 1 5 DA 5 5  5  DA A A . n 
A 1 6 DT 6 6  6  DT T A . n 
A 1 7 DA 7 7  7  DA A A . n 
A 1 8 DC 8 8  8  DC C A . n 
B 1 1 DG 1 9  9  DG G B . n 
B 1 2 DT 2 10 10 DT T B . n 
B 1 3 DA 3 11 11 DA A B . n 
B 1 4 DT 4 12 12 DT T B . n 
B 1 5 DA 5 13 13 DA A B . n 
B 1 6 DT 6 14 14 DT T B . n 
B 1 7 DA 7 15 15 DA A B . n 
B 1 8 DC 8 16 16 DC C B . n 
# 
_software.name             AMBER 
_software.classification   refinement 
_software.version          . 
_software.citation_id      ? 
_software.pdbx_ordinal     1 
# 
_cell.entry_id           1D42 
_cell.length_a           1.000 
_cell.length_b           1.000 
_cell.length_c           1.000 
_cell.angle_alpha        90.00 
_cell.angle_beta         90.00 
_cell.angle_gamma        90.00 
_cell.Z_PDB              1 
_cell.pdbx_unique_axis   ? 
# 
_symmetry.entry_id                         1D42 
_symmetry.space_group_name_H-M             'P 1' 
_symmetry.pdbx_full_space_group_name_H-M   ? 
_symmetry.cell_setting                     ? 
_symmetry.Int_Tables_number                1 
# 
_exptl.entry_id          1D42 
_exptl.method            'SOLUTION NMR' 
_exptl.crystals_number   ? 
# 
_struct.entry_id                  1D42 
_struct.title                     
;SOLUTION STRUCTURE OF [D(GTATATAC)]2 VIA RESTRAINED MOLECULAR DYNAMICS SIMULATIONS WITH NUCLEAR MAGNETIC RESONANCE CONSTRAINTS DERIVED FROM RELAXATION MATRIX ANALYSIS OF TWO-DIMENSIONAL NUCLEAR OVERHAUSER EFFECT EXPERIMENTS
;
_struct.pdbx_model_details        ? 
_struct.pdbx_CASP_flag            ? 
_struct.pdbx_model_type_details   ? 
# 
_struct_keywords.entry_id        1D42 
_struct_keywords.pdbx_keywords   DNA 
_struct_keywords.text            DNA 
# 
loop_
_struct_asym.id 
_struct_asym.pdbx_blank_PDB_chainid_flag 
_struct_asym.pdbx_modified 
_struct_asym.entity_id 
_struct_asym.details 
A N N 1 ? 
B N N 1 ? 
# 
_struct_ref.id                         1 
_struct_ref.entity_id                  1 
_struct_ref.db_name                    PDB 
_struct_ref.db_code                    1D42 
_struct_ref.pdbx_db_accession          1D42 
_struct_ref.pdbx_db_isoform            ? 
_struct_ref.pdbx_seq_one_letter_code   ? 
_struct_ref.pdbx_align_begin           ? 
# 
loop_
_struct_ref_seq.align_id 
_struct_ref_seq.ref_id 
_struct_ref_seq.pdbx_PDB_id_code 
_struct_ref_seq.pdbx_strand_id 
_struct_ref_seq.seq_align_beg 
_struct_ref_seq.pdbx_seq_align_beg_ins_code 
_struct_ref_seq.seq_align_end 
_struct_ref_seq.pdbx_seq_align_end_ins_code 
_struct_ref_seq.pdbx_db_accession 
_struct_ref_seq.db_align_beg 
_struct_ref_seq.pdbx_db_align_beg_ins_code 
_struct_ref_seq.db_align_end 
_struct_ref_seq.pdbx_db_align_end_ins_code 
_struct_ref_seq.pdbx_auth_seq_align_beg 
_struct_ref_seq.pdbx_auth_seq_align_end 
1 1 1D42 A 1 ? 8 ? 1D42 1 ? 8  ? 1 8  
2 1 1D42 B 1 ? 8 ? 1D42 9 ? 16 ? 9 16 
# 
_pdbx_struct_assembly.id                   1 
_pdbx_struct_assembly.details              author_defined_assembly 
_pdbx_struct_assembly.method_details       ? 
_pdbx_struct_assembly.oligomeric_details   dimeric 
_pdbx_struct_assembly.oligomeric_count     2 
# 
_pdbx_struct_assembly_gen.assembly_id       1 
_pdbx_struct_assembly_gen.oper_expression   1 
_pdbx_struct_assembly_gen.asym_id_list      A,B 
# 
_pdbx_struct_oper_list.id                   1 
_pdbx_struct_oper_list.type                 'identity operation' 
_pdbx_struct_oper_list.name                 1_555 
_pdbx_struct_oper_list.symmetry_operation   x,y,z 
_pdbx_struct_oper_list.matrix[1][1]         1.0000000000 
_pdbx_struct_oper_list.matrix[1][2]         0.0000000000 
_pdbx_struct_oper_list.matrix[1][3]         0.0000000000 
_pdbx_struct_oper_list.vector[1]            0.0000000000 
_pdbx_struct_oper_list.matrix[2][1]         0.0000000000 
_pdbx_struct_oper_list.matrix[2][2]         1.0000000000 
_pdbx_struct_oper_list.matrix[2][3]         0.0000000000 
_pdbx_struct_oper_list.vector[2]            0.0000000000 
_pdbx_struct_oper_list.matrix[3][1]         0.0000000000 
_pdbx_struct_oper_list.matrix[3][2]         0.0000000000 
_pdbx_struct_oper_list.matrix[3][3]         1.0000000000 
_pdbx_struct_oper_list.vector[3]            0.0000000000 
# 
_struct_biol.id   1 
# 
loop_
_struct_conn.id 
_struct_conn.conn_type_id 
_struct_conn.pdbx_leaving_atom_flag 
_struct_conn.pdbx_PDB_id 
_struct_conn.ptnr1_label_asym_id 
_struct_conn.ptnr1_label_comp_id 
_struct_conn.ptnr1_label_seq_id 
_struct_conn.ptnr1_label_atom_id 
_struct_conn.pdbx_ptnr1_label_alt_id 
_struct_conn.pdbx_ptnr1_PDB_ins_code 
_struct_conn.pdbx_ptnr1_standard_comp_id 
_struct_conn.ptnr1_symmetry 
_struct_conn.ptnr2_label_asym_id 
_struct_conn.ptnr2_label_comp_id 
_struct_conn.ptnr2_label_seq_id 
_struct_conn.ptnr2_label_atom_id 
_struct_conn.pdbx_ptnr2_label_alt_id 
_struct_conn.pdbx_ptnr2_PDB_ins_code 
_struct_conn.ptnr1_auth_asym_id 
_struct_conn.ptnr1_auth_comp_id 
_struct_conn.ptnr1_auth_seq_id 
_struct_conn.ptnr2_auth_asym_id 
_struct_conn.ptnr2_auth_comp_id 
_struct_conn.ptnr2_auth_seq_id 
_struct_conn.ptnr2_symmetry 
_struct_conn.pdbx_ptnr3_label_atom_id 
_struct_conn.pdbx_ptnr3_label_seq_id 
_struct_conn.pdbx_ptnr3_label_comp_id 
_struct_conn.pdbx_ptnr3_label_asym_id 
_struct_conn.pdbx_ptnr3_label_alt_id 
_struct_conn.pdbx_ptnr3_PDB_ins_code 
_struct_conn.details 
_struct_conn.pdbx_dist_value 
_struct_conn.pdbx_value_order 
_struct_conn.pdbx_role 
hydrog1  hydrog ? ? A DG 1 N1 ? ? ? 1_555 B DC 8 N3 ? ? A DG 1 B DC 16 1_555 ? ? ? ? ? ? WATSON-CRICK ? ? ? 
hydrog2  hydrog ? ? A DG 1 N2 ? ? ? 1_555 B DC 8 O2 ? ? A DG 1 B DC 16 1_555 ? ? ? ? ? ? WATSON-CRICK ? ? ? 
hydrog3  hydrog ? ? A DG 1 O6 ? ? ? 1_555 B DC 8 N4 ? ? A DG 1 B DC 16 1_555 ? ? ? ? ? ? WATSON-CRICK ? ? ? 
hydrog4  hydrog ? ? A DT 2 N3 ? ? ? 1_555 B DA 7 N1 ? ? A DT 2 B DA 15 1_555 ? ? ? ? ? ? WATSON-CRICK ? ? ? 
hydrog5  hydrog ? ? A DT 2 O4 ? ? ? 1_555 B DA 7 N6 ? ? A DT 2 B DA 15 1_555 ? ? ? ? ? ? WATSON-CRICK ? ? ? 
hydrog6  hydrog ? ? A DA 3 N1 ? ? ? 1_555 B DT 6 N3 ? ? A DA 3 B DT 14 1_555 ? ? ? ? ? ? WATSON-CRICK ? ? ? 
hydrog7  hydrog ? ? A DA 3 N6 ? ? ? 1_555 B DT 6 O4 ? ? A DA 3 B DT 14 1_555 ? ? ? ? ? ? WATSON-CRICK ? ? ? 
hydrog8  hydrog ? ? A DT 4 N3 ? ? ? 1_555 B DA 5 N1 ? ? A DT 4 B DA 13 1_555 ? ? ? ? ? ? WATSON-CRICK ? ? ? 
hydrog9  hydrog ? ? A DT 4 O4 ? ? ? 1_555 B DA 5 N6 ? ? A DT 4 B DA 13 1_555 ? ? ? ? ? ? WATSON-CRICK ? ? ? 
hydrog10 hydrog ? ? A DA 5 N1 ? ? ? 1_555 B DT 4 N3 ? ? A DA 5 B DT 12 1_555 ? ? ? ? ? ? WATSON-CRICK ? ? ? 
hydrog11 hydrog ? ? A DA 5 N6 ? ? ? 1_555 B DT 4 O4 ? ? A DA 5 B DT 12 1_555 ? ? ? ? ? ? WATSON-CRICK ? ? ? 
hydrog12 hydrog ? ? A DT 6 N3 ? ? ? 1_555 B DA 3 N1 ? ? A DT 6 B DA 11 1_555 ? ? ? ? ? ? WATSON-CRICK ? ? ? 
hydrog13 hydrog ? ? A DT 6 O4 ? ? ? 1_555 B DA 3 N6 ? ? A DT 6 B DA 11 1_555 ? ? ? ? ? ? WATSON-CRICK ? ? ? 
hydrog14 hydrog ? ? A DA 7 N1 ? ? ? 1_555 B DT 2 N3 ? ? A DA 7 B DT 10 1_555 ? ? ? ? ? ? WATSON-CRICK ? ? ? 
hydrog15 hydrog ? ? A DA 7 N6 ? ? ? 1_555 B DT 2 O4 ? ? A DA 7 B DT 10 1_555 ? ? ? ? ? ? WATSON-CRICK ? ? ? 
hydrog16 hydrog ? ? A DC 8 N3 ? ? ? 1_555 B DG 1 N1 ? ? A DC 8 B DG 9  1_555 ? ? ? ? ? ? WATSON-CRICK ? ? ? 
hydrog17 hydrog ? ? A DC 8 N4 ? ? ? 1_555 B DG 1 O6 ? ? A DC 8 B DG 9  1_555 ? ? ? ? ? ? WATSON-CRICK ? ? ? 
hydrog18 hydrog ? ? A DC 8 O2 ? ? ? 1_555 B DG 1 N2 ? ? A DC 8 B DG 9  1_555 ? ? ? ? ? ? WATSON-CRICK ? ? ? 
# 
_struct_conn_type.id          hydrog 
_struct_conn_type.criteria    ? 
_struct_conn_type.reference   ? 
# 
loop_
_pdbx_validate_rmsd_angle.id 
_pdbx_validate_rmsd_angle.PDB_model_num 
_pdbx_validate_rmsd_angle.auth_atom_id_1 
_pdbx_validate_rmsd_angle.auth_asym_id_1 
_pdbx_validate_rmsd_angle.auth_comp_id_1 
_pdbx_validate_rmsd_angle.auth_seq_id_1 
_pdbx_validate_rmsd_angle.PDB_ins_code_1 
_pdbx_validate_rmsd_angle.label_alt_id_1 
_pdbx_validate_rmsd_angle.auth_atom_id_2 
_pdbx_validate_rmsd_angle.auth_asym_id_2 
_pdbx_validate_rmsd_angle.auth_comp_id_2 
_pdbx_validate_rmsd_angle.auth_seq_id_2 
_pdbx_validate_rmsd_angle.PDB_ins_code_2 
_pdbx_validate_rmsd_angle.label_alt_id_2 
_pdbx_validate_rmsd_angle.auth_atom_id_3 
_pdbx_validate_rmsd_angle.auth_asym_id_3 
_pdbx_validate_rmsd_angle.auth_comp_id_3 
_pdbx_validate_rmsd_angle.auth_seq_id_3 
_pdbx_validate_rmsd_angle.PDB_ins_code_3 
_pdbx_validate_rmsd_angle.label_alt_id_3 
_pdbx_validate_rmsd_angle.angle_value 
_pdbx_validate_rmsd_angle.angle_target_value 
_pdbx_validate_rmsd_angle.angle_deviation 
_pdbx_validate_rmsd_angle.angle_standard_deviation 
_pdbx_validate_rmsd_angle.linker_flag 
1  1 "C3'" A DT 2  ? ? "O3'" A DT 2  ? ? P  A DA 3  ? ? 127.31 119.70 7.61 1.20 Y 
2  1 "O4'" A DT 4  ? ? "C1'" A DT 4  ? ? N1 A DT 4  ? ? 111.00 108.30 2.70 0.30 N 
3  1 "O4'" A DA 7  ? ? "C1'" A DA 7  ? ? N9 A DA 7  ? ? 113.87 108.30 5.57 0.30 N 
4  1 "C3'" B DT 10 ? ? "O3'" B DT 10 ? ? P  B DA 11 ? ? 127.28 119.70 7.58 1.20 Y 
5  1 "O4'" B DT 12 ? ? "C1'" B DT 12 ? ? N1 B DT 12 ? ? 111.22 108.30 2.92 0.30 N 
6  2 "O4'" A DT 2  ? ? "C1'" A DT 2  ? ? N1 A DT 2  ? ? 110.79 108.30 2.49 0.30 N 
7  2 "C3'" A DA 3  ? ? "O3'" A DA 3  ? ? P  A DT 4  ? ? 127.26 119.70 7.56 1.20 Y 
8  2 "O4'" A DT 4  ? ? "C1'" A DT 4  ? ? N1 A DT 4  ? ? 111.64 108.30 3.34 0.30 N 
9  2 "O4'" A DC 8  ? ? "C1'" A DC 8  ? ? N1 A DC 8  ? ? 111.79 108.30 3.49 0.30 N 
10 2 "O4'" B DG 9  ? ? "C1'" B DG 9  ? ? N9 B DG 9  ? ? 110.90 108.30 2.60 0.30 N 
11 2 "O4'" B DT 10 ? ? "C1'" B DT 10 ? ? N1 B DT 10 ? ? 111.34 108.30 3.04 0.30 N 
12 2 "O4'" B DT 12 ? ? "C1'" B DT 12 ? ? N1 B DT 12 ? ? 113.43 108.30 5.13 0.30 N 
13 2 "O4'" B DA 15 ? ? "C1'" B DA 15 ? ? N9 B DA 15 ? ? 110.95 108.30 2.65 0.30 N 
14 2 "O4'" B DC 16 ? ? "C1'" B DC 16 ? ? N1 B DC 16 ? ? 111.33 108.30 3.03 0.30 N 
15 3 "O4'" A DT 2  ? ? "C1'" A DT 2  ? ? N1 A DT 2  ? ? 110.72 108.30 2.42 0.30 N 
16 3 "O4'" A DA 3  ? ? "C1'" A DA 3  ? ? N9 A DA 3  ? ? 110.12 108.30 1.82 0.30 N 
17 3 "O4'" A DT 4  ? ? "C1'" A DT 4  ? ? N1 A DT 4  ? ? 112.37 108.30 4.07 0.30 N 
18 3 "O4'" A DA 7  ? ? "C1'" A DA 7  ? ? N9 A DA 7  ? ? 111.17 108.30 2.87 0.30 N 
19 3 "O4'" A DC 8  ? ? "C1'" A DC 8  ? ? N1 A DC 8  ? ? 110.64 108.30 2.34 0.30 N 
20 3 "C3'" B DT 10 ? ? "O3'" B DT 10 ? ? P  B DA 11 ? ? 127.01 119.70 7.31 1.20 Y 
21 3 "O4'" B DT 12 ? ? "C1'" B DT 12 ? ? N1 B DT 12 ? ? 111.52 108.30 3.22 0.30 N 
22 3 "O4'" B DA 15 ? ? "C1'" B DA 15 ? ? N9 B DA 15 ? ? 111.05 108.30 2.75 0.30 N 
23 3 "O4'" B DC 16 ? ? "C1'" B DC 16 ? ? N1 B DC 16 ? ? 110.80 108.30 2.50 0.30 N 
24 4 "O4'" A DT 2  ? ? "C1'" A DT 2  ? ? N1 A DT 2  ? ? 110.54 108.30 2.24 0.30 N 
25 4 "O4'" A DT 4  ? ? "C1'" A DT 4  ? ? N1 A DT 4  ? ? 111.39 108.30 3.09 0.30 N 
26 4 "O4'" A DA 7  ? ? "C1'" A DA 7  ? ? N9 A DA 7  ? ? 111.14 108.30 2.84 0.30 N 
27 4 "O4'" A DC 8  ? ? "C1'" A DC 8  ? ? N1 A DC 8  ? ? 110.86 108.30 2.56 0.30 N 
28 4 "O4'" B DT 10 ? ? "C1'" B DT 10 ? ? N1 B DT 10 ? ? 110.17 108.30 1.87 0.30 N 
29 4 "C3'" B DT 10 ? ? "O3'" B DT 10 ? ? P  B DA 11 ? ? 126.92 119.70 7.22 1.20 Y 
30 4 "O4'" B DT 12 ? ? "C1'" B DT 12 ? ? N1 B DT 12 ? ? 111.22 108.30 2.92 0.30 N 
31 4 "O4'" B DA 15 ? ? "C1'" B DA 15 ? ? N9 B DA 15 ? ? 111.31 108.30 3.01 0.30 N 
32 4 "O4'" B DC 16 ? ? "C1'" B DC 16 ? ? N1 B DC 16 ? ? 110.71 108.30 2.41 0.30 N 
33 5 "O4'" A DT 2  ? ? "C1'" A DT 2  ? ? N1 A DT 2  ? ? 110.72 108.30 2.42 0.30 N 
34 5 "C3'" A DA 3  ? ? "O3'" A DA 3  ? ? P  A DT 4  ? ? 127.20 119.70 7.50 1.20 Y 
35 5 "O4'" A DA 7  ? ? "C1'" A DA 7  ? ? N9 A DA 7  ? ? 111.59 108.30 3.29 0.30 N 
36 5 "O4'" A DC 8  ? ? "C1'" A DC 8  ? ? N1 A DC 8  ? ? 110.54 108.30 2.24 0.30 N 
37 5 "C3'" B DT 10 ? ? "O3'" B DT 10 ? ? P  B DA 11 ? ? 127.10 119.70 7.40 1.20 Y 
38 5 "O4'" B DA 15 ? ? "C1'" B DA 15 ? ? N9 B DA 15 ? ? 111.07 108.30 2.77 0.30 N 
39 5 "O4'" B DC 16 ? ? "C1'" B DC 16 ? ? N1 B DC 16 ? ? 110.29 108.30 1.99 0.30 N 
# 
_pdbx_validate_chiral.id              1 
_pdbx_validate_chiral.PDB_model_num   1 
_pdbx_validate_chiral.auth_atom_id    "C3'" 
_pdbx_validate_chiral.label_alt_id    ? 
_pdbx_validate_chiral.auth_asym_id    B 
_pdbx_validate_chiral.auth_comp_id    DC 
_pdbx_validate_chiral.auth_seq_id     16 
_pdbx_validate_chiral.PDB_ins_code    ? 
_pdbx_validate_chiral.details         'WRONG HAND' 
_pdbx_validate_chiral.omega           . 
# 
loop_
_pdbx_validate_planes.id 
_pdbx_validate_planes.PDB_model_num 
_pdbx_validate_planes.auth_comp_id 
_pdbx_validate_planes.auth_asym_id 
_pdbx_validate_planes.auth_seq_id 
_pdbx_validate_planes.PDB_ins_code 
_pdbx_validate_planes.label_alt_id 
_pdbx_validate_planes.rmsd 
_pdbx_validate_planes.type 
1  1 DG B 9  ? ? 0.072 'SIDE CHAIN' 
2  1 DA B 13 ? ? 0.052 'SIDE CHAIN' 
3  1 DT B 14 ? ? 0.062 'SIDE CHAIN' 
4  2 DA A 5  ? ? 0.080 'SIDE CHAIN' 
5  2 DA A 7  ? ? 0.115 'SIDE CHAIN' 
6  2 DG B 9  ? ? 0.075 'SIDE CHAIN' 
7  2 DA B 13 ? ? 0.074 'SIDE CHAIN' 
8  2 DT B 14 ? ? 0.071 'SIDE CHAIN' 
9  2 DA B 15 ? ? 0.074 'SIDE CHAIN' 
10 3 DA A 5  ? ? 0.108 'SIDE CHAIN' 
11 3 DG B 9  ? ? 0.071 'SIDE CHAIN' 
12 3 DA B 13 ? ? 0.096 'SIDE CHAIN' 
13 4 DA A 5  ? ? 0.078 'SIDE CHAIN' 
14 4 DG B 9  ? ? 0.074 'SIDE CHAIN' 
15 4 DA B 13 ? ? 0.089 'SIDE CHAIN' 
16 5 DA A 5  ? ? 0.084 'SIDE CHAIN' 
17 5 DA B 13 ? ? 0.084 'SIDE CHAIN' 
# 
_pdbx_nmr_ensemble.entry_id                             1D42 
_pdbx_nmr_ensemble.conformers_calculated_total_number   ? 
_pdbx_nmr_ensemble.conformers_submitted_total_number    5 
_pdbx_nmr_ensemble.conformer_selection_criteria         ? 
# 
loop_
_chem_comp_atom.comp_id 
_chem_comp_atom.atom_id 
_chem_comp_atom.type_symbol 
_chem_comp_atom.pdbx_aromatic_flag 
_chem_comp_atom.pdbx_stereo_config 
_chem_comp_atom.pdbx_ordinal 
DA OP3    O N N 1   
DA P      P N N 2   
DA OP1    O N N 3   
DA OP2    O N N 4   
DA "O5'"  O N N 5   
DA "C5'"  C N N 6   
DA "C4'"  C N R 7   
DA "O4'"  O N N 8   
DA "C3'"  C N S 9   
DA "O3'"  O N N 10  
DA "C2'"  C N N 11  
DA "C1'"  C N R 12  
DA N9     N Y N 13  
DA C8     C Y N 14  
DA N7     N Y N 15  
DA C5     C Y N 16  
DA C6     C Y N 17  
DA N6     N N N 18  
DA N1     N Y N 19  
DA C2     C Y N 20  
DA N3     N Y N 21  
DA C4     C Y N 22  
DA HOP3   H N N 23  
DA HOP2   H N N 24  
DA "H5'"  H N N 25  
DA "H5''" H N N 26  
DA "H4'"  H N N 27  
DA "H3'"  H N N 28  
DA "HO3'" H N N 29  
DA "H2'"  H N N 30  
DA "H2''" H N N 31  
DA "H1'"  H N N 32  
DA H8     H N N 33  
DA H61    H N N 34  
DA H62    H N N 35  
DA H2     H N N 36  
DC OP3    O N N 37  
DC P      P N N 38  
DC OP1    O N N 39  
DC OP2    O N N 40  
DC "O5'"  O N N 41  
DC "C5'"  C N N 42  
DC "C4'"  C N R 43  
DC "O4'"  O N N 44  
DC "C3'"  C N S 45  
DC "O3'"  O N N 46  
DC "C2'"  C N N 47  
DC "C1'"  C N R 48  
DC N1     N N N 49  
DC C2     C N N 50  
DC O2     O N N 51  
DC N3     N N N 52  
DC C4     C N N 53  
DC N4     N N N 54  
DC C5     C N N 55  
DC C6     C N N 56  
DC HOP3   H N N 57  
DC HOP2   H N N 58  
DC "H5'"  H N N 59  
DC "H5''" H N N 60  
DC "H4'"  H N N 61  
DC "H3'"  H N N 62  
DC "HO3'" H N N 63  
DC "H2'"  H N N 64  
DC "H2''" H N N 65  
DC "H1'"  H N N 66  
DC H41    H N N 67  
DC H42    H N N 68  
DC H5     H N N 69  
DC H6     H N N 70  
DG OP3    O N N 71  
DG P      P N N 72  
DG OP1    O N N 73  
DG OP2    O N N 74  
DG "O5'"  O N N 75  
DG "C5'"  C N N 76  
DG "C4'"  C N R 77  
DG "O4'"  O N N 78  
DG "C3'"  C N S 79  
DG "O3'"  O N N 80  
DG "C2'"  C N N 81  
DG "C1'"  C N R 82  
DG N9     N Y N 83  
DG C8     C Y N 84  
DG N7     N Y N 85  
DG C5     C Y N 86  
DG C6     C N N 87  
DG O6     O N N 88  
DG N1     N N N 89  
DG C2     C N N 90  
DG N2     N N N 91  
DG N3     N N N 92  
DG C4     C Y N 93  
DG HOP3   H N N 94  
DG HOP2   H N N 95  
DG "H5'"  H N N 96  
DG "H5''" H N N 97  
DG "H4'"  H N N 98  
DG "H3'"  H N N 99  
DG "HO3'" H N N 100 
DG "H2'"  H N N 101 
DG "H2''" H N N 102 
DG "H1'"  H N N 103 
DG H8     H N N 104 
DG H1     H N N 105 
DG H21    H N N 106 
DG H22    H N N 107 
DT OP3    O N N 108 
DT P      P N N 109 
DT OP1    O N N 110 
DT OP2    O N N 111 
DT "O5'"  O N N 112 
DT "C5'"  C N N 113 
DT "C4'"  C N R 114 
DT "O4'"  O N N 115 
DT "C3'"  C N S 116 
DT "O3'"  O N N 117 
DT "C2'"  C N N 118 
DT "C1'"  C N R 119 
DT N1     N N N 120 
DT C2     C N N 121 
DT O2     O N N 122 
DT N3     N N N 123 
DT C4     C N N 124 
DT O4     O N N 125 
DT C5     C N N 126 
DT C7     C N N 127 
DT C6     C N N 128 
DT HOP3   H N N 129 
DT HOP2   H N N 130 
DT "H5'"  H N N 131 
DT "H5''" H N N 132 
DT "H4'"  H N N 133 
DT "H3'"  H N N 134 
DT "HO3'" H N N 135 
DT "H2'"  H N N 136 
DT "H2''" H N N 137 
DT "H1'"  H N N 138 
DT H3     H N N 139 
DT H71    H N N 140 
DT H72    H N N 141 
DT H73    H N N 142 
DT H6     H N N 143 
# 
loop_
_chem_comp_bond.comp_id 
_chem_comp_bond.atom_id_1 
_chem_comp_bond.atom_id_2 
_chem_comp_bond.value_order 
_chem_comp_bond.pdbx_aromatic_flag 
_chem_comp_bond.pdbx_stereo_config 
_chem_comp_bond.pdbx_ordinal 
DA OP3   P      sing N N 1   
DA OP3   HOP3   sing N N 2   
DA P     OP1    doub N N 3   
DA P     OP2    sing N N 4   
DA P     "O5'"  sing N N 5   
DA OP2   HOP2   sing N N 6   
DA "O5'" "C5'"  sing N N 7   
DA "C5'" "C4'"  sing N N 8   
DA "C5'" "H5'"  sing N N 9   
DA "C5'" "H5''" sing N N 10  
DA "C4'" "O4'"  sing N N 11  
DA "C4'" "C3'"  sing N N 12  
DA "C4'" "H4'"  sing N N 13  
DA "O4'" "C1'"  sing N N 14  
DA "C3'" "O3'"  sing N N 15  
DA "C3'" "C2'"  sing N N 16  
DA "C3'" "H3'"  sing N N 17  
DA "O3'" "HO3'" sing N N 18  
DA "C2'" "C1'"  sing N N 19  
DA "C2'" "H2'"  sing N N 20  
DA "C2'" "H2''" sing N N 21  
DA "C1'" N9     sing N N 22  
DA "C1'" "H1'"  sing N N 23  
DA N9    C8     sing Y N 24  
DA N9    C4     sing Y N 25  
DA C8    N7     doub Y N 26  
DA C8    H8     sing N N 27  
DA N7    C5     sing Y N 28  
DA C5    C6     sing Y N 29  
DA C5    C4     doub Y N 30  
DA C6    N6     sing N N 31  
DA C6    N1     doub Y N 32  
DA N6    H61    sing N N 33  
DA N6    H62    sing N N 34  
DA N1    C2     sing Y N 35  
DA C2    N3     doub Y N 36  
DA C2    H2     sing N N 37  
DA N3    C4     sing Y N 38  
DC OP3   P      sing N N 39  
DC OP3   HOP3   sing N N 40  
DC P     OP1    doub N N 41  
DC P     OP2    sing N N 42  
DC P     "O5'"  sing N N 43  
DC OP2   HOP2   sing N N 44  
DC "O5'" "C5'"  sing N N 45  
DC "C5'" "C4'"  sing N N 46  
DC "C5'" "H5'"  sing N N 47  
DC "C5'" "H5''" sing N N 48  
DC "C4'" "O4'"  sing N N 49  
DC "C4'" "C3'"  sing N N 50  
DC "C4'" "H4'"  sing N N 51  
DC "O4'" "C1'"  sing N N 52  
DC "C3'" "O3'"  sing N N 53  
DC "C3'" "C2'"  sing N N 54  
DC "C3'" "H3'"  sing N N 55  
DC "O3'" "HO3'" sing N N 56  
DC "C2'" "C1'"  sing N N 57  
DC "C2'" "H2'"  sing N N 58  
DC "C2'" "H2''" sing N N 59  
DC "C1'" N1     sing N N 60  
DC "C1'" "H1'"  sing N N 61  
DC N1    C2     sing N N 62  
DC N1    C6     sing N N 63  
DC C2    O2     doub N N 64  
DC C2    N3     sing N N 65  
DC N3    C4     doub N N 66  
DC C4    N4     sing N N 67  
DC C4    C5     sing N N 68  
DC N4    H41    sing N N 69  
DC N4    H42    sing N N 70  
DC C5    C6     doub N N 71  
DC C5    H5     sing N N 72  
DC C6    H6     sing N N 73  
DG OP3   P      sing N N 74  
DG OP3   HOP3   sing N N 75  
DG P     OP1    doub N N 76  
DG P     OP2    sing N N 77  
DG P     "O5'"  sing N N 78  
DG OP2   HOP2   sing N N 79  
DG "O5'" "C5'"  sing N N 80  
DG "C5'" "C4'"  sing N N 81  
DG "C5'" "H5'"  sing N N 82  
DG "C5'" "H5''" sing N N 83  
DG "C4'" "O4'"  sing N N 84  
DG "C4'" "C3'"  sing N N 85  
DG "C4'" "H4'"  sing N N 86  
DG "O4'" "C1'"  sing N N 87  
DG "C3'" "O3'"  sing N N 88  
DG "C3'" "C2'"  sing N N 89  
DG "C3'" "H3'"  sing N N 90  
DG "O3'" "HO3'" sing N N 91  
DG "C2'" "C1'"  sing N N 92  
DG "C2'" "H2'"  sing N N 93  
DG "C2'" "H2''" sing N N 94  
DG "C1'" N9     sing N N 95  
DG "C1'" "H1'"  sing N N 96  
DG N9    C8     sing Y N 97  
DG N9    C4     sing Y N 98  
DG C8    N7     doub Y N 99  
DG C8    H8     sing N N 100 
DG N7    C5     sing Y N 101 
DG C5    C6     sing N N 102 
DG C5    C4     doub Y N 103 
DG C6    O6     doub N N 104 
DG C6    N1     sing N N 105 
DG N1    C2     sing N N 106 
DG N1    H1     sing N N 107 
DG C2    N2     sing N N 108 
DG C2    N3     doub N N 109 
DG N2    H21    sing N N 110 
DG N2    H22    sing N N 111 
DG N3    C4     sing N N 112 
DT OP3   P      sing N N 113 
DT OP3   HOP3   sing N N 114 
DT P     OP1    doub N N 115 
DT P     OP2    sing N N 116 
DT P     "O5'"  sing N N 117 
DT OP2   HOP2   sing N N 118 
DT "O5'" "C5'"  sing N N 119 
DT "C5'" "C4'"  sing N N 120 
DT "C5'" "H5'"  sing N N 121 
DT "C5'" "H5''" sing N N 122 
DT "C4'" "O4'"  sing N N 123 
DT "C4'" "C3'"  sing N N 124 
DT "C4'" "H4'"  sing N N 125 
DT "O4'" "C1'"  sing N N 126 
DT "C3'" "O3'"  sing N N 127 
DT "C3'" "C2'"  sing N N 128 
DT "C3'" "H3'"  sing N N 129 
DT "O3'" "HO3'" sing N N 130 
DT "C2'" "C1'"  sing N N 131 
DT "C2'" "H2'"  sing N N 132 
DT "C2'" "H2''" sing N N 133 
DT "C1'" N1     sing N N 134 
DT "C1'" "H1'"  sing N N 135 
DT N1    C2     sing N N 136 
DT N1    C6     sing N N 137 
DT C2    O2     doub N N 138 
DT C2    N3     sing N N 139 
DT N3    C4     sing N N 140 
DT N3    H3     sing N N 141 
DT C4    O4     doub N N 142 
DT C4    C5     sing N N 143 
DT C5    C7     sing N N 144 
DT C5    C6     doub N N 145 
DT C7    H71    sing N N 146 
DT C7    H72    sing N N 147 
DT C7    H73    sing N N 148 
DT C6    H6     sing N N 149 
# 
_ndb_struct_conf_na.entry_id   1D42 
_ndb_struct_conf_na.feature    'b-form double helix' 
# 
loop_
_ndb_struct_na_base_pair.model_number 
_ndb_struct_na_base_pair.i_label_asym_id 
_ndb_struct_na_base_pair.i_label_comp_id 
_ndb_struct_na_base_pair.i_label_seq_id 
_ndb_struct_na_base_pair.i_symmetry 
_ndb_struct_na_base_pair.j_label_asym_id 
_ndb_struct_na_base_pair.j_label_comp_id 
_ndb_struct_na_base_pair.j_label_seq_id 
_ndb_struct_na_base_pair.j_symmetry 
_ndb_struct_na_base_pair.shear 
_ndb_struct_na_base_pair.stretch 
_ndb_struct_na_base_pair.stagger 
_ndb_struct_na_base_pair.buckle 
_ndb_struct_na_base_pair.propeller 
_ndb_struct_na_base_pair.opening 
_ndb_struct_na_base_pair.pair_number 
_ndb_struct_na_base_pair.pair_name 
_ndb_struct_na_base_pair.i_auth_asym_id 
_ndb_struct_na_base_pair.i_auth_seq_id 
_ndb_struct_na_base_pair.i_PDB_ins_code 
_ndb_struct_na_base_pair.j_auth_asym_id 
_ndb_struct_na_base_pair.j_auth_seq_id 
_ndb_struct_na_base_pair.j_PDB_ins_code 
_ndb_struct_na_base_pair.hbond_type_28 
_ndb_struct_na_base_pair.hbond_type_12 
1 A DG 1 1_555 B DC 8 1_555 -0.260 -0.199 -0.107 -11.482 -25.365 0.456  1 A_DG1:DC16_B A 1 ? B 16 ? 19 1 
1 A DT 2 1_555 B DA 7 1_555 -0.029 -0.121 -0.028 -12.840 -23.237 -3.361 2 A_DT2:DA15_B A 2 ? B 15 ? 20 1 
1 A DA 3 1_555 B DT 6 1_555 -0.025 -0.176 0.481  -10.492 -2.943  -2.059 3 A_DA3:DT14_B A 3 ? B 14 ? 20 1 
1 A DT 4 1_555 B DA 5 1_555 0.119  -0.232 0.602  -5.004  -5.526  -4.083 4 A_DT4:DA13_B A 4 ? B 13 ? 20 1 
1 A DA 5 1_555 B DT 4 1_555 -0.219 -0.246 0.655  6.652   1.004   -3.665 5 A_DA5:DT12_B A 5 ? B 12 ? 20 1 
1 A DT 6 1_555 B DA 3 1_555 0.194  -0.196 0.392  17.616  4.454   -2.559 6 A_DT6:DA11_B A 6 ? B 11 ? 20 1 
1 A DA 7 1_555 B DT 2 1_555 0.051  -0.090 0.100  28.145  -23.108 -4.366 7 A_DA7:DT10_B A 7 ? B 10 ? 20 1 
1 A DC 8 1_555 B DG 1 1_555 0.328  -0.191 -0.202 20.437  -30.235 0.694  8 A_DC8:DG9_B  A 8 ? B 9  ? 19 1 
# 
loop_
_ndb_struct_na_base_pair_step.model_number 
_ndb_struct_na_base_pair_step.i_label_asym_id_1 
_ndb_struct_na_base_pair_step.i_label_comp_id_1 
_ndb_struct_na_base_pair_step.i_label_seq_id_1 
_ndb_struct_na_base_pair_step.i_symmetry_1 
_ndb_struct_na_base_pair_step.j_label_asym_id_1 
_ndb_struct_na_base_pair_step.j_label_comp_id_1 
_ndb_struct_na_base_pair_step.j_label_seq_id_1 
_ndb_struct_na_base_pair_step.j_symmetry_1 
_ndb_struct_na_base_pair_step.i_label_asym_id_2 
_ndb_struct_na_base_pair_step.i_label_comp_id_2 
_ndb_struct_na_base_pair_step.i_label_seq_id_2 
_ndb_struct_na_base_pair_step.i_symmetry_2 
_ndb_struct_na_base_pair_step.j_label_asym_id_2 
_ndb_struct_na_base_pair_step.j_label_comp_id_2 
_ndb_struct_na_base_pair_step.j_label_seq_id_2 
_ndb_struct_na_base_pair_step.j_symmetry_2 
_ndb_struct_na_base_pair_step.shift 
_ndb_struct_na_base_pair_step.slide 
_ndb_struct_na_base_pair_step.rise 
_ndb_struct_na_base_pair_step.tilt 
_ndb_struct_na_base_pair_step.roll 
_ndb_struct_na_base_pair_step.twist 
_ndb_struct_na_base_pair_step.x_displacement 
_ndb_struct_na_base_pair_step.y_displacement 
_ndb_struct_na_base_pair_step.helical_rise 
_ndb_struct_na_base_pair_step.inclination 
_ndb_struct_na_base_pair_step.tip 
_ndb_struct_na_base_pair_step.helical_twist 
_ndb_struct_na_base_pair_step.step_number 
_ndb_struct_na_base_pair_step.step_name 
_ndb_struct_na_base_pair_step.i_auth_asym_id_1 
_ndb_struct_na_base_pair_step.i_auth_seq_id_1 
_ndb_struct_na_base_pair_step.i_PDB_ins_code_1 
_ndb_struct_na_base_pair_step.j_auth_asym_id_1 
_ndb_struct_na_base_pair_step.j_auth_seq_id_1 
_ndb_struct_na_base_pair_step.j_PDB_ins_code_1 
_ndb_struct_na_base_pair_step.i_auth_asym_id_2 
_ndb_struct_na_base_pair_step.i_auth_seq_id_2 
_ndb_struct_na_base_pair_step.i_PDB_ins_code_2 
_ndb_struct_na_base_pair_step.j_auth_asym_id_2 
_ndb_struct_na_base_pair_step.j_auth_seq_id_2 
_ndb_struct_na_base_pair_step.j_PDB_ins_code_2 
1 A DG 1 1_555 B DC 8 1_555 A DT 2 1_555 B DA 7 1_555 -0.569 -0.789 3.063 -0.165 2.061   32.931 -1.714 0.975  3.012 3.632   0.290  
32.994 1 AA_DG1DT2:DA15DC16_BB A 1 ? B 16 ? A 2 ? B 15 ? 
1 A DT 2 1_555 B DA 7 1_555 A DA 3 1_555 B DT 6 1_555 -0.021 -0.719 2.869 -4.392 10.752  31.853 -2.699 -0.562 2.484 18.826  7.690  
33.853 2 AA_DT2DA3:DT14DA15_BB A 2 ? B 15 ? A 3 ? B 14 ? 
1 A DA 3 1_555 B DT 6 1_555 A DT 4 1_555 B DA 5 1_555 -0.278 -0.875 3.064 0.419  0.431   29.932 -1.776 0.619  3.048 0.834   -0.811 
29.937 3 AA_DA3DT4:DA13DT14_BB A 3 ? B 14 ? A 4 ? B 13 ? 
1 A DT 4 1_555 B DA 5 1_555 A DA 5 1_555 B DT 4 1_555 -0.047 1.350  2.892 -2.080 -11.170 46.287 2.427  -0.082 2.520 -13.963 2.600  
47.587 4 AA_DT4DA5:DT12DA13_BB A 4 ? B 13 ? A 5 ? B 12 ? 
1 A DA 5 1_555 B DT 4 1_555 A DT 6 1_555 B DA 3 1_555 0.217  -0.880 3.028 -0.101 3.824   26.629 -2.783 -0.489 2.875 8.248   0.217  
26.898 5 AA_DA5DT6:DA11DT12_BB A 5 ? B 12 ? A 6 ? B 11 ? 
1 A DT 6 1_555 B DA 3 1_555 A DA 7 1_555 B DT 2 1_555 0.025  -0.226 2.829 4.101  8.883   26.625 -2.218 0.761  2.595 18.512  -8.546 
28.335 6 AA_DT6DA7:DT10DA11_BB A 6 ? B 11 ? A 7 ? B 10 ? 
1 A DA 7 1_555 B DT 2 1_555 A DC 8 1_555 B DG 1 1_555 0.863  -1.106 3.249 1.780  4.199   32.682 -2.646 -1.223 3.128 7.417   -3.144 
32.990 7 AA_DA7DC8:DG9DT10_BB  A 7 ? B 10 ? A 8 ? B 9  ? 
# 
_atom_sites.entry_id                    1D42 
_atom_sites.fract_transf_matrix[1][1]   1.000000 
_atom_sites.fract_transf_matrix[1][2]   0.000000 
_atom_sites.fract_transf_matrix[1][3]   0.000000 
_atom_sites.fract_transf_matrix[2][1]   0.000000 
_atom_sites.fract_transf_matrix[2][2]   1.000000 
_atom_sites.fract_transf_matrix[2][3]   0.000000 
_atom_sites.fract_transf_matrix[3][1]   0.000000 
_atom_sites.fract_transf_matrix[3][2]   0.000000 
_atom_sites.fract_transf_matrix[3][3]   1.000000 
_atom_sites.fract_transf_vector[1]      0.00000 
_atom_sites.fract_transf_vector[2]      0.00000 
_atom_sites.fract_transf_vector[3]      0.00000 
# 
loop_
_atom_type.symbol 
C 
N 
O 
P 
# 
loop_
_atom_site.group_PDB 
_atom_site.id 
_atom_site.type_symbol 
_atom_site.label_atom_id 
_atom_site.label_alt_id 
_atom_site.label_comp_id 
_atom_site.label_asym_id 
_atom_site.label_entity_id 
_atom_site.label_seq_id 
_atom_site.pdbx_PDB_ins_code 
_atom_site.Cartn_x 
_atom_site.Cartn_y 
_atom_site.Cartn_z 
_atom_site.occupancy 
_atom_site.B_iso_or_equiv 
_atom_site.pdbx_formal_charge 
_atom_site.auth_seq_id 
_atom_site.auth_comp_id 
_atom_site.auth_asym_id 
_atom_site.auth_atom_id 
_atom_site.pdbx_PDB_model_num 
ATOM 1    O "O5'" . DG A 1 1 ? -4.033  -13.789 2.996   1.00 0.00 ? 1  DG A "O5'" 1 
ATOM 2    C "C5'" . DG A 1 1 ? -5.170  -14.535 3.366   1.00 0.00 ? 1  DG A "C5'" 1 
ATOM 3    C "C4'" . DG A 1 1 ? -6.502  -13.807 3.128   1.00 0.00 ? 1  DG A "C4'" 1 
ATOM 4    O "O4'" . DG A 1 1 ? -6.685  -12.779 4.087   1.00 0.00 ? 1  DG A "O4'" 1 
ATOM 5    C "C3'" . DG A 1 1 ? -6.618  -13.187 1.742   1.00 0.00 ? 1  DG A "C3'" 1 
ATOM 6    O "O3'" . DG A 1 1 ? -7.968  -13.257 1.310   1.00 0.00 ? 1  DG A "O3'" 1 
ATOM 7    C "C2'" . DG A 1 1 ? -6.190  -11.761 2.029   1.00 0.00 ? 1  DG A "C2'" 1 
ATOM 8    C "C1'" . DG A 1 1 ? -6.735  -11.525 3.429   1.00 0.00 ? 1  DG A "C1'" 1 
ATOM 9    N N9    . DG A 1 1 ? -5.864  -10.593 4.153   1.00 0.00 ? 1  DG A N9    1 
ATOM 10   C C8    . DG A 1 1 ? -4.558  -10.794 4.470   1.00 0.00 ? 1  DG A C8    1 
ATOM 11   N N7    . DG A 1 1 ? -4.027  -9.846  5.193   1.00 0.00 ? 1  DG A N7    1 
ATOM 12   C C5    . DG A 1 1 ? -5.069  -8.932  5.344   1.00 0.00 ? 1  DG A C5    1 
ATOM 13   C C6    . DG A 1 1 ? -5.126  -7.684  6.033   1.00 0.00 ? 1  DG A C6    1 
ATOM 14   O O6    . DG A 1 1 ? -4.266  -7.160  6.737   1.00 0.00 ? 1  DG A O6    1 
ATOM 15   N N1    . DG A 1 1 ? -6.335  -7.030  5.852   1.00 0.00 ? 1  DG A N1    1 
ATOM 16   C C2    . DG A 1 1 ? -7.403  -7.546  5.159   1.00 0.00 ? 1  DG A C2    1 
ATOM 17   N N2    . DG A 1 1 ? -8.485  -6.794  4.995   1.00 0.00 ? 1  DG A N2    1 
ATOM 18   N N3    . DG A 1 1 ? -7.383  -8.738  4.564   1.00 0.00 ? 1  DG A N3    1 
ATOM 19   C C4    . DG A 1 1 ? -6.191  -9.374  4.683   1.00 0.00 ? 1  DG A C4    1 
ATOM 20   P P     . DT A 1 2 ? -8.439  -12.735 -0.143  1.00 0.00 ? 2  DT A P     1 
ATOM 21   O OP1   . DT A 1 2 ? -9.779  -13.296 -0.428  1.00 0.00 ? 2  DT A OP1   1 
ATOM 22   O OP2   . DT A 1 2 ? -7.331  -12.963 -1.094  1.00 0.00 ? 2  DT A OP2   1 
ATOM 23   O "O5'" . DT A 1 2 ? -8.604  -11.145 0.061   1.00 0.00 ? 2  DT A "O5'" 1 
ATOM 24   C "C5'" . DT A 1 2 ? -9.687  -10.605 0.796   1.00 0.00 ? 2  DT A "C5'" 1 
ATOM 25   C "C4'" . DT A 1 2 ? -9.673  -9.068  0.823   1.00 0.00 ? 2  DT A "C4'" 1 
ATOM 26   O "O4'" . DT A 1 2 ? -8.641  -8.561  1.655   1.00 0.00 ? 2  DT A "O4'" 1 
ATOM 27   C "C3'" . DT A 1 2 ? -9.465  -8.422  -0.555  1.00 0.00 ? 2  DT A "C3'" 1 
ATOM 28   O "O3'" . DT A 1 2 ? -10.559 -7.717  -1.148  1.00 0.00 ? 2  DT A "O3'" 1 
ATOM 29   C "C2'" . DT A 1 2 ? -8.189  -7.603  -0.392  1.00 0.00 ? 2  DT A "C2'" 1 
ATOM 30   C "C1'" . DT A 1 2 ? -8.195  -7.330  1.110   1.00 0.00 ? 2  DT A "C1'" 1 
ATOM 31   N N1    . DT A 1 2 ? -6.865  -6.987  1.664   1.00 0.00 ? 2  DT A N1    1 
ATOM 32   C C2    . DT A 1 2 ? -6.721  -5.860  2.475   1.00 0.00 ? 2  DT A C2    1 
ATOM 33   O O2    . DT A 1 2 ? -7.603  -5.025  2.649   1.00 0.00 ? 2  DT A O2    1 
ATOM 34   N N3    . DT A 1 2 ? -5.501  -5.710  3.104   1.00 0.00 ? 2  DT A N3    1 
ATOM 35   C C4    . DT A 1 2 ? -4.408  -6.531  2.936   1.00 0.00 ? 2  DT A C4    1 
ATOM 36   O O4    . DT A 1 2 ? -3.359  -6.275  3.520   1.00 0.00 ? 2  DT A O4    1 
ATOM 37   C C5    . DT A 1 2 ? -4.621  -7.666  2.059   1.00 0.00 ? 2  DT A C5    1 
ATOM 38   C C7    . DT A 1 2 ? -3.481  -8.630  1.794   1.00 0.00 ? 2  DT A C7    1 
ATOM 39   C C6    . DT A 1 2 ? -5.826  -7.853  1.468   1.00 0.00 ? 2  DT A C6    1 
ATOM 40   P P     . DA A 1 3 ? -11.449 -6.530  -0.474  1.00 0.00 ? 3  DA A P     1 
ATOM 41   O OP1   . DA A 1 3 ? -11.907 -6.946  0.866   1.00 0.00 ? 3  DA A OP1   1 
ATOM 42   O OP2   . DA A 1 3 ? -12.469 -6.150  -1.477  1.00 0.00 ? 3  DA A OP2   1 
ATOM 43   O "O5'" . DA A 1 3 ? -10.477 -5.262  -0.275  1.00 0.00 ? 3  DA A "O5'" 1 
ATOM 44   C "C5'" . DA A 1 3 ? -10.050 -4.474  -1.366  1.00 0.00 ? 3  DA A "C5'" 1 
ATOM 45   C "C4'" . DA A 1 3 ? -9.649  -3.074  -0.887  1.00 0.00 ? 3  DA A "C4'" 1 
ATOM 46   O "O4'" . DA A 1 3 ? -8.600  -3.101  0.073   1.00 0.00 ? 3  DA A "O4'" 1 
ATOM 47   C "C3'" . DA A 1 3 ? -9.161  -2.257  -2.078  1.00 0.00 ? 3  DA A "C3'" 1 
ATOM 48   O "O3'" . DA A 1 3 ? -9.681  -0.948  -1.956  1.00 0.00 ? 3  DA A "O3'" 1 
ATOM 49   C "C2'" . DA A 1 3 ? -7.657  -2.330  -1.878  1.00 0.00 ? 3  DA A "C2'" 1 
ATOM 50   C "C1'" . DA A 1 3 ? -7.540  -2.265  -0.360  1.00 0.00 ? 3  DA A "C1'" 1 
ATOM 51   N N9    . DA A 1 3 ? -6.270  -2.858  0.103   1.00 0.00 ? 3  DA A N9    1 
ATOM 52   C C8    . DA A 1 3 ? -5.834  -4.117  -0.178  1.00 0.00 ? 3  DA A C8    1 
ATOM 53   N N7    . DA A 1 3 ? -4.720  -4.461  0.408   1.00 0.00 ? 3  DA A N7    1 
ATOM 54   C C5    . DA A 1 3 ? -4.408  -3.331  1.160   1.00 0.00 ? 3  DA A C5    1 
ATOM 55   C C6    . DA A 1 3 ? -3.365  -3.034  2.058   1.00 0.00 ? 3  DA A C6    1 
ATOM 56   N N6    . DA A 1 3 ? -2.421  -3.914  2.381   1.00 0.00 ? 3  DA A N6    1 
ATOM 57   N N1    . DA A 1 3 ? -3.326  -1.828  2.642   1.00 0.00 ? 3  DA A N1    1 
ATOM 58   C C2    . DA A 1 3 ? -4.283  -0.951  2.355   1.00 0.00 ? 3  DA A C2    1 
ATOM 59   N N3    . DA A 1 3 ? -5.324  -1.107  1.543   1.00 0.00 ? 3  DA A N3    1 
ATOM 60   C C4    . DA A 1 3 ? -5.337  -2.339  0.973   1.00 0.00 ? 3  DA A C4    1 
ATOM 61   P P     . DT A 1 4 ? -9.387  0.194   -3.043  1.00 0.00 ? 4  DT A P     1 
ATOM 62   O OP1   . DT A 1 4 ? -10.559 1.095   -3.088  1.00 0.00 ? 4  DT A OP1   1 
ATOM 63   O OP2   . DT A 1 4 ? -8.905  -0.455  -4.283  1.00 0.00 ? 4  DT A OP2   1 
ATOM 64   O "O5'" . DT A 1 4 ? -8.155  0.981   -2.372  1.00 0.00 ? 4  DT A "O5'" 1 
ATOM 65   C "C5'" . DT A 1 4 ? -8.351  1.794   -1.227  1.00 0.00 ? 4  DT A "C5'" 1 
ATOM 66   C "C4'" . DT A 1 4 ? -7.055  2.500   -0.811  1.00 0.00 ? 4  DT A "C4'" 1 
ATOM 67   O "O4'" . DT A 1 4 ? -6.122  1.550   -0.318  1.00 0.00 ? 4  DT A "O4'" 1 
ATOM 68   C "C3'" . DT A 1 4 ? -6.382  3.271   -1.956  1.00 0.00 ? 4  DT A "C3'" 1 
ATOM 69   O "O3'" . DT A 1 4 ? -5.825  4.504   -1.548  1.00 0.00 ? 4  DT A "O3'" 1 
ATOM 70   C "C2'" . DT A 1 4 ? -5.228  2.355   -2.249  1.00 0.00 ? 4  DT A "C2'" 1 
ATOM 71   C "C1'" . DT A 1 4 ? -4.863  1.905   -0.840  1.00 0.00 ? 4  DT A "C1'" 1 
ATOM 72   N N1    . DT A 1 4 ? -3.933  0.754   -0.812  1.00 0.00 ? 4  DT A N1    1 
ATOM 73   C C2    . DT A 1 4 ? -2.871  0.769   0.085   1.00 0.00 ? 4  DT A C2    1 
ATOM 74   O O2    . DT A 1 4 ? -2.631  1.704   0.843   1.00 0.00 ? 4  DT A O2    1 
ATOM 75   N N3    . DT A 1 4 ? -2.062  -0.346  0.090   1.00 0.00 ? 4  DT A N3    1 
ATOM 76   C C4    . DT A 1 4 ? -2.220  -1.470  -0.691  1.00 0.00 ? 4  DT A C4    1 
ATOM 77   O O4    . DT A 1 4 ? -1.462  -2.424  -0.549  1.00 0.00 ? 4  DT A O4    1 
ATOM 78   C C5    . DT A 1 4 ? -3.362  -1.423  -1.585  1.00 0.00 ? 4  DT A C5    1 
ATOM 79   C C7    . DT A 1 4 ? -3.657  -2.605  -2.488  1.00 0.00 ? 4  DT A C7    1 
ATOM 80   C C6    . DT A 1 4 ? -4.168  -0.333  -1.608  1.00 0.00 ? 4  DT A C6    1 
ATOM 81   P P     . DA A 1 5 ? -6.654  5.875   -1.549  1.00 0.00 ? 5  DA A P     1 
ATOM 82   O OP1   . DA A 1 5 ? -7.814  5.743   -0.637  1.00 0.00 ? 5  DA A OP1   1 
ATOM 83   O OP2   . DA A 1 5 ? -6.858  6.292   -2.952  1.00 0.00 ? 5  DA A OP2   1 
ATOM 84   O "O5'" . DA A 1 5 ? -5.564  6.851   -0.880  1.00 0.00 ? 5  DA A "O5'" 1 
ATOM 85   C "C5'" . DA A 1 5 ? -5.515  7.058   0.519   1.00 0.00 ? 5  DA A "C5'" 1 
ATOM 86   C "C4'" . DA A 1 5 ? -4.081  7.313   1.002   1.00 0.00 ? 5  DA A "C4'" 1 
ATOM 87   O "O4'" . DA A 1 5 ? -3.358  6.101   0.893   1.00 0.00 ? 5  DA A "O4'" 1 
ATOM 88   C "C3'" . DA A 1 5 ? -3.339  8.390   0.201   1.00 0.00 ? 5  DA A "C3'" 1 
ATOM 89   O "O3'" . DA A 1 5 ? -2.888  9.523   0.944   1.00 0.00 ? 5  DA A "O3'" 1 
ATOM 90   C "C2'" . DA A 1 5 ? -2.259  7.622   -0.528  1.00 0.00 ? 5  DA A "C2'" 1 
ATOM 91   C "C1'" . DA A 1 5 ? -2.106  6.332   0.283   1.00 0.00 ? 5  DA A "C1'" 1 
ATOM 92   N N9    . DA A 1 5 ? -1.856  5.163   -0.583  1.00 0.00 ? 5  DA A N9    1 
ATOM 93   C C8    . DA A 1 5 ? -2.612  4.767   -1.657  1.00 0.00 ? 5  DA A C8    1 
ATOM 94   N N7    . DA A 1 5 ? -2.222  3.654   -2.210  1.00 0.00 ? 5  DA A N7    1 
ATOM 95   C C5    . DA A 1 5 ? -1.175  3.252   -1.399  1.00 0.00 ? 5  DA A C5    1 
ATOM 96   C C6    . DA A 1 5 ? -0.371  2.107   -1.414  1.00 0.00 ? 5  DA A C6    1 
ATOM 97   N N6    . DA A 1 5 ? -0.536  1.176   -2.351  1.00 0.00 ? 5  DA A N6    1 
ATOM 98   N N1    . DA A 1 5 ? 0.559   1.944   -0.464  1.00 0.00 ? 5  DA A N1    1 
ATOM 99   C C2    . DA A 1 5 ? 0.699   2.905   0.448   1.00 0.00 ? 5  DA A C2    1 
ATOM 100  N N3    . DA A 1 5 ? 0.019   4.041   0.563   1.00 0.00 ? 5  DA A N3    1 
ATOM 101  C C4    . DA A 1 5 ? -0.939  4.150   -0.394  1.00 0.00 ? 5  DA A C4    1 
ATOM 102  P P     . DT A 1 6 ? -1.802  9.484   2.149   1.00 0.00 ? 6  DT A P     1 
ATOM 103  O OP1   . DT A 1 6 ? -2.144  8.386   3.080   1.00 0.00 ? 6  DT A OP1   1 
ATOM 104  O OP2   . DT A 1 6 ? -1.674  10.857  2.683   1.00 0.00 ? 6  DT A OP2   1 
ATOM 105  O "O5'" . DT A 1 6 ? -0.416  9.110   1.420   1.00 0.00 ? 6  DT A "O5'" 1 
ATOM 106  C "C5'" . DT A 1 6 ? 0.716   8.745   2.179   1.00 0.00 ? 6  DT A "C5'" 1 
ATOM 107  C "C4'" . DT A 1 6 ? 1.880   8.297   1.293   1.00 0.00 ? 6  DT A "C4'" 1 
ATOM 108  O "O4'" . DT A 1 6 ? 1.551   7.181   0.496   1.00 0.00 ? 6  DT A "O4'" 1 
ATOM 109  C "C3'" . DT A 1 6 ? 2.438   9.376   0.356   1.00 0.00 ? 6  DT A "C3'" 1 
ATOM 110  O "O3'" . DT A 1 6 ? 3.824   9.566   0.516   1.00 0.00 ? 6  DT A "O3'" 1 
ATOM 111  C "C2'" . DT A 1 6 ? 2.351   8.719   -1.007  1.00 0.00 ? 6  DT A "C2'" 1 
ATOM 112  C "C1'" . DT A 1 6 ? 2.410   7.235   -0.618  1.00 0.00 ? 6  DT A "C1'" 1 
ATOM 113  N N1    . DT A 1 6 ? 1.919   6.263   -1.619  1.00 0.00 ? 6  DT A N1    1 
ATOM 114  C C2    . DT A 1 6 ? 2.518   5.006   -1.688  1.00 0.00 ? 6  DT A C2    1 
ATOM 115  O O2    . DT A 1 6 ? 3.492   4.679   -1.019  1.00 0.00 ? 6  DT A O2    1 
ATOM 116  N N3    . DT A 1 6 ? 1.977   4.119   -2.595  1.00 0.00 ? 6  DT A N3    1 
ATOM 117  C C4    . DT A 1 6 ? 0.921   4.379   -3.448  1.00 0.00 ? 6  DT A C4    1 
ATOM 118  O O4    . DT A 1 6 ? 0.547   3.513   -4.232  1.00 0.00 ? 6  DT A O4    1 
ATOM 119  C C5    . DT A 1 6 ? 0.309   5.682   -3.269  1.00 0.00 ? 6  DT A C5    1 
ATOM 120  C C7    . DT A 1 6 ? -0.868  6.093   -4.133  1.00 0.00 ? 6  DT A C7    1 
ATOM 121  C C6    . DT A 1 6 ? 0.808   6.551   -2.356  1.00 0.00 ? 6  DT A C6    1 
ATOM 122  P P     . DA A 1 7 ? 4.459   10.425  1.693   1.00 0.00 ? 7  DA A P     1 
ATOM 123  O OP1   . DA A 1 7 ? 4.311   9.699   2.974   1.00 0.00 ? 7  DA A OP1   1 
ATOM 124  O OP2   . DA A 1 7 ? 3.998   11.825  1.570   1.00 0.00 ? 7  DA A OP2   1 
ATOM 125  O "O5'" . DA A 1 7 ? 5.993   10.353  1.221   1.00 0.00 ? 7  DA A "O5'" 1 
ATOM 126  C "C5'" . DA A 1 7 ? 6.702   9.128   1.160   1.00 0.00 ? 7  DA A "C5'" 1 
ATOM 127  C "C4'" . DA A 1 7 ? 7.060   8.644   -0.262  1.00 0.00 ? 7  DA A "C4'" 1 
ATOM 128  O "O4'" . DA A 1 7 ? 6.107   7.778   -0.876  1.00 0.00 ? 7  DA A "O4'" 1 
ATOM 129  C "C3'" . DA A 1 7 ? 7.273   9.744   -1.313  1.00 0.00 ? 7  DA A "C3'" 1 
ATOM 130  O "O3'" . DA A 1 7 ? 8.526   10.425  -1.352  1.00 0.00 ? 7  DA A "O3'" 1 
ATOM 131  C "C2'" . DA A 1 7 ? 6.907   9.076   -2.633  1.00 0.00 ? 7  DA A "C2'" 1 
ATOM 132  C "C1'" . DA A 1 7 ? 6.486   7.653   -2.243  1.00 0.00 ? 7  DA A "C1'" 1 
ATOM 133  N N9    . DA A 1 7 ? 5.433   7.060   -3.108  1.00 0.00 ? 7  DA A N9    1 
ATOM 134  C C8    . DA A 1 7 ? 4.433   7.716   -3.774  1.00 0.00 ? 7  DA A C8    1 
ATOM 135  N N7    . DA A 1 7 ? 3.693   6.966   -4.541  1.00 0.00 ? 7  DA A N7    1 
ATOM 136  C C5    . DA A 1 7 ? 4.252   5.707   -4.377  1.00 0.00 ? 7  DA A C5    1 
ATOM 137  C C6    . DA A 1 7 ? 3.950   4.459   -4.949  1.00 0.00 ? 7  DA A C6    1 
ATOM 138  N N6    . DA A 1 7 ? 2.974   4.322   -5.843  1.00 0.00 ? 7  DA A N6    1 
ATOM 139  N N1    . DA A 1 7 ? 4.655   3.379   -4.581  1.00 0.00 ? 7  DA A N1    1 
ATOM 140  C C2    . DA A 1 7 ? 5.637   3.540   -3.700  1.00 0.00 ? 7  DA A C2    1 
ATOM 141  N N3    . DA A 1 7 ? 6.061   4.667   -3.128  1.00 0.00 ? 7  DA A N3    1 
ATOM 142  C C4    . DA A 1 7 ? 5.306   5.738   -3.500  1.00 0.00 ? 7  DA A C4    1 
ATOM 143  P P     . DC A 1 8 ? 9.967   9.754   -1.023  1.00 0.00 ? 8  DC A P     1 
ATOM 144  O OP1   . DC A 1 8 ? 9.964   9.281   0.378   1.00 0.00 ? 8  DC A OP1   1 
ATOM 145  O OP2   . DC A 1 8 ? 11.011  10.706  -1.461  1.00 0.00 ? 8  DC A OP2   1 
ATOM 146  O "O5'" . DC A 1 8 ? 10.045  8.464   -1.984  1.00 0.00 ? 8  DC A "O5'" 1 
ATOM 147  C "C5'" . DC A 1 8 ? 10.604  8.561   -3.278  1.00 0.00 ? 8  DC A "C5'" 1 
ATOM 148  C "C4'" . DC A 1 8 ? 10.432  7.234   -4.020  1.00 0.00 ? 8  DC A "C4'" 1 
ATOM 149  O "O4'" . DC A 1 8 ? 9.065   6.945   -4.209  1.00 0.00 ? 8  DC A "O4'" 1 
ATOM 150  C "C3'" . DC A 1 8 ? 10.999  7.296   -5.437  1.00 0.00 ? 8  DC A "C3'" 1 
ATOM 151  O "O3'" . DC A 1 8 ? 12.369  6.960   -5.476  1.00 0.00 ? 8  DC A "O3'" 1 
ATOM 152  C "C2'" . DC A 1 8 ? 10.153  6.270   -6.189  1.00 0.00 ? 8  DC A "C2'" 1 
ATOM 153  C "C1'" . DC A 1 8 ? 8.948   6.023   -5.276  1.00 0.00 ? 8  DC A "C1'" 1 
ATOM 154  N N1    . DC A 1 8 ? 7.667   6.244   -5.993  1.00 0.00 ? 8  DC A N1    1 
ATOM 155  C C2    . DC A 1 8 ? 7.043   5.161   -6.600  1.00 0.00 ? 8  DC A C2    1 
ATOM 156  O O2    . DC A 1 8 ? 7.544   4.039   -6.580  1.00 0.00 ? 8  DC A O2    1 
ATOM 157  N N3    . DC A 1 8 ? 5.861   5.358   -7.246  1.00 0.00 ? 8  DC A N3    1 
ATOM 158  C C4    . DC A 1 8 ? 5.317   6.575   -7.320  1.00 0.00 ? 8  DC A C4    1 
ATOM 159  N N4    . DC A 1 8 ? 4.152   6.700   -7.945  1.00 0.00 ? 8  DC A N4    1 
ATOM 160  C C5    . DC A 1 8 ? 5.966   7.719   -6.757  1.00 0.00 ? 8  DC A C5    1 
ATOM 161  C C6    . DC A 1 8 ? 7.130   7.500   -6.106  1.00 0.00 ? 8  DC A C6    1 
ATOM 162  O "O5'" . DG B 1 1 ? 3.122   -2.343  -16.571 1.00 0.00 ? 9  DG B "O5'" 1 
ATOM 163  C "C5'" . DG B 1 1 ? 3.063   -1.194  -15.752 1.00 0.00 ? 9  DG B "C5'" 1 
ATOM 164  C "C4'" . DG B 1 1 ? 4.318   -1.088  -14.869 1.00 0.00 ? 9  DG B "C4'" 1 
ATOM 165  O "O4'" . DG B 1 1 ? 4.336   0.163   -14.192 1.00 0.00 ? 9  DG B "O4'" 1 
ATOM 166  C "C3'" . DG B 1 1 ? 4.414   -2.186  -13.815 1.00 0.00 ? 9  DG B "C3'" 1 
ATOM 167  O "O3'" . DG B 1 1 ? 5.601   -2.974  -13.842 1.00 0.00 ? 9  DG B "O3'" 1 
ATOM 168  C "C2'" . DG B 1 1 ? 4.208   -1.434  -12.509 1.00 0.00 ? 9  DG B "C2'" 1 
ATOM 169  C "C1'" . DG B 1 1 ? 4.711   -0.032  -12.837 1.00 0.00 ? 9  DG B "C1'" 1 
ATOM 170  N N9    . DG B 1 1 ? 4.017   0.958   -12.005 1.00 0.00 ? 9  DG B N9    1 
ATOM 171  C C8    . DG B 1 1 ? 2.698   1.278   -12.051 1.00 0.00 ? 9  DG B C8    1 
ATOM 172  N N7    . DG B 1 1 ? 2.338   2.219   -11.220 1.00 0.00 ? 9  DG B N7    1 
ATOM 173  C C5    . DG B 1 1 ? 3.522   2.521   -10.545 1.00 0.00 ? 9  DG B C5    1 
ATOM 174  C C6    . DG B 1 1 ? 3.788   3.437   -9.482  1.00 0.00 ? 9  DG B C6    1 
ATOM 175  O O6    . DG B 1 1 ? 3.034   4.263   -8.975  1.00 0.00 ? 9  DG B O6    1 
ATOM 176  N N1    . DG B 1 1 ? 5.081   3.324   -8.995  1.00 0.00 ? 9  DG B N1    1 
ATOM 177  C C2    . DG B 1 1 ? 6.032   2.471   -9.497  1.00 0.00 ? 9  DG B C2    1 
ATOM 178  N N2    . DG B 1 1 ? 7.187   2.345   -8.853  1.00 0.00 ? 9  DG B N2    1 
ATOM 179  N N3    . DG B 1 1 ? 5.810   1.655   -10.525 1.00 0.00 ? 9  DG B N3    1 
ATOM 180  C C4    . DG B 1 1 ? 4.543   1.722   -10.999 1.00 0.00 ? 9  DG B C4    1 
ATOM 181  P P     . DT B 1 2 ? 7.108   -2.422  -13.584 1.00 0.00 ? 10 DT B P     1 
ATOM 182  O OP1   . DT B 1 2 ? 7.297   -1.159  -14.329 1.00 0.00 ? 10 DT B OP1   1 
ATOM 183  O OP2   . DT B 1 2 ? 8.040   -3.544  -13.827 1.00 0.00 ? 10 DT B OP2   1 
ATOM 184  O "O5'" . DT B 1 2 ? 7.168   -2.082  -12.008 1.00 0.00 ? 10 DT B "O5'" 1 
ATOM 185  C "C5'" . DT B 1 2 ? 8.355   -1.564  -11.434 1.00 0.00 ? 10 DT B "C5'" 1 
ATOM 186  C "C4'" . DT B 1 2 ? 8.343   -1.545  -9.897  1.00 0.00 ? 10 DT B "C4'" 1 
ATOM 187  O "O4'" . DT B 1 2 ? 7.421   -0.609  -9.365  1.00 0.00 ? 10 DT B "O4'" 1 
ATOM 188  C "C3'" . DT B 1 2 ? 7.995   -2.904  -9.272  1.00 0.00 ? 10 DT B "C3'" 1 
ATOM 189  O "O3'" . DT B 1 2 ? 9.037   -3.711  -8.718  1.00 0.00 ? 10 DT B "O3'" 1 
ATOM 190  C "C2'" . DT B 1 2 ? 6.848   -2.602  -8.310  1.00 0.00 ? 10 DT B "C2'" 1 
ATOM 191  C "C1'" . DT B 1 2 ? 6.982   -1.090  -8.107  1.00 0.00 ? 10 DT B "C1'" 1 
ATOM 192  N N1    . DT B 1 2 ? 5.724   -0.399  -7.727  1.00 0.00 ? 10 DT B N1    1 
ATOM 193  C C2    . DT B 1 2 ? 5.754   0.586   -6.737  1.00 0.00 ? 10 DT B C2    1 
ATOM 194  O O2    . DT B 1 2 ? 6.743   0.837   -6.054  1.00 0.00 ? 10 DT B O2    1 
ATOM 195  N N3    . DT B 1 2 ? 4.588   1.301   -6.545  1.00 0.00 ? 10 DT B N3    1 
ATOM 196  C C4    . DT B 1 2 ? 3.388   1.058   -7.177  1.00 0.00 ? 10 DT B C4    1 
ATOM 197  O O4    . DT B 1 2 ? 2.393   1.709   -6.876  1.00 0.00 ? 10 DT B O4    1 
ATOM 198  C C5    . DT B 1 2 ? 3.430   0.025   -8.192  1.00 0.00 ? 10 DT B C5    1 
ATOM 199  C C7    . DT B 1 2 ? 2.165   -0.339  -8.946  1.00 0.00 ? 10 DT B C7    1 
ATOM 200  C C6    . DT B 1 2 ? 4.579   -0.645  -8.435  1.00 0.00 ? 10 DT B C6    1 
ATOM 201  P P     . DA B 1 3 ? 10.225  -3.234  -7.714  1.00 0.00 ? 11 DA B P     1 
ATOM 202  O OP1   . DA B 1 3 ? 10.978  -2.121  -8.330  1.00 0.00 ? 11 DA B OP1   1 
ATOM 203  O OP2   . DA B 1 3 ? 10.966  -4.455  -7.333  1.00 0.00 ? 11 DA B OP2   1 
ATOM 204  O "O5'" . DA B 1 3 ? 9.515   -2.668  -6.376  1.00 0.00 ? 11 DA B "O5'" 1 
ATOM 205  C "C5'" . DA B 1 3 ? 9.021   -3.550  -5.384  1.00 0.00 ? 11 DA B "C5'" 1 
ATOM 206  C "C4'" . DA B 1 3 ? 8.860   -2.871  -4.017  1.00 0.00 ? 11 DA B "C4'" 1 
ATOM 207  O "O4'" . DA B 1 3 ? 7.918   -1.807  -4.040  1.00 0.00 ? 11 DA B "O4'" 1 
ATOM 208  C "C3'" . DA B 1 3 ? 8.356   -3.910  -3.017  1.00 0.00 ? 11 DA B "C3'" 1 
ATOM 209  O "O3'" . DA B 1 3 ? 9.063   -3.759  -1.803  1.00 0.00 ? 11 DA B "O3'" 1 
ATOM 210  C "C2'" . DA B 1 3 ? 6.887   -3.535  -2.904  1.00 0.00 ? 11 DA B "C2'" 1 
ATOM 211  C "C1'" . DA B 1 3 ? 6.946   -2.016  -3.027  1.00 0.00 ? 11 DA B "C1'" 1 
ATOM 212  N N9    . DA B 1 3 ? 5.661   -1.467  -3.504  1.00 0.00 ? 11 DA B N9    1 
ATOM 213  C C8    . DA B 1 3 ? 4.980   -1.872  -4.616  1.00 0.00 ? 11 DA B C8    1 
ATOM 214  N N7    . DA B 1 3 ? 3.889   -1.205  -4.865  1.00 0.00 ? 11 DA B N7    1 
ATOM 215  C C5    . DA B 1 3 ? 3.862   -0.262  -3.839  1.00 0.00 ? 11 DA B C5    1 
ATOM 216  C C6    . DA B 1 3 ? 2.970   0.776   -3.518  1.00 0.00 ? 11 DA B C6    1 
ATOM 217  N N6    . DA B 1 3 ? 1.885   1.034   -4.242  1.00 0.00 ? 11 DA B N6    1 
ATOM 218  N N1    . DA B 1 3 ? 3.210   1.539   -2.442  1.00 0.00 ? 11 DA B N1    1 
ATOM 219  C C2    . DA B 1 3 ? 4.290   1.282   -1.712  1.00 0.00 ? 11 DA B C2    1 
ATOM 220  N N3    . DA B 1 3 ? 5.209   0.341   -1.902  1.00 0.00 ? 11 DA B N3    1 
ATOM 221  C C4    . DA B 1 3 ? 4.938   -0.408  -3.003  1.00 0.00 ? 11 DA B C4    1 
ATOM 222  P P     . DT B 1 4 ? 8.830   -4.750  -0.559  1.00 0.00 ? 12 DT B P     1 
ATOM 223  O OP1   . DT B 1 4 ? 10.103  -4.855  0.186   1.00 0.00 ? 12 DT B OP1   1 
ATOM 224  O OP2   . DT B 1 4 ? 8.161   -5.973  -1.054  1.00 0.00 ? 12 DT B OP2   1 
ATOM 225  O "O5'" . DT B 1 4 ? 7.780   -3.915  0.330   1.00 0.00 ? 12 DT B "O5'" 1 
ATOM 226  C "C5'" . DT B 1 4 ? 8.195   -2.754  1.026   1.00 0.00 ? 12 DT B "C5'" 1 
ATOM 227  C "C4'" . DT B 1 4 ? 7.039   -2.109  1.796   1.00 0.00 ? 12 DT B "C4'" 1 
ATOM 228  O "O4'" . DT B 1 4 ? 6.101   -1.547  0.890   1.00 0.00 ? 12 DT B "O4'" 1 
ATOM 229  C "C3'" . DT B 1 4 ? 6.290   -3.063  2.736   1.00 0.00 ? 12 DT B "C3'" 1 
ATOM 230  O "O3'" . DT B 1 4 ? 6.058   -2.514  4.016   1.00 0.00 ? 12 DT B "O3'" 1 
ATOM 231  C "C2'" . DT B 1 4 ? 4.958   -3.135  2.043   1.00 0.00 ? 12 DT B "C2'" 1 
ATOM 232  C "C1'" . DT B 1 4 ? 4.829   -1.732  1.465   1.00 0.00 ? 12 DT B "C1'" 1 
ATOM 233  N N1    . DT B 1 4 ? 3.761   -1.632  0.446   1.00 0.00 ? 12 DT B N1    1 
ATOM 234  C C2    . DT B 1 4 ? 2.857   -0.579  0.519   1.00 0.00 ? 12 DT B C2    1 
ATOM 235  O O2    . DT B 1 4 ? 2.911   0.306   1.367   1.00 0.00 ? 12 DT B O2    1 
ATOM 236  N N3    . DT B 1 4 ? 1.862   -0.564  -0.434  1.00 0.00 ? 12 DT B N3    1 
ATOM 237  C C4    . DT B 1 4 ? 1.696   -1.482  -1.449  1.00 0.00 ? 12 DT B C4    1 
ATOM 238  O O4    . DT B 1 4 ? 0.780   -1.343  -2.256  1.00 0.00 ? 12 DT B O4    1 
ATOM 239  C C5    . DT B 1 4 ? 2.709   -2.520  -1.493  1.00 0.00 ? 12 DT B C5    1 
ATOM 240  C C7    . DT B 1 4 ? 2.668   -3.570  -2.588  1.00 0.00 ? 12 DT B C7    1 
ATOM 241  C C6    . DT B 1 4 ? 3.694   -2.554  -0.563  1.00 0.00 ? 12 DT B C6    1 
ATOM 242  P P     . DA B 1 5 ? 7.125   -2.641  5.205   1.00 0.00 ? 13 DA B P     1 
ATOM 243  O OP1   . DA B 1 5 ? 8.429   -2.125  4.730   1.00 0.00 ? 13 DA B OP1   1 
ATOM 244  O OP2   . DA B 1 5 ? 7.031   -4.004  5.767   1.00 0.00 ? 13 DA B OP2   1 
ATOM 245  O "O5'" . DA B 1 5 ? 6.510   -1.607  6.273   1.00 0.00 ? 13 DA B "O5'" 1 
ATOM 246  C "C5'" . DA B 1 5 ? 6.838   -0.231  6.235   1.00 0.00 ? 13 DA B "C5'" 1 
ATOM 247  C "C4'" . DA B 1 5 ? 5.609   0.652   6.461   1.00 0.00 ? 13 DA B "C4'" 1 
ATOM 248  O "O4'" . DA B 1 5 ? 4.696   0.477   5.391   1.00 0.00 ? 13 DA B "O4'" 1 
ATOM 249  C "C3'" . DA B 1 5 ? 4.873   0.351   7.770   1.00 0.00 ? 13 DA B "C3'" 1 
ATOM 250  O "O3'" . DA B 1 5 ? 4.894   1.386   8.754   1.00 0.00 ? 13 DA B "O3'" 1 
ATOM 251  C "C2'" . DA B 1 5 ? 3.501   -0.105  7.317   1.00 0.00 ? 13 DA B "C2'" 1 
ATOM 252  C "C1'" . DA B 1 5 ? 3.370   0.417   5.883   1.00 0.00 ? 13 DA B "C1'" 1 
ATOM 253  N N9    . DA B 1 5 ? 2.655   -0.542  5.018   1.00 0.00 ? 13 DA B N9    1 
ATOM 254  C C8    . DA B 1 5 ? 3.016   -1.844  4.793   1.00 0.00 ? 13 DA B C8    1 
ATOM 255  N N7    . DA B 1 5 ? 2.293   -2.462  3.903   1.00 0.00 ? 13 DA B N7    1 
ATOM 256  C C5    . DA B 1 5 ? 1.419   -1.479  3.475   1.00 0.00 ? 13 DA B C5    1 
ATOM 257  C C6    . DA B 1 5 ? 0.426   -1.481  2.489   1.00 0.00 ? 13 DA B C6    1 
ATOM 258  N N6    . DA B 1 5 ? 0.208   -2.561  1.746   1.00 0.00 ? 13 DA B N6    1 
ATOM 259  N N1    . DA B 1 5 ? -0.301  -0.375  2.289   1.00 0.00 ? 13 DA B N1    1 
ATOM 260  C C2    . DA B 1 5 ? -0.048  0.691   3.045   1.00 0.00 ? 13 DA B C2    1 
ATOM 261  N N3    . DA B 1 5 ? 0.871   0.830   3.996   1.00 0.00 ? 13 DA B N3    1 
ATOM 262  C C4    . DA B 1 5 ? 1.605   -0.305  4.155   1.00 0.00 ? 13 DA B C4    1 
ATOM 263  P P     . DT B 1 6 ? 4.278   2.876   8.563   1.00 0.00 ? 14 DT B P     1 
ATOM 264  O OP1   . DT B 1 6 ? 4.797   3.481   7.320   1.00 0.00 ? 14 DT B OP1   1 
ATOM 265  O OP2   . DT B 1 6 ? 4.447   3.603   9.839   1.00 0.00 ? 14 DT B OP2   1 
ATOM 266  O "O5'" . DT B 1 6 ? 2.711   2.605   8.373   1.00 0.00 ? 14 DT B "O5'" 1 
ATOM 267  C "C5'" . DT B 1 6 ? 1.902   3.554   7.723   1.00 0.00 ? 14 DT B "C5'" 1 
ATOM 268  C "C4'" . DT B 1 6 ? 0.452   3.081   7.636   1.00 0.00 ? 14 DT B "C4'" 1 
ATOM 269  O "O4'" . DT B 1 6 ? 0.278   1.913   6.867   1.00 0.00 ? 14 DT B "O4'" 1 
ATOM 270  C "C3'" . DT B 1 6 ? -0.230  2.847   8.987   1.00 0.00 ? 14 DT B "C3'" 1 
ATOM 271  O "O3'" . DT B 1 6 ? -1.054  3.978   9.226   1.00 0.00 ? 14 DT B "O3'" 1 
ATOM 272  C "C2'" . DT B 1 6 ? -0.967  1.521   8.747   1.00 0.00 ? 14 DT B "C2'" 1 
ATOM 273  C "C1'" . DT B 1 6 ? -0.983  1.385   7.220   1.00 0.00 ? 14 DT B "C1'" 1 
ATOM 274  N N1    . DT B 1 6 ? -1.058  0.004   6.682   1.00 0.00 ? 14 DT B N1    1 
ATOM 275  C C2    . DT B 1 6 ? -1.922  -0.263  5.620   1.00 0.00 ? 14 DT B C2    1 
ATOM 276  O O2    . DT B 1 6 ? -2.782  0.517   5.227   1.00 0.00 ? 14 DT B O2    1 
ATOM 277  N N3    . DT B 1 6 ? -1.780  -1.491  5.005   1.00 0.00 ? 14 DT B N3    1 
ATOM 278  C C4    . DT B 1 6 ? -0.911  -2.489  5.385   1.00 0.00 ? 14 DT B C4    1 
ATOM 279  O O4    . DT B 1 6 ? -0.878  -3.538  4.749   1.00 0.00 ? 14 DT B O4    1 
ATOM 280  C C5    . DT B 1 6 ? -0.051  -2.148  6.504   1.00 0.00 ? 14 DT B C5    1 
ATOM 281  C C7    . DT B 1 6 ? 0.926   -3.181  7.034   1.00 0.00 ? 14 DT B C7    1 
ATOM 282  C C6    . DT B 1 6 ? -0.139  -0.924  7.083   1.00 0.00 ? 14 DT B C6    1 
ATOM 283  P P     . DA B 1 7 ? -2.037  4.106   10.490  1.00 0.00 ? 15 DA B P     1 
ATOM 284  O OP1   . DA B 1 7 ? -2.379  5.535   10.668  1.00 0.00 ? 15 DA B OP1   1 
ATOM 285  O OP2   . DA B 1 7 ? -1.477  3.338   11.623  1.00 0.00 ? 15 DA B OP2   1 
ATOM 286  O "O5'" . DA B 1 7 ? -3.340  3.344   9.937   1.00 0.00 ? 15 DA B "O5'" 1 
ATOM 287  C "C5'" . DA B 1 7 ? -4.078  3.876   8.853   1.00 0.00 ? 15 DA B "C5'" 1 
ATOM 288  C "C4'" . DA B 1 7 ? -5.180  2.917   8.391   1.00 0.00 ? 15 DA B "C4'" 1 
ATOM 289  O "O4'" . DA B 1 7 ? -4.686  1.797   7.678   1.00 0.00 ? 15 DA B "O4'" 1 
ATOM 290  C "C3'" . DA B 1 7 ? -6.067  2.402   9.523   1.00 0.00 ? 15 DA B "C3'" 1 
ATOM 291  O "O3'" . DA B 1 7 ? -7.310  3.084   9.409   1.00 0.00 ? 15 DA B "O3'" 1 
ATOM 292  C "C2'" . DA B 1 7 ? -6.104  0.910   9.241   1.00 0.00 ? 15 DA B "C2'" 1 
ATOM 293  C "C1'" . DA B 1 7 ? -5.644  0.763   7.801   1.00 0.00 ? 15 DA B "C1'" 1 
ATOM 294  N N9    . DA B 1 7 ? -4.992  -0.530  7.544   1.00 0.00 ? 15 DA B N9    1 
ATOM 295  C C8    . DA B 1 7 ? -3.987  -1.067  8.285   1.00 0.00 ? 15 DA B C8    1 
ATOM 296  N N7    . DA B 1 7 ? -3.519  -2.199  7.833   1.00 0.00 ? 15 DA B N7    1 
ATOM 297  C C5    . DA B 1 7 ? -4.275  -2.410  6.680   1.00 0.00 ? 15 DA B C5    1 
ATOM 298  C C6    . DA B 1 7 ? -4.279  -3.426  5.705   1.00 0.00 ? 15 DA B C6    1 
ATOM 299  N N6    . DA B 1 7 ? -3.468  -4.478  5.776   1.00 0.00 ? 15 DA B N6    1 
ATOM 300  N N1    . DA B 1 7 ? -5.116  -3.335  4.659   1.00 0.00 ? 15 DA B N1    1 
ATOM 301  C C2    . DA B 1 7 ? -5.924  -2.280  4.590   1.00 0.00 ? 15 DA B C2    1 
ATOM 302  N N3    . DA B 1 7 ? -6.041  -1.270  5.446   1.00 0.00 ? 15 DA B N3    1 
ATOM 303  C C4    . DA B 1 7 ? -5.169  -1.389  6.481   1.00 0.00 ? 15 DA B C4    1 
ATOM 304  P P     . DC B 1 8 ? -8.590  2.806   10.347  1.00 0.00 ? 16 DC B P     1 
ATOM 305  O OP1   . DC B 1 8 ? -9.403  4.041   10.381  1.00 0.00 ? 16 DC B OP1   1 
ATOM 306  O OP2   . DC B 1 8 ? -8.130  2.190   11.610  1.00 0.00 ? 16 DC B OP2   1 
ATOM 307  O "O5'" . DC B 1 8 ? -9.388  1.704   9.487   1.00 0.00 ? 16 DC B "O5'" 1 
ATOM 308  C "C5'" . DC B 1 8 ? -9.795  0.479   10.058  1.00 0.00 ? 16 DC B "C5'" 1 
ATOM 309  C "C4'" . DC B 1 8 ? -10.198 -0.485  8.939   1.00 0.00 ? 16 DC B "C4'" 1 
ATOM 310  O "O4'" . DC B 1 8 ? -9.147  -0.723  8.028   1.00 0.00 ? 16 DC B "O4'" 1 
ATOM 311  C "C3'" . DC B 1 8 ? -10.634 -1.855  9.453   1.00 0.00 ? 16 DC B "C3'" 1 
ATOM 312  O "O3'" . DC B 1 8 ? -9.849  -2.388  10.496  1.00 0.00 ? 16 DC B "O3'" 1 
ATOM 313  C "C2'" . DC B 1 8 ? -10.510 -2.673  8.181   1.00 0.00 ? 16 DC B "C2'" 1 
ATOM 314  C "C1'" . DC B 1 8 ? -9.300  -2.029  7.497   1.00 0.00 ? 16 DC B "C1'" 1 
ATOM 315  N N1    . DC B 1 8 ? -8.078  -2.813  7.801   1.00 0.00 ? 16 DC B N1    1 
ATOM 316  C C2    . DC B 1 8 ? -7.725  -3.866  6.971   1.00 0.00 ? 16 DC B C2    1 
ATOM 317  O O2    . DC B 1 8 ? -8.369  -4.117  5.956   1.00 0.00 ? 16 DC B O2    1 
ATOM 318  N N3    . DC B 1 8 ? -6.661  -4.645  7.310   1.00 0.00 ? 16 DC B N3    1 
ATOM 319  C C4    . DC B 1 8 ? -5.979  -4.413  8.437   1.00 0.00 ? 16 DC B C4    1 
ATOM 320  N N4    . DC B 1 8 ? -4.929  -5.180  8.703   1.00 0.00 ? 16 DC B N4    1 
ATOM 321  C C5    . DC B 1 8 ? -6.340  -3.354  9.326   1.00 0.00 ? 16 DC B C5    1 
ATOM 322  C C6    . DC B 1 8 ? -7.391  -2.586  8.960   1.00 0.00 ? 16 DC B C6    1 
ATOM 323  O "O5'" . DG A 1 1 ? -11.932 -10.352 1.013   1.00 0.00 ? 1  DG A "O5'" 2 
ATOM 324  C "C5'" . DG A 1 1 ? -12.435 -9.057  0.754   1.00 0.00 ? 1  DG A "C5'" 2 
ATOM 325  C "C4'" . DG A 1 1 ? -12.622 -8.273  2.073   1.00 0.00 ? 1  DG A "C4'" 2 
ATOM 326  O "O4'" . DG A 1 1 ? -11.586 -8.588  2.990   1.00 0.00 ? 1  DG A "O4'" 2 
ATOM 327  C "C3'" . DG A 1 1 ? -12.615 -6.745  1.932   1.00 0.00 ? 1  DG A "C3'" 2 
ATOM 328  O "O3'" . DG A 1 1 ? -13.326 -6.160  3.018   1.00 0.00 ? 1  DG A "O3'" 2 
ATOM 329  C "C2'" . DG A 1 1 ? -11.131 -6.501  2.073   1.00 0.00 ? 1  DG A "C2'" 2 
ATOM 330  C "C1'" . DG A 1 1 ? -10.830 -7.420  3.248   1.00 0.00 ? 1  DG A "C1'" 2 
ATOM 331  N N9    . DG A 1 1 ? -9.410  -7.763  3.251   1.00 0.00 ? 1  DG A N9    2 
ATOM 332  C C8    . DG A 1 1 ? -8.765  -8.485  2.304   1.00 0.00 ? 1  DG A C8    2 
ATOM 333  N N7    . DG A 1 1 ? -7.487  -8.639  2.525   1.00 0.00 ? 1  DG A N7    2 
ATOM 334  C C5    . DG A 1 1 ? -7.277  -7.935  3.715   1.00 0.00 ? 1  DG A C5    2 
ATOM 335  C C6    . DG A 1 1 ? -6.085  -7.675  4.460   1.00 0.00 ? 1  DG A C6    2 
ATOM 336  O O6    . DG A 1 1 ? -4.943  -8.065  4.228   1.00 0.00 ? 1  DG A O6    2 
ATOM 337  N N1    . DG A 1 1 ? -6.304  -6.855  5.560   1.00 0.00 ? 1  DG A N1    2 
ATOM 338  C C2    . DG A 1 1 ? -7.527  -6.320  5.896   1.00 0.00 ? 1  DG A C2    2 
ATOM 339  N N2    . DG A 1 1 ? -7.593  -5.417  6.867   1.00 0.00 ? 1  DG A N2    2 
ATOM 340  N N3    . DG A 1 1 ? -8.644  -6.557  5.210   1.00 0.00 ? 1  DG A N3    2 
ATOM 341  C C4    . DG A 1 1 ? -8.454  -7.373  4.146   1.00 0.00 ? 1  DG A C4    2 
ATOM 342  P P     . DT A 1 2 ? -13.620 -4.569  3.116   1.00 0.00 ? 2  DT A P     2 
ATOM 343  O OP1   . DT A 1 2 ? -15.087 -4.392  3.179   1.00 0.00 ? 2  DT A OP1   2 
ATOM 344  O OP2   . DT A 1 2 ? -12.857 -3.895  2.042   1.00 0.00 ? 2  DT A OP2   2 
ATOM 345  O "O5'" . DT A 1 2 ? -13.000 -4.081  4.535   1.00 0.00 ? 2  DT A "O5'" 2 
ATOM 346  C "C5'" . DT A 1 2 ? -11.653 -4.340  4.894   1.00 0.00 ? 2  DT A "C5'" 2 
ATOM 347  C "C4'" . DT A 1 2 ? -10.952 -3.203  5.646   1.00 0.00 ? 2  DT A "C4'" 2 
ATOM 348  O "O4'" . DT A 1 2 ? -9.592  -3.586  5.779   1.00 0.00 ? 2  DT A "O4'" 2 
ATOM 349  C "C3'" . DT A 1 2 ? -10.984 -1.873  4.882   1.00 0.00 ? 2  DT A "C3'" 2 
ATOM 350  O "O3'" . DT A 1 2 ? -11.007 -0.817  5.830   1.00 0.00 ? 2  DT A "O3'" 2 
ATOM 351  C "C2'" . DT A 1 2 ? -9.696  -1.931  4.085   1.00 0.00 ? 2  DT A "C2'" 2 
ATOM 352  C "C1'" . DT A 1 2 ? -8.789  -2.662  5.071   1.00 0.00 ? 2  DT A "C1'" 2 
ATOM 353  N N1    . DT A 1 2 ? -7.655  -3.350  4.408   1.00 0.00 ? 2  DT A N1    2 
ATOM 354  C C2    . DT A 1 2 ? -6.388  -3.280  4.985   1.00 0.00 ? 2  DT A C2    2 
ATOM 355  O O2    . DT A 1 2 ? -6.139  -2.652  6.009   1.00 0.00 ? 2  DT A O2    2 
ATOM 356  N N3    . DT A 1 2 ? -5.385  -3.971  4.339   1.00 0.00 ? 2  DT A N3    2 
ATOM 357  C C4    . DT A 1 2 ? -5.507  -4.617  3.127   1.00 0.00 ? 2  DT A C4    2 
ATOM 358  O O4    . DT A 1 2 ? -4.511  -5.071  2.573   1.00 0.00 ? 2  DT A O4    2 
ATOM 359  C C5    . DT A 1 2 ? -6.861  -4.702  2.618   1.00 0.00 ? 2  DT A C5    2 
ATOM 360  C C7    . DT A 1 2 ? -7.130  -5.442  1.322   1.00 0.00 ? 2  DT A C7    2 
ATOM 361  C C6    . DT A 1 2 ? -7.874  -4.083  3.269   1.00 0.00 ? 2  DT A C6    2 
ATOM 362  P P     . DA A 1 3 ? -10.906 0.733   5.409   1.00 0.00 ? 3  DA A P     2 
ATOM 363  O OP1   . DA A 1 3 ? -11.619 1.540   6.423   1.00 0.00 ? 3  DA A OP1   2 
ATOM 364  O OP2   . DA A 1 3 ? -11.276 0.864   3.983   1.00 0.00 ? 3  DA A OP2   2 
ATOM 365  O "O5'" . DA A 1 3 ? -9.326  1.023   5.528   1.00 0.00 ? 3  DA A "O5'" 2 
ATOM 366  C "C5'" . DA A 1 3 ? -8.736  1.463   6.738   1.00 0.00 ? 3  DA A "C5'" 2 
ATOM 367  C "C4'" . DA A 1 3 ? -7.316  1.996   6.486   1.00 0.00 ? 3  DA A "C4'" 2 
ATOM 368  O "O4'" . DA A 1 3 ? -6.446  0.944   6.072   1.00 0.00 ? 3  DA A "O4'" 2 
ATOM 369  C "C3'" . DA A 1 3 ? -7.308  3.043   5.360   1.00 0.00 ? 3  DA A "C3'" 2 
ATOM 370  O "O3'" . DA A 1 3 ? -7.105  4.420   5.658   1.00 0.00 ? 3  DA A "O3'" 2 
ATOM 371  C "C2'" . DA A 1 3 ? -6.360  2.458   4.311   1.00 0.00 ? 3  DA A "C2'" 2 
ATOM 372  C "C1'" . DA A 1 3 ? -5.535  1.433   5.097   1.00 0.00 ? 3  DA A "C1'" 2 
ATOM 373  N N9    . DA A 1 3 ? -5.052  0.311   4.248   1.00 0.00 ? 3  DA A N9    2 
ATOM 374  C C8    . DA A 1 3 ? -5.776  -0.414  3.341   1.00 0.00 ? 3  DA A C8    2 
ATOM 375  N N7    . DA A 1 3 ? -5.116  -1.369  2.744   1.00 0.00 ? 3  DA A N7    2 
ATOM 376  C C5    . DA A 1 3 ? -3.855  -1.290  3.323   1.00 0.00 ? 3  DA A C5    2 
ATOM 377  C C6    . DA A 1 3 ? -2.675  -2.042  3.157   1.00 0.00 ? 3  DA A C6    2 
ATOM 378  N N6    . DA A 1 3 ? -2.603  -3.095  2.345   1.00 0.00 ? 3  DA A N6    2 
ATOM 379  N N1    . DA A 1 3 ? -1.584  -1.723  3.867   1.00 0.00 ? 3  DA A N1    2 
ATOM 380  C C2    . DA A 1 3 ? -1.665  -0.703  4.715   1.00 0.00 ? 3  DA A C2    2 
ATOM 381  N N3    . DA A 1 3 ? -2.709  0.076   4.977   1.00 0.00 ? 3  DA A N3    2 
ATOM 382  C C4    . DA A 1 3 ? -3.798  -0.272  4.242   1.00 0.00 ? 3  DA A C4    2 
ATOM 383  P P     . DT A 1 4 ? -5.920  5.064   6.547   1.00 0.00 ? 4  DT A P     2 
ATOM 384  O OP1   . DT A 1 4 ? -5.913  4.439   7.886   1.00 0.00 ? 4  DT A OP1   2 
ATOM 385  O OP2   . DT A 1 4 ? -6.072  6.531   6.444   1.00 0.00 ? 4  DT A OP2   2 
ATOM 386  O "O5'" . DT A 1 4 ? -4.539  4.694   5.817   1.00 0.00 ? 4  DT A "O5'" 2 
ATOM 387  C "C5'" . DT A 1 4 ? -3.327  4.845   6.534   1.00 0.00 ? 4  DT A "C5'" 2 
ATOM 388  C "C4'" . DT A 1 4 ? -2.092  4.579   5.672   1.00 0.00 ? 4  DT A "C4'" 2 
ATOM 389  O "O4'" . DT A 1 4 ? -2.202  3.353   4.966   1.00 0.00 ? 4  DT A "O4'" 2 
ATOM 390  C "C3'" . DT A 1 4 ? -1.784  5.694   4.663   1.00 0.00 ? 4  DT A "C3'" 2 
ATOM 391  O "O3'" . DT A 1 4 ? -0.445  6.142   4.701   1.00 0.00 ? 4  DT A "O3'" 2 
ATOM 392  C "C2'" . DT A 1 4 ? -1.954  4.943   3.369   1.00 0.00 ? 4  DT A "C2'" 2 
ATOM 393  C "C1'" . DT A 1 4 ? -1.504  3.540   3.759   1.00 0.00 ? 4  DT A "C1'" 2 
ATOM 394  N N1    . DT A 1 4 ? -1.839  2.491   2.766   1.00 0.00 ? 4  DT A N1    2 
ATOM 395  C C2    . DT A 1 4 ? -0.901  1.495   2.527   1.00 0.00 ? 4  DT A C2    2 
ATOM 396  O O2    . DT A 1 4 ? 0.197   1.444   3.072   1.00 0.00 ? 4  DT A O2    2 
ATOM 397  N N3    . DT A 1 4 ? -1.256  0.533   1.610   1.00 0.00 ? 4  DT A N3    2 
ATOM 398  C C4    . DT A 1 4 ? -2.442  0.453   0.922   1.00 0.00 ? 4  DT A C4    2 
ATOM 399  O O4    . DT A 1 4 ? -2.636  -0.483  0.151   1.00 0.00 ? 4  DT A O4    2 
ATOM 400  C C5    . DT A 1 4 ? -3.386  1.507   1.242   1.00 0.00 ? 4  DT A C5    2 
ATOM 401  C C7    . DT A 1 4 ? -4.745  1.510   0.573   1.00 0.00 ? 4  DT A C7    2 
ATOM 402  C C6    . DT A 1 4 ? -3.057  2.473   2.139   1.00 0.00 ? 4  DT A C6    2 
ATOM 403  P P     . DA A 1 5 ? 0.143   7.097   5.854   1.00 0.00 ? 5  DA A P     2 
ATOM 404  O OP1   . DA A 1 5 ? -0.408  6.691   7.167   1.00 0.00 ? 5  DA A OP1   2 
ATOM 405  O OP2   . DA A 1 5 ? 0.031   8.503   5.412   1.00 0.00 ? 5  DA A OP2   2 
ATOM 406  O "O5'" . DA A 1 5 ? 1.691   6.659   5.788   1.00 0.00 ? 5  DA A "O5'" 2 
ATOM 407  C "C5'" . DA A 1 5 ? 2.197   5.600   6.581   1.00 0.00 ? 5  DA A "C5'" 2 
ATOM 408  C "C4'" . DA A 1 5 ? 3.339   4.859   5.872   1.00 0.00 ? 5  DA A "C4'" 2 
ATOM 409  O "O4'" . DA A 1 5 ? 2.789   4.052   4.847   1.00 0.00 ? 5  DA A "O4'" 2 
ATOM 410  C "C3'" . DA A 1 5 ? 4.394   5.785   5.254   1.00 0.00 ? 5  DA A "C3'" 2 
ATOM 411  O "O3'" . DA A 1 5 ? 5.688   5.393   5.689   1.00 0.00 ? 5  DA A "O3'" 2 
ATOM 412  C "C2'" . DA A 1 5 ? 4.169   5.601   3.772   1.00 0.00 ? 5  DA A "C2'" 2 
ATOM 413  C "C1'" . DA A 1 5 ? 3.520   4.229   3.653   1.00 0.00 ? 5  DA A "C1'" 2 
ATOM 414  N N9    . DA A 1 5 ? 2.552   4.183   2.546   1.00 0.00 ? 5  DA A N9    2 
ATOM 415  C C8    . DA A 1 5 ? 1.491   5.026   2.353   1.00 0.00 ? 5  DA A C8    2 
ATOM 416  N N7    . DA A 1 5 ? 0.670   4.652   1.409   1.00 0.00 ? 5  DA A N7    2 
ATOM 417  C C5    . DA A 1 5 ? 1.234   3.468   0.955   1.00 0.00 ? 5  DA A C5    2 
ATOM 418  C C6    . DA A 1 5 ? 0.829   2.539   -0.013  1.00 0.00 ? 5  DA A C6    2 
ATOM 419  N N6    . DA A 1 5 ? -0.324  2.665   -0.667  1.00 0.00 ? 5  DA A N6    2 
ATOM 420  N N1    . DA A 1 5 ? 1.611   1.483   -0.268  1.00 0.00 ? 5  DA A N1    2 
ATOM 421  C C2    . DA A 1 5 ? 2.750   1.353   0.409   1.00 0.00 ? 5  DA A C2    2 
ATOM 422  N N3    . DA A 1 5 ? 3.233   2.138   1.365   1.00 0.00 ? 5  DA A N3    2 
ATOM 423  C C4    . DA A 1 5 ? 2.404   3.186   1.610   1.00 0.00 ? 5  DA A C4    2 
ATOM 424  P P     . DT A 1 6 ? 7.029   6.196   5.282   1.00 0.00 ? 6  DT A P     2 
ATOM 425  O OP1   . DT A 1 6 ? 8.094   5.820   6.237   1.00 0.00 ? 6  DT A OP1   2 
ATOM 426  O OP2   . DT A 1 6 ? 6.680   7.621   5.094   1.00 0.00 ? 6  DT A OP2   2 
ATOM 427  O "O5'" . DT A 1 6 ? 7.398   5.571   3.846   1.00 0.00 ? 6  DT A "O5'" 2 
ATOM 428  C "C5'" . DT A 1 6 ? 7.840   4.235   3.745   1.00 0.00 ? 6  DT A "C5'" 2 
ATOM 429  C "C4'" . DT A 1 6 ? 7.867   3.751   2.294   1.00 0.00 ? 6  DT A "C4'" 2 
ATOM 430  O "O4'" . DT A 1 6 ? 6.597   3.742   1.680   1.00 0.00 ? 6  DT A "O4'" 2 
ATOM 431  C "C3'" . DT A 1 6 ? 8.833   4.520   1.384   1.00 0.00 ? 6  DT A "C3'" 2 
ATOM 432  O "O3'" . DT A 1 6 ? 9.807   3.571   0.969   1.00 0.00 ? 6  DT A "O3'" 2 
ATOM 433  C "C2'" . DT A 1 6 ? 7.903   5.003   0.269   1.00 0.00 ? 6  DT A "C2'" 2 
ATOM 434  C "C1'" . DT A 1 6 ? 6.811   3.936   0.296   1.00 0.00 ? 6  DT A "C1'" 2 
ATOM 435  N N1    . DT A 1 6 ? 5.516   4.328   -0.299  1.00 0.00 ? 6  DT A N1    2 
ATOM 436  C C2    . DT A 1 6 ? 4.896   3.471   -1.204  1.00 0.00 ? 6  DT A C2    2 
ATOM 437  O O2    . DT A 1 6 ? 5.426   2.466   -1.666  1.00 0.00 ? 6  DT A O2    2 
ATOM 438  N N3    . DT A 1 6 ? 3.620   3.814   -1.599  1.00 0.00 ? 6  DT A N3    2 
ATOM 439  C C4    . DT A 1 6 ? 2.957   4.971   -1.251  1.00 0.00 ? 6  DT A C4    2 
ATOM 440  O O4    . DT A 1 6 ? 1.859   5.206   -1.752  1.00 0.00 ? 6  DT A O4    2 
ATOM 441  C C5    . DT A 1 6 ? 3.638   5.784   -0.256  1.00 0.00 ? 6  DT A C5    2 
ATOM 442  C C7    . DT A 1 6 ? 2.997   7.065   0.244   1.00 0.00 ? 6  DT A C7    2 
ATOM 443  C C6    . DT A 1 6 ? 4.868   5.427   0.192   1.00 0.00 ? 6  DT A C6    2 
ATOM 444  P P     . DA A 1 7 ? 11.202  3.956   0.260   1.00 0.00 ? 7  DA A P     2 
ATOM 445  O OP1   . DA A 1 7 ? 12.170  2.872   0.541   1.00 0.00 ? 7  DA A OP1   2 
ATOM 446  O OP2   . DA A 1 7 ? 11.550  5.354   0.594   1.00 0.00 ? 7  DA A OP2   2 
ATOM 447  O "O5'" . DA A 1 7 ? 10.828  3.875   -1.297  1.00 0.00 ? 7  DA A "O5'" 2 
ATOM 448  C "C5'" . DA A 1 7 ? 10.845  5.025   -2.111  1.00 0.00 ? 7  DA A "C5'" 2 
ATOM 449  C "C4'" . DA A 1 7 ? 10.221  4.685   -3.466  1.00 0.00 ? 7  DA A "C4'" 2 
ATOM 450  O "O4'" . DA A 1 7 ? 8.862   4.309   -3.296  1.00 0.00 ? 7  DA A "O4'" 2 
ATOM 451  C "C3'" . DA A 1 7 ? 10.241  5.903   -4.388  1.00 0.00 ? 7  DA A "C3'" 2 
ATOM 452  O "O3'" . DA A 1 7 ? 11.166  5.892   -5.477  1.00 0.00 ? 7  DA A "O3'" 2 
ATOM 453  C "C2'" . DA A 1 7 ? 8.793   6.043   -4.794  1.00 0.00 ? 7  DA A "C2'" 2 
ATOM 454  C "C1'" . DA A 1 7 ? 8.157   4.694   -4.454  1.00 0.00 ? 7  DA A "C1'" 2 
ATOM 455  N N9    . DA A 1 7 ? 6.732   4.885   -4.133  1.00 0.00 ? 7  DA A N9    2 
ATOM 456  C C8    . DA A 1 7 ? 6.256   5.836   -3.285  1.00 0.00 ? 7  DA A C8    2 
ATOM 457  N N7    . DA A 1 7 ? 4.973   6.046   -3.357  1.00 0.00 ? 7  DA A N7    2 
ATOM 458  C C5    . DA A 1 7 ? 4.564   5.094   -4.285  1.00 0.00 ? 7  DA A C5    2 
ATOM 459  C C6    . DA A 1 7 ? 3.315   4.799   -4.851  1.00 0.00 ? 7  DA A C6    2 
ATOM 460  N N6    . DA A 1 7 ? 2.235   5.503   -4.534  1.00 0.00 ? 7  DA A N6    2 
ATOM 461  N N1    . DA A 1 7 ? 3.196   3.776   -5.713  1.00 0.00 ? 7  DA A N1    2 
ATOM 462  C C2    . DA A 1 7 ? 4.289   3.060   -5.976  1.00 0.00 ? 7  DA A C2    2 
ATOM 463  N N3    . DA A 1 7 ? 5.535   3.260   -5.555  1.00 0.00 ? 7  DA A N3    2 
ATOM 464  C C4    . DA A 1 7 ? 5.613   4.325   -4.714  1.00 0.00 ? 7  DA A C4    2 
ATOM 465  P P     . DC A 1 8 ? 11.221  4.802   -6.691  1.00 0.00 ? 8  DC A P     2 
ATOM 466  O OP1   . DC A 1 8 ? 11.326  3.442   -6.126  1.00 0.00 ? 8  DC A OP1   2 
ATOM 467  O OP2   . DC A 1 8 ? 12.260  5.259   -7.637  1.00 0.00 ? 8  DC A OP2   2 
ATOM 468  O "O5'" . DC A 1 8 ? 9.810   4.898   -7.459  1.00 0.00 ? 8  DC A "O5'" 2 
ATOM 469  C "C5'" . DC A 1 8 ? 9.404   3.859   -8.326  1.00 0.00 ? 8  DC A "C5'" 2 
ATOM 470  C "C4'" . DC A 1 8 ? 8.126   4.214   -9.094  1.00 0.00 ? 8  DC A "C4'" 2 
ATOM 471  O "O4'" . DC A 1 8 ? 7.014   4.444   -8.248  1.00 0.00 ? 8  DC A "O4'" 2 
ATOM 472  C "C3'" . DC A 1 8 ? 8.238   5.496   -9.912  1.00 0.00 ? 8  DC A "C3'" 2 
ATOM 473  O "O3'" . DC A 1 8 ? 8.849   5.273   -11.166 1.00 0.00 ? 8  DC A "O3'" 2 
ATOM 474  C "C2'" . DC A 1 8 ? 6.778   5.917   -10.074 1.00 0.00 ? 8  DC A "C2'" 2 
ATOM 475  C "C1'" . DC A 1 8 ? 6.018   5.070   -9.043  1.00 0.00 ? 8  DC A "C1'" 2 
ATOM 476  N N1    . DC A 1 8 ? 5.104   5.908   -8.222  1.00 0.00 ? 8  DC A N1    2 
ATOM 477  C C2    . DC A 1 8 ? 3.769   6.020   -8.596  1.00 0.00 ? 8  DC A C2    2 
ATOM 478  O O2    . DC A 1 8 ? 3.345   5.455   -9.599  1.00 0.00 ? 8  DC A O2    2 
ATOM 479  N N3    . DC A 1 8 ? 2.929   6.800   -7.858  1.00 0.00 ? 8  DC A N3    2 
ATOM 480  C C4    . DC A 1 8 ? 3.394   7.472   -6.797  1.00 0.00 ? 8  DC A C4    2 
ATOM 481  N N4    . DC A 1 8 ? 2.545   8.215   -6.098  1.00 0.00 ? 8  DC A N4    2 
ATOM 482  C C5    . DC A 1 8 ? 4.773   7.415   -6.418  1.00 0.00 ? 8  DC A C5    2 
ATOM 483  C C6    . DC A 1 8 ? 5.579   6.622   -7.159  1.00 0.00 ? 8  DC A C6    2 
ATOM 484  O "O5'" . DG B 1 1 ? -8.989  6.536   -11.653 1.00 0.00 ? 9  DG B "O5'" 2 
ATOM 485  C "C5'" . DG B 1 1 ? -7.864  7.004   -10.942 1.00 0.00 ? 9  DG B "C5'" 2 
ATOM 486  C "C4'" . DG B 1 1 ? -6.572  6.610   -11.677 1.00 0.00 ? 9  DG B "C4'" 2 
ATOM 487  O "O4'" . DG B 1 1 ? -5.457  7.370   -11.221 1.00 0.00 ? 9  DG B "O4'" 2 
ATOM 488  C "C3'" . DG B 1 1 ? -6.214  5.139   -11.497 1.00 0.00 ? 9  DG B "C3'" 2 
ATOM 489  O "O3'" . DG B 1 1 ? -5.682  4.640   -12.717 1.00 0.00 ? 9  DG B "O3'" 2 
ATOM 490  C "C2'" . DG B 1 1 ? -5.149  5.235   -10.426 1.00 0.00 ? 9  DG B "C2'" 2 
ATOM 491  C "C1'" . DG B 1 1 ? -4.409  6.475   -10.883 1.00 0.00 ? 9  DG B "C1'" 2 
ATOM 492  N N9    . DG B 1 1 ? -3.615  6.997   -9.770  1.00 0.00 ? 9  DG B N9    2 
ATOM 493  C C8    . DG B 1 1 ? -4.094  7.525   -8.616  1.00 0.00 ? 9  DG B C8    2 
ATOM 494  N N7    . DG B 1 1 ? -3.174  7.869   -7.757  1.00 0.00 ? 9  DG B N7    2 
ATOM 495  C C5    . DG B 1 1 ? -1.985  7.485   -8.386  1.00 0.00 ? 9  DG B C5    2 
ATOM 496  C C6    . DG B 1 1 ? -0.632  7.505   -7.929  1.00 0.00 ? 9  DG B C6    2 
ATOM 497  O O6    . DG B 1 1 ? -0.187  7.985   -6.889  1.00 0.00 ? 9  DG B O6    2 
ATOM 498  N N1    . DG B 1 1 ? 0.241   6.864   -8.800  1.00 0.00 ? 9  DG B N1    2 
ATOM 499  C C2    . DG B 1 1 ? -0.141  6.283   -9.985  1.00 0.00 ? 9  DG B C2    2 
ATOM 500  N N2    . DG B 1 1 ? 0.735   5.546   -10.652 1.00 0.00 ? 9  DG B N2    2 
ATOM 501  N N3    . DG B 1 1 ? -1.395  6.287   -10.436 1.00 0.00 ? 9  DG B N3    2 
ATOM 502  C C4    . DG B 1 1 ? -2.261  6.901   -9.596  1.00 0.00 ? 9  DG B C4    2 
ATOM 503  P P     . DT B 1 2 ? -5.293  3.085   -12.943 1.00 0.00 ? 10 DT B P     2 
ATOM 504  O OP1   . DT B 1 2 ? -6.178  2.548   -13.998 1.00 0.00 ? 10 DT B OP1   2 
ATOM 505  O OP2   . DT B 1 2 ? -5.242  2.413   -11.625 1.00 0.00 ? 10 DT B OP2   2 
ATOM 506  O "O5'" . DT B 1 2 ? -3.782  3.151   -13.533 1.00 0.00 ? 10 DT B "O5'" 2 
ATOM 507  C "C5'" . DT B 1 2 ? -2.704  3.693   -12.783 1.00 0.00 ? 10 DT B "C5'" 2 
ATOM 508  C "C4'" . DT B 1 2 ? -1.538  2.722   -12.528 1.00 0.00 ? 10 DT B "C4'" 2 
ATOM 509  O "O4'" . DT B 1 2 ? -0.751  3.325   -11.506 1.00 0.00 ? 10 DT B "O4'" 2 
ATOM 510  C "C3'" . DT B 1 2 ? -1.983  1.344   -12.018 1.00 0.00 ? 10 DT B "C3'" 2 
ATOM 511  O "O3'" . DT B 1 2 ? -1.403  0.199   -12.643 1.00 0.00 ? 10 DT B "O3'" 2 
ATOM 512  C "C2'" . DT B 1 2 ? -1.750  1.424   -10.523 1.00 0.00 ? 10 DT B "C2'" 2 
ATOM 513  C "C1'" . DT B 1 2 ? -0.581  2.412   -10.438 1.00 0.00 ? 10 DT B "C1'" 2 
ATOM 514  N N1    . DT B 1 2 ? -0.506  3.116   -9.131  1.00 0.00 ? 10 DT B N1    2 
ATOM 515  C C2    . DT B 1 2 ? 0.726   3.245   -8.484  1.00 0.00 ? 10 DT B C2    2 
ATOM 516  O O2    . DT B 1 2 ? 1.783   2.818   -8.938  1.00 0.00 ? 10 DT B O2    2 
ATOM 517  N N3    . DT B 1 2 ? 0.718   3.888   -7.259  1.00 0.00 ? 10 DT B N3    2 
ATOM 518  C C4    . DT B 1 2 ? -0.416  4.331   -6.605  1.00 0.00 ? 10 DT B C4    2 
ATOM 519  O O4    . DT B 1 2 ? -0.339  4.778   -5.464  1.00 0.00 ? 10 DT B O4    2 
ATOM 520  C C5    . DT B 1 2 ? -1.647  4.219   -7.362  1.00 0.00 ? 10 DT B C5    2 
ATOM 521  C C7    . DT B 1 2 ? -2.949  4.681   -6.737  1.00 0.00 ? 10 DT B C7    2 
ATOM 522  C C6    . DT B 1 2 ? -1.649  3.632   -8.579  1.00 0.00 ? 10 DT B C6    2 
ATOM 523  P P     . DA B 1 3 ? 0.179   -0.127  -12.762 1.00 0.00 ? 11 DA B P     2 
ATOM 524  O OP1   . DA B 1 3 ? 0.914   1.106   -13.110 1.00 0.00 ? 11 DA B OP1   2 
ATOM 525  O OP2   . DA B 1 3 ? 0.319   -1.314  -13.635 1.00 0.00 ? 11 DA B OP2   2 
ATOM 526  O "O5'" . DA B 1 3 ? 0.650   -0.576  -11.288 1.00 0.00 ? 11 DA B "O5'" 2 
ATOM 527  C "C5'" . DA B 1 3 ? 2.000   -0.950  -11.083 1.00 0.00 ? 11 DA B "C5'" 2 
ATOM 528  C "C4'" . DA B 1 3 ? 2.283   -1.520  -9.689  1.00 0.00 ? 11 DA B "C4'" 2 
ATOM 529  O "O4'" . DA B 1 3 ? 2.201   -0.525  -8.678  1.00 0.00 ? 11 DA B "O4'" 2 
ATOM 530  C "C3'" . DA B 1 3 ? 1.357   -2.675  -9.281  1.00 0.00 ? 11 DA B "C3'" 2 
ATOM 531  O "O3'" . DA B 1 3 ? 2.148   -3.839  -9.094  1.00 0.00 ? 11 DA B "O3'" 2 
ATOM 532  C "C2'" . DA B 1 3 ? 0.707   -2.142  -8.002  1.00 0.00 ? 11 DA B "C2'" 2 
ATOM 533  C "C1'" . DA B 1 3 ? 1.733   -1.134  -7.488  1.00 0.00 ? 11 DA B "C1'" 2 
ATOM 534  N N9    . DA B 1 3 ? 1.152   -0.109  -6.594  1.00 0.00 ? 11 DA B N9    2 
ATOM 535  C C8    . DA B 1 3 ? -0.046  0.538   -6.718  1.00 0.00 ? 11 DA B C8    2 
ATOM 536  N N7    . DA B 1 3 ? -0.280  1.439   -5.804  1.00 0.00 ? 11 DA B N7    2 
ATOM 537  C C5    . DA B 1 3 ? 0.878   1.414   -5.034  1.00 0.00 ? 11 DA B C5    2 
ATOM 538  C C6    . DA B 1 3 ? 1.316   2.168   -3.929  1.00 0.00 ? 11 DA B C6    2 
ATOM 539  N N6    . DA B 1 3 ? 0.614   3.185   -3.434  1.00 0.00 ? 11 DA B N6    2 
ATOM 540  N N1    . DA B 1 3 ? 2.516   1.905   -3.390  1.00 0.00 ? 11 DA B N1    2 
ATOM 541  C C2    . DA B 1 3 ? 3.247   0.932   -3.926  1.00 0.00 ? 11 DA B C2    2 
ATOM 542  N N3    . DA B 1 3 ? 2.965   0.164   -4.970  1.00 0.00 ? 11 DA B N3    2 
ATOM 543  C C4    . DA B 1 3 ? 1.751   0.464   -5.495  1.00 0.00 ? 11 DA B C4    2 
ATOM 544  P P     . DT B 1 4 ? 1.581   -5.205  -8.449  1.00 0.00 ? 12 DT B P     2 
ATOM 545  O OP1   . DT B 1 4 ? 2.331   -6.344  -9.021  1.00 0.00 ? 12 DT B OP1   2 
ATOM 546  O OP2   . DT B 1 4 ? 0.102   -5.194  -8.510  1.00 0.00 ? 12 DT B OP2   2 
ATOM 547  O "O5'" . DT B 1 4 ? 2.032   -5.020  -6.918  1.00 0.00 ? 12 DT B "O5'" 2 
ATOM 548  C "C5'" . DT B 1 4 ? 3.406   -5.027  -6.568  1.00 0.00 ? 12 DT B "C5'" 2 
ATOM 549  C "C4'" . DT B 1 4 ? 3.598   -4.614  -5.106  1.00 0.00 ? 12 DT B "C4'" 2 
ATOM 550  O "O4'" . DT B 1 4 ? 3.044   -3.325  -4.857  1.00 0.00 ? 12 DT B "O4'" 2 
ATOM 551  C "C3'" . DT B 1 4 ? 2.948   -5.604  -4.134  1.00 0.00 ? 12 DT B "C3'" 2 
ATOM 552  O "O3'" . DT B 1 4 ? 3.766   -5.944  -3.037  1.00 0.00 ? 12 DT B "O3'" 2 
ATOM 553  C "C2'" . DT B 1 4 ? 1.824   -4.766  -3.603  1.00 0.00 ? 12 DT B "C2'" 2 
ATOM 554  C "C1'" . DT B 1 4 ? 2.466   -3.389  -3.571  1.00 0.00 ? 12 DT B "C1'" 2 
ATOM 555  N N1    . DT B 1 4 ? 1.470   -2.321  -3.320  1.00 0.00 ? 12 DT B N1    2 
ATOM 556  C C2    . DT B 1 4 ? 1.723   -1.408  -2.303  1.00 0.00 ? 12 DT B C2    2 
ATOM 557  O O2    . DT B 1 4 ? 2.749   -1.397  -1.633  1.00 0.00 ? 12 DT B O2    2 
ATOM 558  N N3    . DT B 1 4 ? 0.736   -0.479  -2.064  1.00 0.00 ? 12 DT B N3    2 
ATOM 559  C C4    . DT B 1 4 ? -0.470  -0.373  -2.718  1.00 0.00 ? 12 DT B C4    2 
ATOM 560  O O4    . DT B 1 4 ? -1.238  0.539   -2.420  1.00 0.00 ? 12 DT B O4    2 
ATOM 561  C C5    . DT B 1 4 ? -0.667  -1.365  -3.764  1.00 0.00 ? 12 DT B C5    2 
ATOM 562  C C7    . DT B 1 4 ? -1.945  -1.364  -4.581  1.00 0.00 ? 12 DT B C7    2 
ATOM 563  C C6    . DT B 1 4 ? 0.296   -2.286  -4.025  1.00 0.00 ? 12 DT B C6    2 
ATOM 564  P P     . DA B 1 5 ? 4.845   -7.124  -3.106  1.00 0.00 ? 13 DA B P     2 
ATOM 565  O OP1   . DA B 1 5 ? 5.724   -6.909  -4.276  1.00 0.00 ? 13 DA B OP1   2 
ATOM 566  O OP2   . DA B 1 5 ? 4.138   -8.412  -2.930  1.00 0.00 ? 13 DA B OP2   2 
ATOM 567  O "O5'" . DA B 1 5 ? 5.672   -6.803  -1.766  1.00 0.00 ? 13 DA B "O5'" 2 
ATOM 568  C "C5'" . DA B 1 5 ? 6.715   -5.846  -1.767  1.00 0.00 ? 13 DA B "C5'" 2 
ATOM 569  C "C4'" . DA B 1 5 ? 6.740   -5.042  -0.462  1.00 0.00 ? 13 DA B "C4'" 2 
ATOM 570  O "O4'" . DA B 1 5 ? 5.618   -4.177  -0.427  1.00 0.00 ? 13 DA B "O4'" 2 
ATOM 571  C "C3'" . DA B 1 5 ? 6.738   -5.915  0.795   1.00 0.00 ? 13 DA B "C3'" 2 
ATOM 572  O "O3'" . DA B 1 5 ? 7.849   -5.561  1.603   1.00 0.00 ? 13 DA B "O3'" 2 
ATOM 573  C "C2'" . DA B 1 5 ? 5.388   -5.607  1.403   1.00 0.00 ? 13 DA B "C2'" 2 
ATOM 574  C "C1'" . DA B 1 5 ? 5.000   -4.246  0.841   1.00 0.00 ? 13 DA B "C1'" 2 
ATOM 575  N N9    . DA B 1 5 ? 3.548   -4.153  0.624   1.00 0.00 ? 13 DA B N9    2 
ATOM 576  C C8    . DA B 1 5 ? 2.785   -4.991  -0.140  1.00 0.00 ? 13 DA B C8    2 
ATOM 577  N N7    . DA B 1 5 ? 1.551   -4.603  -0.298  1.00 0.00 ? 13 DA B N7    2 
ATOM 578  C C5    . DA B 1 5 ? 1.506   -3.412  0.410   1.00 0.00 ? 13 DA B C5    2 
ATOM 579  C C6    . DA B 1 5 ? 0.485   -2.476  0.616   1.00 0.00 ? 13 DA B C6    2 
ATOM 580  N N6    . DA B 1 5 ? -0.704  -2.599  0.028   1.00 0.00 ? 13 DA B N6    2 
ATOM 581  N N1    . DA B 1 5 ? 0.711   -1.439  1.430   1.00 0.00 ? 13 DA B N1    2 
ATOM 582  C C2    . DA B 1 5 ? 1.904   -1.321  2.004   1.00 0.00 ? 13 DA B C2    2 
ATOM 583  N N3    . DA B 1 5 ? 2.964   -2.109  1.862   1.00 0.00 ? 13 DA B N3    2 
ATOM 584  C C4    . DA B 1 5 ? 2.702   -3.145  1.022   1.00 0.00 ? 13 DA B C4    2 
ATOM 585  P P     . DT B 1 6 ? 8.184   -6.280  3.009   1.00 0.00 ? 14 DT B P     2 
ATOM 586  O OP1   . DT B 1 6 ? 9.583   -5.960  3.365   1.00 0.00 ? 14 DT B OP1   2 
ATOM 587  O OP2   . DT B 1 6 ? 7.743   -7.690  2.934   1.00 0.00 ? 14 DT B OP2   2 
ATOM 588  O "O5'" . DT B 1 6 ? 7.215   -5.493  4.021   1.00 0.00 ? 14 DT B "O5'" 2 
ATOM 589  C "C5'" . DT B 1 6 ? 7.393   -4.109  4.231   1.00 0.00 ? 14 DT B "C5'" 2 
ATOM 590  C "C4'" . DT B 1 6 ? 6.219   -3.478  4.985   1.00 0.00 ? 14 DT B "C4'" 2 
ATOM 591  O "O4'" . DT B 1 6 ? 4.975   -3.551  4.323   1.00 0.00 ? 14 DT B "O4'" 2 
ATOM 592  C "C3'" . DT B 1 6 ? 6.034   -4.043  6.395   1.00 0.00 ? 14 DT B "C3'" 2 
ATOM 593  O "O3'" . DT B 1 6 ? 6.242   -2.936  7.259   1.00 0.00 ? 14 DT B "O3'" 2 
ATOM 594  C "C2'" . DT B 1 6 ? 4.598   -4.564  6.340   1.00 0.00 ? 14 DT B "C2'" 2 
ATOM 595  C "C1'" . DT B 1 6 ? 3.974   -3.614  5.326   1.00 0.00 ? 14 DT B "C1'" 2 
ATOM 596  N N1    . DT B 1 6 ? 2.726   -4.085  4.687   1.00 0.00 ? 14 DT B N1    2 
ATOM 597  C C2    . DT B 1 6 ? 1.602   -3.261  4.691   1.00 0.00 ? 14 DT B C2    2 
ATOM 598  O O2    . DT B 1 6 ? 1.493   -2.258  5.388   1.00 0.00 ? 14 DT B O2    2 
ATOM 599  N N3    . DT B 1 6 ? 0.563   -3.632  3.862   1.00 0.00 ? 14 DT B N3    2 
ATOM 600  C C4    . DT B 1 6 ? 0.524   -4.778  3.093   1.00 0.00 ? 14 DT B C4    2 
ATOM 601  O O4    . DT B 1 6 ? -0.456  -4.998  2.387   1.00 0.00 ? 14 DT B O4    2 
ATOM 602  C C5    . DT B 1 6 ? 1.719   -5.601  3.159   1.00 0.00 ? 14 DT B C5    2 
ATOM 603  C C7    . DT B 1 6 ? 1.777   -6.907  2.389   1.00 0.00 ? 14 DT B C7    2 
ATOM 604  C C6    . DT B 1 6 ? 2.769   -5.220  3.929   1.00 0.00 ? 14 DT B C6    2 
ATOM 605  P P     . DA B 1 7 ? 6.457   -3.057  8.846   1.00 0.00 ? 15 DA B P     2 
ATOM 606  O OP1   . DA B 1 7 ? 7.237   -1.884  9.294   1.00 0.00 ? 15 DA B OP1   2 
ATOM 607  O OP2   . DA B 1 7 ? 6.942   -4.420  9.157   1.00 0.00 ? 15 DA B OP2   2 
ATOM 608  O "O5'" . DA B 1 7 ? 4.957   -2.897  9.394   1.00 0.00 ? 15 DA B "O5'" 2 
ATOM 609  C "C5'" . DA B 1 7 ? 4.346   -3.948  10.102  1.00 0.00 ? 15 DA B "C5'" 2 
ATOM 610  C "C4'" . DA B 1 7 ? 2.857   -3.678  10.318  1.00 0.00 ? 15 DA B "C4'" 2 
ATOM 611  O "O4'" . DA B 1 7 ? 2.174   -3.528  9.081   1.00 0.00 ? 15 DA B "O4'" 2 
ATOM 612  C "C3'" . DA B 1 7 ? 2.254   -4.869  11.059  1.00 0.00 ? 15 DA B "C3'" 2 
ATOM 613  O "O3'" . DA B 1 7 ? 1.816   -4.472  12.349  1.00 0.00 ? 15 DA B "O3'" 2 
ATOM 614  C "C2'" . DA B 1 7 ? 1.133   -5.272  10.135  1.00 0.00 ? 15 DA B "C2'" 2 
ATOM 615  C "C1'" . DA B 1 7 ? 0.884   -4.079  9.230   1.00 0.00 ? 15 DA B "C1'" 2 
ATOM 616  N N9    . DA B 1 7 ? 0.350   -4.525  7.933   1.00 0.00 ? 15 DA B N9    2 
ATOM 617  C C8    . DA B 1 7 ? 0.865   -5.533  7.183   1.00 0.00 ? 15 DA B C8    2 
ATOM 618  N N7    . DA B 1 7 ? 0.133   -5.894  6.166   1.00 0.00 ? 15 DA B N7    2 
ATOM 619  C C5    . DA B 1 7 ? -0.931  -4.996  6.224   1.00 0.00 ? 15 DA B C5    2 
ATOM 620  C C6    . DA B 1 7 ? -2.070  -4.811  5.421   1.00 0.00 ? 15 DA B C6    2 
ATOM 621  N N6    . DA B 1 7 ? -2.350  -5.612  4.395   1.00 0.00 ? 15 DA B N6    2 
ATOM 622  N N1    . DA B 1 7 ? -2.891  -3.782  5.676   1.00 0.00 ? 15 DA B N1    2 
ATOM 623  C C2    . DA B 1 7 ? -2.607  -2.981  6.698   1.00 0.00 ? 15 DA B C2    2 
ATOM 624  N N3    . DA B 1 7 ? -1.603  -3.075  7.565   1.00 0.00 ? 15 DA B N3    2 
ATOM 625  C C4    . DA B 1 7 ? -0.785  -4.118  7.267   1.00 0.00 ? 15 DA B C4    2 
ATOM 626  P P     . DC B 1 8 ? 1.203   -5.516  13.420  1.00 0.00 ? 16 DC B P     2 
ATOM 627  O OP1   . DC B 1 8 ? 1.332   -4.918  14.766  1.00 0.00 ? 16 DC B OP1   2 
ATOM 628  O OP2   . DC B 1 8 ? 1.784   -6.848  13.145  1.00 0.00 ? 16 DC B OP2   2 
ATOM 629  O "O5'" . DC B 1 8 ? -0.362  -5.550  13.033  1.00 0.00 ? 16 DC B "O5'" 2 
ATOM 630  C "C5'" . DC B 1 8 ? -1.204  -4.453  13.333  1.00 0.00 ? 16 DC B "C5'" 2 
ATOM 631  C "C4'" . DC B 1 8 ? -2.534  -4.544  12.573  1.00 0.00 ? 16 DC B "C4'" 2 
ATOM 632  O "O4'" . DC B 1 8 ? -2.340  -4.588  11.171  1.00 0.00 ? 16 DC B "O4'" 2 
ATOM 633  C "C3'" . DC B 1 8 ? -3.357  -5.790  12.884  1.00 0.00 ? 16 DC B "C3'" 2 
ATOM 634  O "O3'" . DC B 1 8 ? -4.107  -5.658  14.072  1.00 0.00 ? 16 DC B "O3'" 2 
ATOM 635  C "C2'" . DC B 1 8 ? -4.272  -5.861  11.661  1.00 0.00 ? 16 DC B "C2'" 2 
ATOM 636  C "C1'" . DC B 1 8 ? -3.554  -5.032  10.583  1.00 0.00 ? 16 DC B "C1'" 2 
ATOM 637  N N1    . DC B 1 8 ? -3.298  -5.846  9.361   1.00 0.00 ? 16 DC B N1    2 
ATOM 638  C C2    . DC B 1 8 ? -4.218  -5.815  8.317   1.00 0.00 ? 16 DC B C2    2 
ATOM 639  O O2    . DC B 1 8 ? -5.210  -5.092  8.362   1.00 0.00 ? 16 DC B O2    2 
ATOM 640  N N3    . DC B 1 8 ? -4.023  -6.622  7.235   1.00 0.00 ? 16 DC B N3    2 
ATOM 641  C C4    . DC B 1 8 ? -2.958  -7.431  7.177   1.00 0.00 ? 16 DC B C4    2 
ATOM 642  N N4    . DC B 1 8 ? -2.798  -8.188  6.099   1.00 0.00 ? 16 DC B N4    2 
ATOM 643  C C5    . DC B 1 8 ? -1.997  -7.481  8.231   1.00 0.00 ? 16 DC B C5    2 
ATOM 644  C C6    . DC B 1 8 ? -2.216  -6.679  9.295   1.00 0.00 ? 16 DC B C6    2 
ATOM 645  O "O5'" . DG A 1 1 ? -1.817  -13.763 -10.298 1.00 0.00 ? 1  DG A "O5'" 3 
ATOM 646  C "C5'" . DG A 1 1 ? -1.288  -13.266 -9.088  1.00 0.00 ? 1  DG A "C5'" 3 
ATOM 647  C "C4'" . DG A 1 1 ? -2.359  -13.281 -7.984  1.00 0.00 ? 1  DG A "C4'" 3 
ATOM 648  O "O4'" . DG A 1 1 ? -1.773  -13.257 -6.688  1.00 0.00 ? 1  DG A "O4'" 3 
ATOM 649  C "C3'" . DG A 1 1 ? -3.336  -12.115 -8.068  1.00 0.00 ? 1  DG A "C3'" 3 
ATOM 650  O "O3'" . DG A 1 1 ? -4.653  -12.585 -7.844  1.00 0.00 ? 1  DG A "O3'" 3 
ATOM 651  C "C2'" . DG A 1 1 ? -2.862  -11.230 -6.930  1.00 0.00 ? 1  DG A "C2'" 3 
ATOM 652  C "C1'" . DG A 1 1 ? -2.396  -12.249 -5.906  1.00 0.00 ? 1  DG A "C1'" 3 
ATOM 653  N N9    . DG A 1 1 ? -1.396  -11.659 -5.004  1.00 0.00 ? 1  DG A N9    3 
ATOM 654  C C8    . DG A 1 1 ? -0.176  -11.176 -5.357  1.00 0.00 ? 1  DG A C8    3 
ATOM 655  N N7    . DG A 1 1 ? 0.559   -10.773 -4.359  1.00 0.00 ? 1  DG A N7    3 
ATOM 656  C C5    . DG A 1 1 ? -0.260  -10.990 -3.250  1.00 0.00 ? 1  DG A C5    3 
ATOM 657  C C6    . DG A 1 1 ? -0.037  -10.738 -1.863  1.00 0.00 ? 1  DG A C6    3 
ATOM 658  O O6    . DG A 1 1 ? 0.987   -10.336 -1.316  1.00 0.00 ? 1  DG A O6    3 
ATOM 659  N N1    . DG A 1 1 ? -1.160  -10.987 -1.089  1.00 0.00 ? 1  DG A N1    3 
ATOM 660  C C2    . DG A 1 1 ? -2.348  -11.475 -1.576  1.00 0.00 ? 1  DG A C2    3 
ATOM 661  N N2    . DG A 1 1 ? -3.381  -11.568 -0.749  1.00 0.00 ? 1  DG A N2    3 
ATOM 662  N N3    . DG A 1 1 ? -2.547  -11.770 -2.861  1.00 0.00 ? 1  DG A N3    3 
ATOM 663  C C4    . DG A 1 1 ? -1.474  -11.499 -3.645  1.00 0.00 ? 1  DG A C4    3 
ATOM 664  P P     . DT A 1 2 ? -5.937  -11.625 -7.996  1.00 0.00 ? 2  DT A P     3 
ATOM 665  O OP1   . DT A 1 2 ? -7.134  -12.476 -8.169  1.00 0.00 ? 2  DT A OP1   3 
ATOM 666  O OP2   . DT A 1 2 ? -5.619  -10.599 -9.013  1.00 0.00 ? 2  DT A OP2   3 
ATOM 667  O "O5'" . DT A 1 2 ? -6.048  -10.889 -6.565  1.00 0.00 ? 2  DT A "O5'" 3 
ATOM 668  C "C5'" . DT A 1 2 ? -6.595  -11.550 -5.440  1.00 0.00 ? 2  DT A "C5'" 3 
ATOM 669  C "C4'" . DT A 1 2 ? -6.651  -10.635 -4.207  1.00 0.00 ? 2  DT A "C4'" 3 
ATOM 670  O "O4'" . DT A 1 2 ? -5.364  -10.413 -3.650  1.00 0.00 ? 2  DT A "O4'" 3 
ATOM 671  C "C3'" . DT A 1 2 ? -7.263  -9.256  -4.487  1.00 0.00 ? 2  DT A "C3'" 3 
ATOM 672  O "O3'" . DT A 1 2 ? -8.360  -9.050  -3.609  1.00 0.00 ? 2  DT A "O3'" 3 
ATOM 673  C "C2'" . DT A 1 2 ? -6.101  -8.311  -4.225  1.00 0.00 ? 2  DT A "C2'" 3 
ATOM 674  C "C1'" . DT A 1 2 ? -5.339  -9.088  -3.156  1.00 0.00 ? 2  DT A "C1'" 3 
ATOM 675  N N1    . DT A 1 2 ? -3.945  -8.627  -2.967  1.00 0.00 ? 2  DT A N1    3 
ATOM 676  C C2    . DT A 1 2 ? -3.460  -8.409  -1.678  1.00 0.00 ? 2  DT A C2    3 
ATOM 677  O O2    . DT A 1 2 ? -4.139  -8.525  -0.663  1.00 0.00 ? 2  DT A O2    3 
ATOM 678  N N3    . DT A 1 2 ? -2.133  -8.043  -1.580  1.00 0.00 ? 2  DT A N3    3 
ATOM 679  C C4    . DT A 1 2 ? -1.296  -7.774  -2.640  1.00 0.00 ? 2  DT A C4    3 
ATOM 680  O O4    . DT A 1 2 ? -0.161  -7.353  -2.426  1.00 0.00 ? 2  DT A O4    3 
ATOM 681  C C5    . DT A 1 2 ? -1.864  -8.042  -3.948  1.00 0.00 ? 2  DT A C5    3 
ATOM 682  C C7    . DT A 1 2 ? -1.031  -7.816  -5.194  1.00 0.00 ? 2  DT A C7    3 
ATOM 683  C C6    . DT A 1 2 ? -3.146  -8.459  -4.062  1.00 0.00 ? 2  DT A C6    3 
ATOM 684  P P     . DA A 1 3 ? -9.209  -7.681  -3.582  1.00 0.00 ? 3  DA A P     3 
ATOM 685  O OP1   . DA A 1 3 ? -10.590 -8.001  -3.159  1.00 0.00 ? 3  DA A OP1   3 
ATOM 686  O OP2   . DA A 1 3 ? -8.989  -6.964  -4.857  1.00 0.00 ? 3  DA A OP2   3 
ATOM 687  O "O5'" . DA A 1 3 ? -8.498  -6.841  -2.401  1.00 0.00 ? 3  DA A "O5'" 3 
ATOM 688  C "C5'" . DA A 1 3 ? -8.755  -7.133  -1.037  1.00 0.00 ? 3  DA A "C5'" 3 
ATOM 689  C "C4'" . DA A 1 3 ? -8.143  -6.083  -0.099  1.00 0.00 ? 3  DA A "C4'" 3 
ATOM 690  O "O4'" . DA A 1 3 ? -6.724  -6.181  -0.037  1.00 0.00 ? 3  DA A "O4'" 3 
ATOM 691  C "C3'" . DA A 1 3 ? -8.494  -4.652  -0.520  1.00 0.00 ? 3  DA A "C3'" 3 
ATOM 692  O "O3'" . DA A 1 3 ? -9.048  -3.965  0.590   1.00 0.00 ? 3  DA A "O3'" 3 
ATOM 693  C "C2'" . DA A 1 3 ? -7.134  -4.113  -0.947  1.00 0.00 ? 3  DA A "C2'" 3 
ATOM 694  C "C1'" . DA A 1 3 ? -6.177  -4.872  -0.033  1.00 0.00 ? 3  DA A "C1'" 3 
ATOM 695  N N9    . DA A 1 3 ? -4.800  -4.894  -0.573  1.00 0.00 ? 3  DA A N9    3 
ATOM 696  C C8    . DA A 1 3 ? -4.423  -5.222  -1.844  1.00 0.00 ? 3  DA A C8    3 
ATOM 697  N N7    . DA A 1 3 ? -3.133  -5.209  -2.054  1.00 0.00 ? 3  DA A N7    3 
ATOM 698  C C5    . DA A 1 3 ? -2.617  -4.863  -0.808  1.00 0.00 ? 3  DA A C5    3 
ATOM 699  C C6    . DA A 1 3 ? -1.306  -4.710  -0.318  1.00 0.00 ? 3  DA A C6    3 
ATOM 700  N N6    . DA A 1 3 ? -0.235  -4.949  -1.070  1.00 0.00 ? 3  DA A N6    3 
ATOM 701  N N1    . DA A 1 3 ? -1.113  -4.371  0.968   1.00 0.00 ? 3  DA A N1    3 
ATOM 702  C C2    . DA A 1 3 ? -2.186  -4.182  1.730   1.00 0.00 ? 3  DA A C2    3 
ATOM 703  N N3    . DA A 1 3 ? -3.466  -4.294  1.399   1.00 0.00 ? 3  DA A N3    3 
ATOM 704  C C4    . DA A 1 3 ? -3.622  -4.652  0.099   1.00 0.00 ? 3  DA A C4    3 
ATOM 705  P P     . DT A 1 4 ? -9.493  -2.415  0.535   1.00 0.00 ? 4  DT A P     3 
ATOM 706  O OP1   . DT A 1 4 ? -10.747 -2.261  1.304   1.00 0.00 ? 4  DT A OP1   3 
ATOM 707  O OP2   . DT A 1 4 ? -9.431  -1.942  -0.866  1.00 0.00 ? 4  DT A OP2   3 
ATOM 708  O "O5'" . DT A 1 4 ? -8.306  -1.712  1.352   1.00 0.00 ? 4  DT A "O5'" 3 
ATOM 709  C "C5'" . DT A 1 4 ? -8.167  -1.918  2.747   1.00 0.00 ? 4  DT A "C5'" 3 
ATOM 710  C "C4'" . DT A 1 4 ? -6.881  -1.256  3.251   1.00 0.00 ? 4  DT A "C4'" 3 
ATOM 711  O "O4'" . DT A 1 4 ? -5.759  -1.800  2.564   1.00 0.00 ? 4  DT A "O4'" 3 
ATOM 712  C "C3'" . DT A 1 4 ? -6.887  0.262   3.037   1.00 0.00 ? 4  DT A "C3'" 3 
ATOM 713  O "O3'" . DT A 1 4 ? -6.297  0.990   4.088   1.00 0.00 ? 4  DT A "O3'" 3 
ATOM 714  C "C2'" . DT A 1 4 ? -5.936  0.369   1.884   1.00 0.00 ? 4  DT A "C2'" 3 
ATOM 715  C "C1'" . DT A 1 4 ? -4.925  -0.715  2.228   1.00 0.00 ? 4  DT A "C1'" 3 
ATOM 716  N N1    . DT A 1 4 ? -4.033  -1.023  1.086   1.00 0.00 ? 4  DT A N1    3 
ATOM 717  C C2    . DT A 1 4 ? -2.660  -1.056  1.301   1.00 0.00 ? 4  DT A C2    3 
ATOM 718  O O2    . DT A 1 4 ? -2.133  -0.870  2.393   1.00 0.00 ? 4  DT A O2    3 
ATOM 719  N N3    . DT A 1 4 ? -1.878  -1.307  0.197   1.00 0.00 ? 4  DT A N3    3 
ATOM 720  C C4    . DT A 1 4 ? -2.321  -1.541  -1.084  1.00 0.00 ? 4  DT A C4    3 
ATOM 721  O O4    . DT A 1 4 ? -1.510  -1.800  -1.969  1.00 0.00 ? 4  DT A O4    3 
ATOM 722  C C5    . DT A 1 4 ? -3.766  -1.498  -1.232  1.00 0.00 ? 4  DT A C5    3 
ATOM 723  C C7    . DT A 1 4 ? -4.386  -1.738  -2.596  1.00 0.00 ? 4  DT A C7    3 
ATOM 724  C C6    . DT A 1 4 ? -4.556  -1.249  -0.158  1.00 0.00 ? 4  DT A C6    3 
ATOM 725  P P     . DA A 1 5 ? -7.089  1.414   5.412   1.00 0.00 ? 5  DA A P     3 
ATOM 726  O OP1   . DA A 1 5 ? -7.859  0.262   5.926   1.00 0.00 ? 5  DA A OP1   3 
ATOM 727  O OP2   . DA A 1 5 ? -7.753  2.712   5.160   1.00 0.00 ? 5  DA A OP2   3 
ATOM 728  O "O5'" . DA A 1 5 ? -5.823  1.662   6.372   1.00 0.00 ? 5  DA A "O5'" 3 
ATOM 729  C "C5'" . DA A 1 5 ? -5.160  0.579   7.000   1.00 0.00 ? 5  DA A "C5'" 3 
ATOM 730  C "C4'" . DA A 1 5 ? -3.648  0.820   7.074   1.00 0.00 ? 5  DA A "C4'" 3 
ATOM 731  O "O4'" . DA A 1 5 ? -3.080  0.710   5.782   1.00 0.00 ? 5  DA A "O4'" 3 
ATOM 732  C "C3'" . DA A 1 5 ? -3.271  2.187   7.654   1.00 0.00 ? 5  DA A "C3'" 3 
ATOM 733  O "O3'" . DA A 1 5 ? -2.336  1.988   8.703   1.00 0.00 ? 5  DA A "O3'" 3 
ATOM 734  C "C2'" . DA A 1 5 ? -2.710  2.912   6.451   1.00 0.00 ? 5  DA A "C2'" 3 
ATOM 735  C "C1'" . DA A 1 5 ? -2.210  1.796   5.547   1.00 0.00 ? 5  DA A "C1'" 3 
ATOM 736  N N9    . DA A 1 5 ? -2.354  2.150   4.127   1.00 0.00 ? 5  DA A N9    3 
ATOM 737  C C8    . DA A 1 5 ? -3.520  2.470   3.490   1.00 0.00 ? 5  DA A C8    3 
ATOM 738  N N7    . DA A 1 5 ? -3.428  2.520   2.190   1.00 0.00 ? 5  DA A N7    3 
ATOM 739  C C5    . DA A 1 5 ? -2.101  2.188   1.958   1.00 0.00 ? 5  DA A C5    3 
ATOM 740  C C6    . DA A 1 5 ? -1.368  1.984   0.782   1.00 0.00 ? 5  DA A C6    3 
ATOM 741  N N6    . DA A 1 5 ? -1.945  2.012   -0.417  1.00 0.00 ? 5  DA A N6    3 
ATOM 742  N N1    . DA A 1 5 ? -0.058  1.727   0.871   1.00 0.00 ? 5  DA A N1    3 
ATOM 743  C C2    . DA A 1 5 ? 0.503   1.658   2.075   1.00 0.00 ? 5  DA A C2    3 
ATOM 744  N N3    . DA A 1 5 ? -0.085  1.774   3.260   1.00 0.00 ? 5  DA A N3    3 
ATOM 745  C C4    . DA A 1 5 ? -1.415  2.019   3.132   1.00 0.00 ? 5  DA A C4    3 
ATOM 746  P P     . DT A 1 6 ? -1.756  3.190   9.607   1.00 0.00 ? 6  DT A P     3 
ATOM 747  O OP1   . DT A 1 6 ? -1.141  2.598   10.815  1.00 0.00 ? 6  DT A OP1   3 
ATOM 748  O OP2   . DT A 1 6 ? -2.805  4.223   9.752   1.00 0.00 ? 6  DT A OP2   3 
ATOM 749  O "O5'" . DT A 1 6 ? -0.579  3.790   8.688   1.00 0.00 ? 6  DT A "O5'" 3 
ATOM 750  C "C5'" . DT A 1 6 ? 0.606   3.052   8.454   1.00 0.00 ? 6  DT A "C5'" 3 
ATOM 751  C "C4'" . DT A 1 6 ? 1.461   3.691   7.352   1.00 0.00 ? 6  DT A "C4'" 3 
ATOM 752  O "O4'" . DT A 1 6 ? 0.859   3.655   6.072   1.00 0.00 ? 6  DT A "O4'" 3 
ATOM 753  C "C3'" . DT A 1 6 ? 1.854   5.144   7.638   1.00 0.00 ? 6  DT A "C3'" 3 
ATOM 754  O "O3'" . DT A 1 6 ? 3.250   5.187   7.888   1.00 0.00 ? 6  DT A "O3'" 3 
ATOM 755  C "C2'" . DT A 1 6 ? 1.429   5.852   6.351   1.00 0.00 ? 6  DT A "C2'" 3 
ATOM 756  C "C1'" . DT A 1 6 ? 1.416   4.721   5.322   1.00 0.00 ? 6  DT A "C1'" 3 
ATOM 757  N N1    . DT A 1 6 ? 0.548   4.971   4.144   1.00 0.00 ? 6  DT A N1    3 
ATOM 758  C C2    . DT A 1 6 ? 1.052   4.794   2.854   1.00 0.00 ? 6  DT A C2    3 
ATOM 759  O O2    . DT A 1 6 ? 2.233   4.574   2.608   1.00 0.00 ? 6  DT A O2    3 
ATOM 760  N N3    . DT A 1 6 ? 0.142   4.890   1.817   1.00 0.00 ? 6  DT A N3    3 
ATOM 761  C C4    . DT A 1 6 ? -1.190  5.232   1.953   1.00 0.00 ? 6  DT A C4    3 
ATOM 762  O O4    . DT A 1 6 ? -1.902  5.321   0.958   1.00 0.00 ? 6  DT A O4    3 
ATOM 763  C C5    . DT A 1 6 ? -1.642  5.394   3.322   1.00 0.00 ? 6  DT A C5    3 
ATOM 764  C C7    . DT A 1 6 ? -3.086  5.762   3.600   1.00 0.00 ? 6  DT A C7    3 
ATOM 765  C C6    . DT A 1 6 ? -0.775  5.238   4.351   1.00 0.00 ? 6  DT A C6    3 
ATOM 766  P P     . DA A 1 7 ? 4.015   6.543   8.294   1.00 0.00 ? 7  DA A P     3 
ATOM 767  O OP1   . DA A 1 7 ? 5.288   6.181   8.957   1.00 0.00 ? 7  DA A OP1   3 
ATOM 768  O OP2   . DA A 1 7 ? 3.062   7.434   8.990   1.00 0.00 ? 7  DA A OP2   3 
ATOM 769  O "O5'" . DA A 1 7 ? 4.353   7.186   6.863   1.00 0.00 ? 7  DA A "O5'" 3 
ATOM 770  C "C5'" . DA A 1 7 ? 5.395   6.677   6.055   1.00 0.00 ? 7  DA A "C5'" 3 
ATOM 771  C "C4'" . DA A 1 7 ? 5.441   7.400   4.702   1.00 0.00 ? 7  DA A "C4'" 3 
ATOM 772  O "O4'" . DA A 1 7 ? 4.391   6.981   3.841   1.00 0.00 ? 7  DA A "O4'" 3 
ATOM 773  C "C3'" . DA A 1 7 ? 5.371   8.927   4.816   1.00 0.00 ? 7  DA A "C3'" 3 
ATOM 774  O "O3'" . DA A 1 7 ? 6.652   9.478   4.532   1.00 0.00 ? 7  DA A "O3'" 3 
ATOM 775  C "C2'" . DA A 1 7 ? 4.306   9.267   3.793   1.00 0.00 ? 7  DA A "C2'" 3 
ATOM 776  C "C1'" . DA A 1 7 ? 4.151   8.029   2.924   1.00 0.00 ? 7  DA A "C1'" 3 
ATOM 777  N N9    . DA A 1 7 ? 2.795   7.935   2.351   1.00 0.00 ? 7  DA A N9    3 
ATOM 778  C C8    . DA A 1 7 ? 1.629   8.124   3.027   1.00 0.00 ? 7  DA A C8    3 
ATOM 779  N N7    . DA A 1 7 ? 0.552   8.061   2.295   1.00 0.00 ? 7  DA A N7    3 
ATOM 780  C C5    . DA A 1 7 ? 1.055   7.775   1.027   1.00 0.00 ? 7  DA A C5    3 
ATOM 781  C C6    . DA A 1 7 ? 0.442   7.571   -0.223  1.00 0.00 ? 7  DA A C6    3 
ATOM 782  N N6    . DA A 1 7 ? -0.876  7.649   -0.389  1.00 0.00 ? 7  DA A N6    3 
ATOM 783  N N1    . DA A 1 7 ? 1.202   7.265   -1.286  1.00 0.00 ? 7  DA A N1    3 
ATOM 784  C C2    . DA A 1 7 ? 2.517   7.171   -1.116  1.00 0.00 ? 7  DA A C2    3 
ATOM 785  N N3    . DA A 1 7 ? 3.224   7.369   -0.007  1.00 0.00 ? 7  DA A N3    3 
ATOM 786  C C4    . DA A 1 7 ? 2.423   7.669   1.050   1.00 0.00 ? 7  DA A C4    3 
ATOM 787  P P     . DC A 1 8 ? 6.948   11.066  4.476   1.00 0.00 ? 8  DC A P     3 
ATOM 788  O OP1   . DC A 1 8 ? 8.401   11.272  4.662   1.00 0.00 ? 8  DC A OP1   3 
ATOM 789  O OP2   . DC A 1 8 ? 5.987   11.758  5.362   1.00 0.00 ? 8  DC A OP2   3 
ATOM 790  O "O5'" . DC A 1 8 ? 6.589   11.436  2.951   1.00 0.00 ? 8  DC A "O5'" 3 
ATOM 791  C "C5'" . DC A 1 8 ? 7.375   10.941  1.886   1.00 0.00 ? 8  DC A "C5'" 3 
ATOM 792  C "C4'" . DC A 1 8 ? 6.644   11.126  0.554   1.00 0.00 ? 8  DC A "C4'" 3 
ATOM 793  O "O4'" . DC A 1 8 ? 5.390   10.469  0.559   1.00 0.00 ? 8  DC A "O4'" 3 
ATOM 794  C "C3'" . DC A 1 8 ? 6.317   12.579  0.216   1.00 0.00 ? 8  DC A "C3'" 3 
ATOM 795  O "O3'" . DC A 1 8 ? 7.396   13.223  -0.428  1.00 0.00 ? 8  DC A "O3'" 3 
ATOM 796  C "C2'" . DC A 1 8 ? 5.114   12.438  -0.719  1.00 0.00 ? 8  DC A "C2'" 3 
ATOM 797  C "C1'" . DC A 1 8 ? 4.629   10.995  -0.513  1.00 0.00 ? 8  DC A "C1'" 3 
ATOM 798  N N1    . DC A 1 8 ? 3.178   10.942  -0.200  1.00 0.00 ? 8  DC A N1    3 
ATOM 799  C C2    . DC A 1 8 ? 2.275   10.637  -1.211  1.00 0.00 ? 8  DC A C2    3 
ATOM 800  O O2    . DC A 1 8 ? 2.648   10.420  -2.360  1.00 0.00 ? 8  DC A O2    3 
ATOM 801  N N3    . DC A 1 8 ? 0.944   10.601  -0.921  1.00 0.00 ? 8  DC A N3    3 
ATOM 802  C C4    . DC A 1 8 ? 0.508   10.873  0.312   1.00 0.00 ? 8  DC A C4    3 
ATOM 803  N N4    . DC A 1 8 ? -0.794  10.775  0.548   1.00 0.00 ? 8  DC A N4    3 
ATOM 804  C C5    . DC A 1 8 ? 1.410   11.226  1.363   1.00 0.00 ? 8  DC A C5    3 
ATOM 805  C C6    . DC A 1 8 ? 2.727   11.244  1.055   1.00 0.00 ? 8  DC A C6    3 
ATOM 806  O "O5'" . DG B 1 1 ? -7.057  11.717  -10.355 1.00 0.00 ? 9  DG B "O5'" 3 
ATOM 807  C "C5'" . DG B 1 1 ? -6.541  11.472  -9.064  1.00 0.00 ? 9  DG B "C5'" 3 
ATOM 808  C "C4'" . DG B 1 1 ? -5.010  11.626  -9.064  1.00 0.00 ? 9  DG B "C4'" 3 
ATOM 809  O "O4'" . DG B 1 1 ? -4.501  11.830  -7.752  1.00 0.00 ? 9  DG B "O4'" 3 
ATOM 810  C "C3'" . DG B 1 1 ? -4.281  10.429  -9.662  1.00 0.00 ? 9  DG B "C3'" 3 
ATOM 811  O "O3'" . DG B 1 1 ? -3.257  10.891  -10.524 1.00 0.00 ? 9  DG B "O3'" 3 
ATOM 812  C "C2'" . DG B 1 1 ? -3.719  9.759   -8.420  1.00 0.00 ? 9  DG B "C2'" 3 
ATOM 813  C "C1'" . DG B 1 1 ? -3.415  10.945  -7.522  1.00 0.00 ? 9  DG B "C1'" 3 
ATOM 814  N N9    . DG B 1 1 ? -3.422  10.541  -6.110  1.00 0.00 ? 9  DG B N9    3 
ATOM 815  C C8    . DG B 1 1 ? -4.487  10.064  -5.411  1.00 0.00 ? 9  DG B C8    3 
ATOM 816  N N7    . DG B 1 1 ? -4.255  9.853   -4.145  1.00 0.00 ? 9  DG B N7    3 
ATOM 817  C C5    . DG B 1 1 ? -2.910  10.198  -4.004  1.00 0.00 ? 9  DG B C5    3 
ATOM 818  C C6    . DG B 1 1 ? -2.055  10.163  -2.862  1.00 0.00 ? 9  DG B C6    3 
ATOM 819  O O6    . DG B 1 1 ? -2.346  9.892   -1.699  1.00 0.00 ? 9  DG B O6    3 
ATOM 820  N N1    . DG B 1 1 ? -0.739  10.470  -3.173  1.00 0.00 ? 9  DG B N1    3 
ATOM 821  C C2    . DG B 1 1 ? -0.295  10.818  -4.427  1.00 0.00 ? 9  DG B C2    3 
ATOM 822  N N2    . DG B 1 1 ? 1.010   10.966  -4.623  1.00 0.00 ? 9  DG B N2    3 
ATOM 823  N N3    . DG B 1 1 ? -1.098  10.911  -5.486  1.00 0.00 ? 9  DG B N3    3 
ATOM 824  C C4    . DG B 1 1 ? -2.385  10.584  -5.214  1.00 0.00 ? 9  DG B C4    3 
ATOM 825  P P     . DT B 1 2 ? -2.365  9.883   -11.409 1.00 0.00 ? 10 DT B P     3 
ATOM 826  O OP1   . DT B 1 2 ? -1.721  10.658  -12.493 1.00 0.00 ? 10 DT B OP1   3 
ATOM 827  O OP2   . DT B 1 2 ? -3.194  8.706   -11.744 1.00 0.00 ? 10 DT B OP2   3 
ATOM 828  O "O5'" . DT B 1 2 ? -1.216  9.408   -10.383 1.00 0.00 ? 10 DT B "O5'" 3 
ATOM 829  C "C5'" . DT B 1 2 ? -0.128  10.250  -10.047 1.00 0.00 ? 10 DT B "C5'" 3 
ATOM 830  C "C4'" . DT B 1 2 ? 0.907   9.539   -9.157  1.00 0.00 ? 10 DT B "C4'" 3 
ATOM 831  O "O4'" . DT B 1 2 ? 0.442   9.394   -7.823  1.00 0.00 ? 10 DT B "O4'" 3 
ATOM 832  C "C3'" . DT B 1 2 ? 1.273   8.127   -9.643  1.00 0.00 ? 10 DT B "C3'" 3 
ATOM 833  O "O3'" . DT B 1 2 ? 2.602   7.912   -10.121 1.00 0.00 ? 10 DT B "O3'" 3 
ATOM 834  C "C2'" . DT B 1 2 ? 0.833   7.220   -8.501  1.00 0.00 ? 10 DT B "C2'" 3 
ATOM 835  C "C1'" . DT B 1 2 ? 0.943   8.170   -7.312  1.00 0.00 ? 10 DT B "C1'" 3 
ATOM 836  N N1    . DT B 1 2 ? 0.147   7.753   -6.135  1.00 0.00 ? 10 DT B N1    3 
ATOM 837  C C2    . DT B 1 2 ? 0.734   7.739   -4.870  1.00 0.00 ? 10 DT B C2    3 
ATOM 838  O O2    . DT B 1 2 ? 1.926   7.948   -4.663  1.00 0.00 ? 10 DT B O2    3 
ATOM 839  N N3    . DT B 1 2 ? -0.106  7.466   -3.810  1.00 0.00 ? 10 DT B N3    3 
ATOM 840  C C4    . DT B 1 2 ? -1.433  7.110   -3.910  1.00 0.00 ? 10 DT B C4    3 
ATOM 841  O O4    . DT B 1 2 ? -2.062  6.809   -2.899  1.00 0.00 ? 10 DT B O4    3 
ATOM 842  C C5    . DT B 1 2 ? -1.976  7.150   -5.255  1.00 0.00 ? 10 DT B C5    3 
ATOM 843  C C7    . DT B 1 2 ? -3.428  6.791   -5.497  1.00 0.00 ? 10 DT B C7    3 
ATOM 844  C C6    . DT B 1 2 ? -1.180  7.472   -6.302  1.00 0.00 ? 10 DT B C6    3 
ATOM 845  P P     . DA B 1 3 ? 3.989   8.202   -9.322  1.00 0.00 ? 11 DA B P     3 
ATOM 846  O OP1   . DA B 1 3 ? 3.932   9.532   -8.681  1.00 0.00 ? 11 DA B OP1   3 
ATOM 847  O OP2   . DA B 1 3 ? 5.093   7.913   -10.263 1.00 0.00 ? 11 DA B OP2   3 
ATOM 848  O "O5'" . DA B 1 3 ? 4.065   7.110   -8.145  1.00 0.00 ? 11 DA B "O5'" 3 
ATOM 849  C "C5'" . DA B 1 3 ? 4.257   5.735   -8.409  1.00 0.00 ? 11 DA B "C5'" 3 
ATOM 850  C "C4'" . DA B 1 3 ? 4.819   5.063   -7.153  1.00 0.00 ? 11 DA B "C4'" 3 
ATOM 851  O "O4'" . DA B 1 3 ? 4.022   5.339   -6.005  1.00 0.00 ? 11 DA B "O4'" 3 
ATOM 852  C "C3'" . DA B 1 3 ? 4.884   3.546   -7.324  1.00 0.00 ? 11 DA B "C3'" 3 
ATOM 853  O "O3'" . DA B 1 3 ? 6.146   3.106   -6.849  1.00 0.00 ? 11 DA B "O3'" 3 
ATOM 854  C "C2'" . DA B 1 3 ? 3.718   3.110   -6.449  1.00 0.00 ? 11 DA B "C2'" 3 
ATOM 855  C "C1'" . DA B 1 3 ? 3.758   4.131   -5.317  1.00 0.00 ? 11 DA B "C1'" 3 
ATOM 856  N N9    . DA B 1 3 ? 2.451   4.238   -4.643  1.00 0.00 ? 11 DA B N9    3 
ATOM 857  C C8    . DA B 1 3 ? 1.255   4.475   -5.253  1.00 0.00 ? 11 DA B C8    3 
ATOM 858  N N7    . DA B 1 3 ? 0.231   4.530   -4.448  1.00 0.00 ? 11 DA B N7    3 
ATOM 859  C C5    . DA B 1 3 ? 0.813   4.368   -3.191  1.00 0.00 ? 11 DA B C5    3 
ATOM 860  C C6    . DA B 1 3 ? 0.295   4.388   -1.882  1.00 0.00 ? 11 DA B C6    3 
ATOM 861  N N6    . DA B 1 3 ? -0.991  4.616   -1.633  1.00 0.00 ? 11 DA B N6    3 
ATOM 862  N N1    . DA B 1 3 ? 1.126   4.250   -0.836  1.00 0.00 ? 11 DA B N1    3 
ATOM 863  C C2    . DA B 1 3 ? 2.422   4.082   -1.088  1.00 0.00 ? 11 DA B C2    3 
ATOM 864  N N3    . DA B 1 3 ? 3.038   4.035   -2.265  1.00 0.00 ? 11 DA B N3    3 
ATOM 865  C C4    . DA B 1 3 ? 2.168   4.196   -3.295  1.00 0.00 ? 11 DA B C4    3 
ATOM 866  P P     . DT B 1 4 ? 6.593   1.559   -6.848  1.00 0.00 ? 12 DT B P     3 
ATOM 867  O OP1   . DT B 1 4 ? 8.019   1.484   -7.229  1.00 0.00 ? 12 DT B OP1   3 
ATOM 868  O OP2   . DT B 1 4 ? 5.586   0.764   -7.583  1.00 0.00 ? 12 DT B OP2   3 
ATOM 869  O "O5'" . DT B 1 4 ? 6.471   1.191   -5.290  1.00 0.00 ? 12 DT B "O5'" 3 
ATOM 870  C "C5'" . DT B 1 4 ? 7.385   1.708   -4.339  1.00 0.00 ? 12 DT B "C5'" 3 
ATOM 871  C "C4'" . DT B 1 4 ? 7.000   1.255   -2.926  1.00 0.00 ? 12 DT B "C4'" 3 
ATOM 872  O "O4'" . DT B 1 4 ? 5.679   1.689   -2.640  1.00 0.00 ? 12 DT B "O4'" 3 
ATOM 873  C "C3'" . DT B 1 4 ? 7.052   -0.271  -2.764  1.00 0.00 ? 12 DT B "C3'" 3 
ATOM 874  O "O3'" . DT B 1 4 ? 7.461   -0.704  -1.485  1.00 0.00 ? 12 DT B "O3'" 3 
ATOM 875  C "C2'" . DT B 1 4 ? 5.590   -0.590  -2.860  1.00 0.00 ? 12 DT B "C2'" 3 
ATOM 876  C "C1'" . DT B 1 4 ? 4.991   0.585   -2.098  1.00 0.00 ? 12 DT B "C1'" 3 
ATOM 877  N N1    . DT B 1 4 ? 3.530   0.705   -2.297  1.00 0.00 ? 12 DT B N1    3 
ATOM 878  C C2    . DT B 1 4 ? 2.722   0.906   -1.186  1.00 0.00 ? 12 DT B C2    3 
ATOM 879  O O2    . DT B 1 4 ? 3.142   0.967   -0.035  1.00 0.00 ? 12 DT B O2    3 
ATOM 880  N N3    . DT B 1 4 ? 1.373   1.030   -1.431  1.00 0.00 ? 12 DT B N3    3 
ATOM 881  C C4    . DT B 1 4 ? 0.759   1.003   -2.661  1.00 0.00 ? 12 DT B C4    3 
ATOM 882  O O4    . DT B 1 4 ? -0.452  1.198   -2.738  1.00 0.00 ? 12 DT B O4    3 
ATOM 883  C C5    . DT B 1 4 ? 1.663   0.786   -3.775  1.00 0.00 ? 12 DT B C5    3 
ATOM 884  C C7    . DT B 1 4 ? 1.102   0.714   -5.183  1.00 0.00 ? 12 DT B C7    3 
ATOM 885  C C6    . DT B 1 4 ? 2.997   0.652   -3.558  1.00 0.00 ? 12 DT B C6    3 
ATOM 886  P P     . DA B 1 5 ? 8.999   -0.857  -1.064  1.00 0.00 ? 13 DA B P     3 
ATOM 887  O OP1   . DA B 1 5 ? 9.723   0.392   -1.379  1.00 0.00 ? 13 DA B OP1   3 
ATOM 888  O OP2   . DA B 1 5 ? 9.498   -2.149  -1.586  1.00 0.00 ? 13 DA B OP2   3 
ATOM 889  O "O5'" . DA B 1 5 ? 8.824   -0.980  0.532   1.00 0.00 ? 13 DA B "O5'" 3 
ATOM 890  C "C5'" . DA B 1 5 ? 8.681   0.167   1.354   1.00 0.00 ? 13 DA B "C5'" 3 
ATOM 891  C "C4'" . DA B 1 5 ? 7.680   -0.075  2.492   1.00 0.00 ? 13 DA B "C4'" 3 
ATOM 892  O "O4'" . DA B 1 5 ? 6.367   -0.125  1.961   1.00 0.00 ? 13 DA B "O4'" 3 
ATOM 893  C "C3'" . DA B 1 5 ? 7.927   -1.364  3.288   1.00 0.00 ? 13 DA B "C3'" 3 
ATOM 894  O "O3'" . DA B 1 5 ? 8.057   -1.045  4.665   1.00 0.00 ? 13 DA B "O3'" 3 
ATOM 895  C "C2'" . DA B 1 5 ? 6.712   -2.203  2.955   1.00 0.00 ? 13 DA B "C2'" 3 
ATOM 896  C "C1'" . DA B 1 5 ? 5.651   -1.192  2.548   1.00 0.00 ? 13 DA B "C1'" 3 
ATOM 897  N N9    . DA B 1 5 ? 4.768   -1.739  1.509   1.00 0.00 ? 13 DA B N9    3 
ATOM 898  C C8    . DA B 1 5 ? 5.156   -2.217  0.288   1.00 0.00 ? 13 DA B C8    3 
ATOM 899  N N7    . DA B 1 5 ? 4.170   -2.459  -0.532  1.00 0.00 ? 13 DA B N7    3 
ATOM 900  C C5    . DA B 1 5 ? 3.053   -2.101  0.208   1.00 0.00 ? 13 DA B C5    3 
ATOM 901  C C6    . DA B 1 5 ? 1.688   -2.057  -0.100  1.00 0.00 ? 13 DA B C6    3 
ATOM 902  N N6    . DA B 1 5 ? 1.241   -2.321  -1.326  1.00 0.00 ? 13 DA B N6    3 
ATOM 903  N N1    . DA B 1 5 ? 0.814   -1.723  0.856   1.00 0.00 ? 13 DA B N1    3 
ATOM 904  C C2    . DA B 1 5 ? 1.274   -1.429  2.069   1.00 0.00 ? 13 DA B C2    3 
ATOM 905  N N3    . DA B 1 5 ? 2.537   -1.383  2.477   1.00 0.00 ? 13 DA B N3    3 
ATOM 906  C C4    . DA B 1 5 ? 3.395   -1.713  1.476   1.00 0.00 ? 13 DA B C4    3 
ATOM 907  P P     . DT B 1 6 ? 8.356   -2.153  5.801   1.00 0.00 ? 14 DT B P     3 
ATOM 908  O OP1   . DT B 1 6 ? 8.827   -1.455  7.019   1.00 0.00 ? 14 DT B OP1   3 
ATOM 909  O OP2   . DT B 1 6 ? 9.182   -3.226  5.207   1.00 0.00 ? 14 DT B OP2   3 
ATOM 910  O "O5'" . DT B 1 6 ? 6.894   -2.750  6.102   1.00 0.00 ? 14 DT B "O5'" 3 
ATOM 911  C "C5'" . DT B 1 6 ? 5.888   -1.944  6.682   1.00 0.00 ? 14 DT B "C5'" 3 
ATOM 912  C "C4'" . DT B 1 6 ? 4.531   -2.655  6.668   1.00 0.00 ? 14 DT B "C4'" 3 
ATOM 913  O "O4'" . DT B 1 6 ? 3.997   -2.833  5.370   1.00 0.00 ? 14 DT B "O4'" 3 
ATOM 914  C "C3'" . DT B 1 6 ? 4.554   -4.025  7.355   1.00 0.00 ? 14 DT B "C3'" 3 
ATOM 915  O "O3'" . DT B 1 6 ? 3.764   -3.933  8.530   1.00 0.00 ? 14 DT B "O3'" 3 
ATOM 916  C "C2'" . DT B 1 6 ? 3.975   -4.935  6.270   1.00 0.00 ? 14 DT B "C2'" 3 
ATOM 917  C "C1'" . DT B 1 6 ? 3.155   -3.969  5.415   1.00 0.00 ? 14 DT B "C1'" 3 
ATOM 918  N N1    . DT B 1 6 ? 2.917   -4.422  4.022   1.00 0.00 ? 14 DT B N1    3 
ATOM 919  C C2    . DT B 1 6 ? 1.628   -4.394  3.489   1.00 0.00 ? 14 DT B C2    3 
ATOM 920  O O2    . DT B 1 6 ? 0.623   -4.146  4.148   1.00 0.00 ? 14 DT B O2    3 
ATOM 921  N N3    . DT B 1 6 ? 1.509   -4.677  2.140   1.00 0.00 ? 14 DT B N3    3 
ATOM 922  C C4    . DT B 1 6 ? 2.545   -5.048  1.307   1.00 0.00 ? 14 DT B C4    3 
ATOM 923  O O4    . DT B 1 6 ? 2.318   -5.296  0.127   1.00 0.00 ? 14 DT B O4    3 
ATOM 924  C C5    . DT B 1 6 ? 3.859   -5.039  1.925   1.00 0.00 ? 14 DT B C5    3 
ATOM 925  C C7    . DT B 1 6 ? 5.078   -5.425  1.110   1.00 0.00 ? 14 DT B C7    3 
ATOM 926  C C6    . DT B 1 6 ? 3.996   -4.711  3.233   1.00 0.00 ? 14 DT B C6    3 
ATOM 927  P P     . DA B 1 7 ? 3.605   -5.149  9.568   1.00 0.00 ? 15 DA B P     3 
ATOM 928  O OP1   . DA B 1 7 ? 3.135   -4.602  10.861  1.00 0.00 ? 15 DA B OP1   3 
ATOM 929  O OP2   . DA B 1 7 ? 4.832   -5.976  9.530   1.00 0.00 ? 15 DA B OP2   3 
ATOM 930  O "O5'" . DA B 1 7 ? 2.403   -5.981  8.910   1.00 0.00 ? 15 DA B "O5'" 3 
ATOM 931  C "C5'" . DA B 1 7 ? 1.072   -5.519  9.005   1.00 0.00 ? 15 DA B "C5'" 3 
ATOM 932  C "C4'" . DA B 1 7 ? 0.111   -6.394  8.195   1.00 0.00 ? 15 DA B "C4'" 3 
ATOM 933  O "O4'" . DA B 1 7 ? 0.226   -6.181  6.797   1.00 0.00 ? 15 DA B "O4'" 3 
ATOM 934  C "C3'" . DA B 1 7 ? 0.283   -7.892  8.456   1.00 0.00 ? 15 DA B "C3'" 3 
ATOM 935  O "O3'" . DA B 1 7 ? -0.794  -8.334  9.274   1.00 0.00 ? 15 DA B "O3'" 3 
ATOM 936  C "C2'" . DA B 1 7 ? 0.281   -8.454  7.049   1.00 0.00 ? 15 DA B "C2'" 3 
ATOM 937  C "C1'" . DA B 1 7 ? -0.254  -7.348  6.156   1.00 0.00 ? 15 DA B "C1'" 3 
ATOM 938  N N9    . DA B 1 7 ? 0.275   -7.454  4.784   1.00 0.00 ? 15 DA B N9    3 
ATOM 939  C C8    . DA B 1 7 ? 1.579   -7.642  4.449   1.00 0.00 ? 15 DA B C8    3 
ATOM 940  N N7    . DA B 1 7 ? 1.808   -7.759  3.169   1.00 0.00 ? 15 DA B N7    3 
ATOM 941  C C5    . DA B 1 7 ? 0.537   -7.613  2.613   1.00 0.00 ? 15 DA B C5    3 
ATOM 942  C C6    . DA B 1 7 ? 0.062   -7.628  1.289   1.00 0.00 ? 15 DA B C6    3 
ATOM 943  N N6    . DA B 1 7 ? 0.868   -7.813  0.247   1.00 0.00 ? 15 DA B N6    3 
ATOM 944  N N1    . DA B 1 7 ? -1.244  -7.426  1.056   1.00 0.00 ? 15 DA B N1    3 
ATOM 945  C C2    . DA B 1 7 ? -2.047  -7.222  2.097   1.00 0.00 ? 15 DA B C2    3 
ATOM 946  N N3    . DA B 1 7 ? -1.737  -7.206  3.389   1.00 0.00 ? 15 DA B N3    3 
ATOM 947  C C4    . DA B 1 7 ? -0.407  -7.407  3.588   1.00 0.00 ? 15 DA B C4    3 
ATOM 948  P P     . DC B 1 8 ? -1.034  -9.880  9.678   1.00 0.00 ? 16 DC B P     3 
ATOM 949  O OP1   . DC B 1 8 ? -1.861  -9.910  10.903  1.00 0.00 ? 16 DC B OP1   3 
ATOM 950  O OP2   . DC B 1 8 ? 0.266   -10.581 9.648   1.00 0.00 ? 16 DC B OP2   3 
ATOM 951  O "O5'" . DC B 1 8 ? -1.923  -10.430 8.456   1.00 0.00 ? 16 DC B "O5'" 3 
ATOM 952  C "C5'" . DC B 1 8 ? -3.238  -9.960  8.236   1.00 0.00 ? 16 DC B "C5'" 3 
ATOM 953  C "C4'" . DC B 1 8 ? -3.705  -10.365 6.833   1.00 0.00 ? 16 DC B "C4'" 3 
ATOM 954  O "O4'" . DC B 1 8 ? -2.823  -9.874  5.840   1.00 0.00 ? 16 DC B "O4'" 3 
ATOM 955  C "C3'" . DC B 1 8 ? -3.722  -11.876 6.607   1.00 0.00 ? 16 DC B "C3'" 3 
ATOM 956  O "O3'" . DC B 1 8 ? -4.924  -12.466 7.055   1.00 0.00 ? 16 DC B "O3'" 3 
ATOM 957  C "C2'" . DC B 1 8 ? -3.574  -11.984 5.089   1.00 0.00 ? 16 DC B "C2'" 3 
ATOM 958  C "C1'" . DC B 1 8 ? -3.069  -10.602 4.650   1.00 0.00 ? 16 DC B "C1'" 3 
ATOM 959  N N1    . DC B 1 8 ? -1.834  -10.698 3.824   1.00 0.00 ? 16 DC B N1    3 
ATOM 960  C C2    . DC B 1 8 ? -1.936  -10.621 2.440   1.00 0.00 ? 16 DC B C2    3 
ATOM 961  O O2    . DC B 1 8 ? -3.025  -10.533 1.881   1.00 0.00 ? 16 DC B O2    3 
ATOM 962  N N3    . DC B 1 8 ? -0.800  -10.666 1.687   1.00 0.00 ? 16 DC B N3    3 
ATOM 963  C C4    . DC B 1 8 ? 0.395   -10.808 2.266   1.00 0.00 ? 16 DC B C4    3 
ATOM 964  N N4    . DC B 1 8 ? 1.470   -10.786 1.487   1.00 0.00 ? 16 DC B N4    3 
ATOM 965  C C5    . DC B 1 8 ? 0.528   -10.947 3.681   1.00 0.00 ? 16 DC B C5    3 
ATOM 966  C C6    . DC B 1 8 ? -0.612  -10.887 4.410   1.00 0.00 ? 16 DC B C6    3 
ATOM 967  O "O5'" . DG A 1 1 ? -5.234  -15.947 1.750   1.00 0.00 ? 1  DG A "O5'" 4 
ATOM 968  C "C5'" . DG A 1 1 ? -4.956  -14.848 2.590   1.00 0.00 ? 1  DG A "C5'" 4 
ATOM 969  C "C4'" . DG A 1 1 ? -6.134  -13.862 2.594   1.00 0.00 ? 1  DG A "C4'" 4 
ATOM 970  O "O4'" . DG A 1 1 ? -5.995  -12.898 3.628   1.00 0.00 ? 1  DG A "O4'" 4 
ATOM 971  C "C3'" . DG A 1 1 ? -6.294  -13.115 1.277   1.00 0.00 ? 1  DG A "C3'" 4 
ATOM 972  O "O3'" . DG A 1 1 ? -7.660  -13.093 0.902   1.00 0.00 ? 1  DG A "O3'" 4 
ATOM 973  C "C2'" . DG A 1 1 ? -5.794  -11.729 1.638   1.00 0.00 ? 1  DG A "C2'" 4 
ATOM 974  C "C1'" . DG A 1 1 ? -6.210  -11.602 3.093   1.00 0.00 ? 1  DG A "C1'" 4 
ATOM 975  N N9    . DG A 1 1 ? -5.343  -10.643 3.792   1.00 0.00 ? 1  DG A N9    4 
ATOM 976  C C8    . DG A 1 1 ? -3.998  -10.743 3.970   1.00 0.00 ? 1  DG A C8    4 
ATOM 977  N N7    . DG A 1 1 ? -3.471  -9.778  4.672   1.00 0.00 ? 1  DG A N7    4 
ATOM 978  C C5    . DG A 1 1 ? -4.562  -8.960  4.965   1.00 0.00 ? 1  DG A C5    4 
ATOM 979  C C6    . DG A 1 1 ? -4.642  -7.733  5.690   1.00 0.00 ? 1  DG A C6    4 
ATOM 980  O O6    . DG A 1 1 ? -3.752  -7.149  6.303   1.00 0.00 ? 1  DG A O6    4 
ATOM 981  N N1    . DG A 1 1 ? -5.910  -7.175  5.654   1.00 0.00 ? 1  DG A N1    4 
ATOM 982  C C2    . DG A 1 1 ? -6.996  -7.751  5.040   1.00 0.00 ? 1  DG A C2    4 
ATOM 983  N N2    . DG A 1 1 ? -8.132  -7.070  4.981   1.00 0.00 ? 1  DG A N2    4 
ATOM 984  N N3    . DG A 1 1 ? -6.946  -8.923  4.410   1.00 0.00 ? 1  DG A N3    4 
ATOM 985  C C4    . DG A 1 1 ? -5.706  -9.471  4.400   1.00 0.00 ? 1  DG A C4    4 
ATOM 986  P P     . DT A 1 2 ? -8.149  -12.452 -0.495  1.00 0.00 ? 2  DT A P     4 
ATOM 987  O OP1   . DT A 1 2 ? -9.475  -13.017 -0.827  1.00 0.00 ? 2  DT A OP1   4 
ATOM 988  O OP2   . DT A 1 2 ? -7.036  -12.571 -1.462  1.00 0.00 ? 2  DT A OP2   4 
ATOM 989  O "O5'" . DT A 1 2 ? -8.339  -10.887 -0.147  1.00 0.00 ? 2  DT A "O5'" 4 
ATOM 990  C "C5'" . DT A 1 2 ? -9.445  -10.437 0.615   1.00 0.00 ? 2  DT A "C5'" 4 
ATOM 991  C "C4'" . DT A 1 2 ? -9.462  -8.907  0.763   1.00 0.00 ? 2  DT A "C4'" 4 
ATOM 992  O "O4'" . DT A 1 2 ? -8.441  -8.431  1.625   1.00 0.00 ? 2  DT A "O4'" 4 
ATOM 993  C "C3'" . DT A 1 2 ? -9.301  -8.167  -0.569  1.00 0.00 ? 2  DT A "C3'" 4 
ATOM 994  O "O3'" . DT A 1 2 ? -10.368 -7.240  -0.697  1.00 0.00 ? 2  DT A "O3'" 4 
ATOM 995  C "C2'" . DT A 1 2 ? -7.953  -7.485  -0.420  1.00 0.00 ? 2  DT A "C2'" 4 
ATOM 996  C "C1'" . DT A 1 2 ? -7.958  -7.217  1.080   1.00 0.00 ? 2  DT A "C1'" 4 
ATOM 997  N N1    . DT A 1 2 ? -6.623  -6.897  1.627   1.00 0.00 ? 2  DT A N1    4 
ATOM 998  C C2    . DT A 1 2 ? -6.472  -5.797  2.470   1.00 0.00 ? 2  DT A C2    4 
ATOM 999  O O2    . DT A 1 2 ? -7.378  -5.018  2.745   1.00 0.00 ? 2  DT A O2    4 
ATOM 1000 N N3    . DT A 1 2 ? -5.218  -5.616  3.013   1.00 0.00 ? 2  DT A N3    4 
ATOM 1001 C C4    . DT A 1 2 ? -4.101  -6.365  2.715   1.00 0.00 ? 2  DT A C4    4 
ATOM 1002 O O4    . DT A 1 2 ? -3.015  -6.048  3.194   1.00 0.00 ? 2  DT A O4    4 
ATOM 1003 C C5    . DT A 1 2 ? -4.338  -7.500  1.842   1.00 0.00 ? 2  DT A C5    4 
ATOM 1004 C C7    . DT A 1 2 ? -3.191  -8.416  1.462   1.00 0.00 ? 2  DT A C7    4 
ATOM 1005 C C6    . DT A 1 2 ? -5.576  -7.726  1.342   1.00 0.00 ? 2  DT A C6    4 
ATOM 1006 P P     . DA A 1 3 ? -10.554 -6.304  -1.993  1.00 0.00 ? 3  DA A P     4 
ATOM 1007 O OP1   . DA A 1 3 ? -12.001 -6.032  -2.141  1.00 0.00 ? 3  DA A OP1   4 
ATOM 1008 O OP2   . DA A 1 3 ? -9.797  -6.901  -3.113  1.00 0.00 ? 3  DA A OP2   4 
ATOM 1009 O "O5'" . DA A 1 3 ? -9.818  -4.933  -1.563  1.00 0.00 ? 3  DA A "O5'" 4 
ATOM 1010 C "C5'" . DA A 1 3 ? -10.493 -3.972  -0.774  1.00 0.00 ? 3  DA A "C5'" 4 
ATOM 1011 C "C4'" . DA A 1 3 ? -9.724  -2.653  -0.646  1.00 0.00 ? 3  DA A "C4'" 4 
ATOM 1012 O "O4'" . DA A 1 3 ? -8.588  -2.764  0.203   1.00 0.00 ? 3  DA A "O4'" 4 
ATOM 1013 C "C3'" . DA A 1 3 ? -9.250  -2.117  -2.000  1.00 0.00 ? 3  DA A "C3'" 4 
ATOM 1014 O "O3'" . DA A 1 3 ? -9.727  -0.789  -2.128  1.00 0.00 ? 3  DA A "O3'" 4 
ATOM 1015 C "C2'" . DA A 1 3 ? -7.734  -2.229  -1.862  1.00 0.00 ? 3  DA A "C2'" 4 
ATOM 1016 C "C1'" . DA A 1 3 ? -7.519  -2.022  -0.365  1.00 0.00 ? 3  DA A "C1'" 4 
ATOM 1017 N N9    . DA A 1 3 ? -6.235  -2.592  0.103   1.00 0.00 ? 3  DA A N9    4 
ATOM 1018 C C8    . DA A 1 3 ? -5.750  -3.842  -0.160  1.00 0.00 ? 3  DA A C8    4 
ATOM 1019 N N7    . DA A 1 3 ? -4.621  -4.130  0.429   1.00 0.00 ? 3  DA A N7    4 
ATOM 1020 C C5    . DA A 1 3 ? -4.354  -2.983  1.173   1.00 0.00 ? 3  DA A C5    4 
ATOM 1021 C C6    . DA A 1 3 ? -3.329  -2.638  2.076   1.00 0.00 ? 3  DA A C6    4 
ATOM 1022 N N6    . DA A 1 3 ? -2.356  -3.483  2.407   1.00 0.00 ? 3  DA A N6    4 
ATOM 1023 N N1    . DA A 1 3 ? -3.357  -1.441  2.684   1.00 0.00 ? 3  DA A N1    4 
ATOM 1024 C C2    . DA A 1 3 ? -4.358  -0.616  2.394   1.00 0.00 ? 3  DA A C2    4 
ATOM 1025 N N3    . DA A 1 3 ? -5.380  -0.814  1.569   1.00 0.00 ? 3  DA A N3    4 
ATOM 1026 C C4    . DA A 1 3 ? -5.328  -2.037  0.982   1.00 0.00 ? 3  DA A C4    4 
ATOM 1027 P P     . DT A 1 4 ? -9.323  0.179   -3.348  1.00 0.00 ? 4  DT A P     4 
ATOM 1028 O OP1   . DT A 1 4 ? -10.453 1.096   -3.614  1.00 0.00 ? 4  DT A OP1   4 
ATOM 1029 O OP2   . DT A 1 4 ? -8.749  -0.626  -4.449  1.00 0.00 ? 4  DT A OP2   4 
ATOM 1030 O "O5'" . DT A 1 4 ? -8.134  1.025   -2.678  1.00 0.00 ? 4  DT A "O5'" 4 
ATOM 1031 C "C5'" . DT A 1 4 ? -8.390  1.885   -1.582  1.00 0.00 ? 4  DT A "C5'" 4 
ATOM 1032 C "C4'" . DT A 1 4 ? -7.102  2.564   -1.114  1.00 0.00 ? 4  DT A "C4'" 4 
ATOM 1033 O "O4'" . DT A 1 4 ? -6.212  1.584   -0.605  1.00 0.00 ? 4  DT A "O4'" 4 
ATOM 1034 C "C3'" . DT A 1 4 ? -6.383  3.326   -2.236  1.00 0.00 ? 4  DT A "C3'" 4 
ATOM 1035 O "O3'" . DT A 1 4 ? -5.819  4.548   -1.818  1.00 0.00 ? 4  DT A "O3'" 4 
ATOM 1036 C "C2'" . DT A 1 4 ? -5.231  2.400   -2.490  1.00 0.00 ? 4  DT A "C2'" 4 
ATOM 1037 C "C1'" . DT A 1 4 ? -4.931  1.921   -1.077  1.00 0.00 ? 4  DT A "C1'" 4 
ATOM 1038 N N1    . DT A 1 4 ? -4.021  0.755   -1.048  1.00 0.00 ? 4  DT A N1    4 
ATOM 1039 C C2    . DT A 1 4 ? -2.971  0.760   -0.141  1.00 0.00 ? 4  DT A C2    4 
ATOM 1040 O O2    . DT A 1 4 ? -2.737  1.686   0.630   1.00 0.00 ? 4  DT A O2    4 
ATOM 1041 N N3    . DT A 1 4 ? -2.162  -0.353  -0.145  1.00 0.00 ? 4  DT A N3    4 
ATOM 1042 C C4    . DT A 1 4 ? -2.308  -1.470  -0.934  1.00 0.00 ? 4  DT A C4    4 
ATOM 1043 O O4    . DT A 1 4 ? -1.535  -2.414  -0.788  1.00 0.00 ? 4  DT A O4    4 
ATOM 1044 C C5    . DT A 1 4 ? -3.443  -1.415  -1.840  1.00 0.00 ? 4  DT A C5    4 
ATOM 1045 C C7    . DT A 1 4 ? -3.741  -2.591  -2.751  1.00 0.00 ? 4  DT A C7    4 
ATOM 1046 C C6    . DT A 1 4 ? -4.249  -0.322  -1.860  1.00 0.00 ? 4  DT A C6    4 
ATOM 1047 P P     . DA A 1 5 ? -6.643  5.920   -1.784  1.00 0.00 ? 5  DA A P     4 
ATOM 1048 O OP1   . DA A 1 5 ? -7.915  5.706   -1.061  1.00 0.00 ? 5  DA A OP1   4 
ATOM 1049 O OP2   . DA A 1 5 ? -6.652  6.483   -3.153  1.00 0.00 ? 5  DA A OP2   4 
ATOM 1050 O "O5'" . DA A 1 5 ? -5.654  6.795   -0.866  1.00 0.00 ? 5  DA A "O5'" 4 
ATOM 1051 C "C5'" . DA A 1 5 ? -5.736  6.753   0.549   1.00 0.00 ? 5  DA A "C5'" 4 
ATOM 1052 C "C4'" . DA A 1 5 ? -4.350  6.895   1.190   1.00 0.00 ? 5  DA A "C4'" 4 
ATOM 1053 O "O4'" . DA A 1 5 ? -3.614  5.705   0.976   1.00 0.00 ? 5  DA A "O4'" 4 
ATOM 1054 C "C3'" . DA A 1 5 ? -3.535  8.080   0.659   1.00 0.00 ? 5  DA A "C3'" 4 
ATOM 1055 O "O3'" . DA A 1 5 ? -3.073  8.855   1.755   1.00 0.00 ? 5  DA A "O3'" 4 
ATOM 1056 C "C2'" . DA A 1 5 ? -2.432  7.397   -0.118  1.00 0.00 ? 5  DA A "C2'" 4 
ATOM 1057 C "C1'" . DA A 1 5 ? -2.316  6.018   0.515   1.00 0.00 ? 5  DA A "C1'" 4 
ATOM 1058 N N9    . DA A 1 5 ? -1.961  5.006   -0.494  1.00 0.00 ? 5  DA A N9    4 
ATOM 1059 C C8    . DA A 1 5 ? -2.640  4.740   -1.652  1.00 0.00 ? 5  DA A C8    4 
ATOM 1060 N N7    . DA A 1 5 ? -2.213  3.692   -2.301  1.00 0.00 ? 5  DA A N7    4 
ATOM 1061 C C5    . DA A 1 5 ? -1.188  3.225   -1.495  1.00 0.00 ? 5  DA A C5    4 
ATOM 1062 C C6    . DA A 1 5 ? -0.358  2.102   -1.585  1.00 0.00 ? 5  DA A C6    4 
ATOM 1063 N N6    . DA A 1 5 ? -0.510  1.197   -2.551  1.00 0.00 ? 5  DA A N6    4 
ATOM 1064 N N1    . DA A 1 5 ? 0.600   1.928   -0.668  1.00 0.00 ? 5  DA A N1    4 
ATOM 1065 C C2    . DA A 1 5 ? 0.726   2.824   0.307   1.00 0.00 ? 5  DA A C2    4 
ATOM 1066 N N3    . DA A 1 5 ? -0.016  3.904   0.528   1.00 0.00 ? 5  DA A N3    4 
ATOM 1067 C C4    . DA A 1 5 ? -0.988  4.038   -0.411  1.00 0.00 ? 5  DA A C4    4 
ATOM 1068 P P     . DT A 1 6 ? -2.176  10.182  1.572   1.00 0.00 ? 6  DT A P     4 
ATOM 1069 O OP1   . DT A 1 6 ? -2.234  10.960  2.830   1.00 0.00 ? 6  DT A OP1   4 
ATOM 1070 O OP2   . DT A 1 6 ? -2.543  10.830  0.295   1.00 0.00 ? 6  DT A OP2   4 
ATOM 1071 O "O5'" . DT A 1 6 ? -0.690  9.584   1.429   1.00 0.00 ? 6  DT A "O5'" 4 
ATOM 1072 C "C5'" . DT A 1 6 ? -0.087  8.881   2.498   1.00 0.00 ? 6  DT A "C5'" 4 
ATOM 1073 C "C4'" . DT A 1 6 ? 1.252   8.270   2.071   1.00 0.00 ? 6  DT A "C4'" 4 
ATOM 1074 O "O4'" . DT A 1 6 ? 1.101   7.212   1.148   1.00 0.00 ? 6  DT A "O4'" 4 
ATOM 1075 C "C3'" . DT A 1 6 ? 2.223   9.288   1.466   1.00 0.00 ? 6  DT A "C3'" 4 
ATOM 1076 O "O3'" . DT A 1 6 ? 3.348   9.381   2.325   1.00 0.00 ? 6  DT A "O3'" 4 
ATOM 1077 C "C2'" . DT A 1 6 ? 2.518   8.673   0.096   1.00 0.00 ? 6  DT A "C2'" 4 
ATOM 1078 C "C1'" . DT A 1 6 ? 2.265   7.188   0.345   1.00 0.00 ? 6  DT A "C1'" 4 
ATOM 1079 N N1    . DT A 1 6 ? 1.955   6.388   -0.864  1.00 0.00 ? 6  DT A N1    4 
ATOM 1080 C C2    . DT A 1 6 ? 2.621   5.183   -1.085  1.00 0.00 ? 6  DT A C2    4 
ATOM 1081 O O2    . DT A 1 6 ? 3.575   4.799   -0.415  1.00 0.00 ? 6  DT A O2    4 
ATOM 1082 N N3    . DT A 1 6 ? 2.166   4.408   -2.135  1.00 0.00 ? 6  DT A N3    4 
ATOM 1083 C C4    . DT A 1 6 ? 1.158   4.764   -3.009  1.00 0.00 ? 6  DT A C4    4 
ATOM 1084 O O4    . DT A 1 6 ? 0.850   4.003   -3.921  1.00 0.00 ? 6  DT A O4    4 
ATOM 1085 C C5    . DT A 1 6 ? 0.496   6.019   -2.703  1.00 0.00 ? 6  DT A C5    4 
ATOM 1086 C C7    . DT A 1 6 ? -0.624  6.521   -3.595  1.00 0.00 ? 6  DT A C7    4 
ATOM 1087 C C6    . DT A 1 6 ? 0.898   6.763   -1.645  1.00 0.00 ? 6  DT A C6    4 
ATOM 1088 P P     . DA A 1 7 ? 4.495   10.491  2.132   1.00 0.00 ? 7  DA A P     4 
ATOM 1089 O OP1   . DA A 1 7 ? 5.293   10.577  3.376   1.00 0.00 ? 7  DA A OP1   4 
ATOM 1090 O OP2   . DA A 1 7 ? 3.894   11.717  1.560   1.00 0.00 ? 7  DA A OP2   4 
ATOM 1091 O "O5'" . DA A 1 7 ? 5.404   9.811   1.006   1.00 0.00 ? 7  DA A "O5'" 4 
ATOM 1092 C "C5'" . DA A 1 7 ? 6.357   8.823   1.339   1.00 0.00 ? 7  DA A "C5'" 4 
ATOM 1093 C "C4'" . DA A 1 7 ? 6.985   8.203   0.087   1.00 0.00 ? 7  DA A "C4'" 4 
ATOM 1094 O "O4'" . DA A 1 7 ? 6.111   7.284   -0.550  1.00 0.00 ? 7  DA A "O4'" 4 
ATOM 1095 C "C3'" . DA A 1 7 ? 7.349   9.236   -0.987  1.00 0.00 ? 7  DA A "C3'" 4 
ATOM 1096 O "O3'" . DA A 1 7 ? 8.654   9.816   -0.964  1.00 0.00 ? 7  DA A "O3'" 4 
ATOM 1097 C "C2'" . DA A 1 7 ? 6.963   8.546   -2.284  1.00 0.00 ? 7  DA A "C2'" 4 
ATOM 1098 C "C1'" . DA A 1 7 ? 6.576   7.122   -1.879  1.00 0.00 ? 7  DA A "C1'" 4 
ATOM 1099 N N9    . DA A 1 7 ? 5.520   6.561   -2.748  1.00 0.00 ? 7  DA A N9    4 
ATOM 1100 C C8    . DA A 1 7 ? 4.399   7.211   -3.168  1.00 0.00 ? 7  DA A C8    4 
ATOM 1101 N N7    . DA A 1 7 ? 3.673   6.558   -4.033  1.00 0.00 ? 7  DA A N7    4 
ATOM 1102 C C5    . DA A 1 7 ? 4.351   5.345   -4.150  1.00 0.00 ? 7  DA A C5    4 
ATOM 1103 C C6    . DA A 1 7 ? 4.103   4.181   -4.899  1.00 0.00 ? 7  DA A C6    4 
ATOM 1104 N N6    . DA A 1 7 ? 3.072   4.083   -5.735  1.00 0.00 ? 7  DA A N6    4 
ATOM 1105 N N1    . DA A 1 7 ? 4.908   3.119   -4.751  1.00 0.00 ? 7  DA A N1    4 
ATOM 1106 C C2    . DA A 1 7 ? 5.925   3.213   -3.898  1.00 0.00 ? 7  DA A C2    4 
ATOM 1107 N N3    . DA A 1 7 ? 6.295   4.259   -3.166  1.00 0.00 ? 7  DA A N3    4 
ATOM 1108 C C4    . DA A 1 7 ? 5.455   5.315   -3.335  1.00 0.00 ? 7  DA A C4    4 
ATOM 1109 P P     . DC A 1 8 ? 10.059  9.005   -0.916  1.00 0.00 ? 8  DC A P     4 
ATOM 1110 O OP1   . DC A 1 8 ? 10.112  8.201   0.324   1.00 0.00 ? 8  DC A OP1   4 
ATOM 1111 O OP2   . DC A 1 8 ? 11.138  9.979   -1.186  1.00 0.00 ? 8  DC A OP2   4 
ATOM 1112 O "O5'" . DC A 1 8 ? 9.986   8.011   -2.175  1.00 0.00 ? 8  DC A "O5'" 4 
ATOM 1113 C "C5'" . DC A 1 8 ? 10.672  6.779   -2.169  1.00 0.00 ? 8  DC A "C5'" 4 
ATOM 1114 C "C4'" . DC A 1 8 ? 10.553  6.092   -3.533  1.00 0.00 ? 8  DC A "C4'" 4 
ATOM 1115 O "O4'" . DC A 1 8 ? 9.206   5.878   -3.915  1.00 0.00 ? 8  DC A "O4'" 4 
ATOM 1116 C "C3'" . DC A 1 8 ? 11.145  6.890   -4.693  1.00 0.00 ? 8  DC A "C3'" 4 
ATOM 1117 O "O3'" . DC A 1 8 ? 12.531  6.659   -4.839  1.00 0.00 ? 8  DC A "O3'" 4 
ATOM 1118 C "C2'" . DC A 1 8 ? 10.366  6.368   -5.903  1.00 0.00 ? 8  DC A "C2'" 4 
ATOM 1119 C "C1'" . DC A 1 8 ? 9.216   5.551   -5.294  1.00 0.00 ? 8  DC A "C1'" 4 
ATOM 1120 N N1    . DC A 1 8 ? 7.902   5.859   -5.922  1.00 0.00 ? 8  DC A N1    4 
ATOM 1121 C C2    . DC A 1 8 ? 7.261   4.887   -6.682  1.00 0.00 ? 8  DC A C2    4 
ATOM 1122 O O2    . DC A 1 8 ? 7.780   3.798   -6.906  1.00 0.00 ? 8  DC A O2    4 
ATOM 1123 N N3    . DC A 1 8 ? 6.036   5.160   -7.210  1.00 0.00 ? 8  DC A N3    4 
ATOM 1124 C C4    . DC A 1 8 ? 5.461   6.350   -7.019  1.00 0.00 ? 8  DC A C4    4 
ATOM 1125 N N4    . DC A 1 8 ? 4.239   6.536   -7.506  1.00 0.00 ? 8  DC A N4    4 
ATOM 1126 C C5    . DC A 1 8 ? 6.114   7.386   -6.283  1.00 0.00 ? 8  DC A C5    4 
ATOM 1127 C C6    . DC A 1 8 ? 7.327   7.089   -5.758  1.00 0.00 ? 8  DC A C6    4 
ATOM 1128 O "O5'" . DG B 1 1 ? 2.137   -2.183  -16.483 1.00 0.00 ? 9  DG B "O5'" 4 
ATOM 1129 C "C5'" . DG B 1 1 ? 2.128   -1.199  -15.471 1.00 0.00 ? 9  DG B "C5'" 4 
ATOM 1130 C "C4'" . DG B 1 1 ? 3.518   -1.084  -14.824 1.00 0.00 ? 9  DG B "C4'" 4 
ATOM 1131 O "O4'" . DG B 1 1 ? 3.681   0.154   -14.141 1.00 0.00 ? 9  DG B "O4'" 4 
ATOM 1132 C "C3'" . DG B 1 1 ? 3.817   -2.199  -13.830 1.00 0.00 ? 9  DG B "C3'" 4 
ATOM 1133 O "O3'" . DG B 1 1 ? 5.143   -2.661  -14.029 1.00 0.00 ? 9  DG B "O3'" 4 
ATOM 1134 C "C2'" . DG B 1 1 ? 3.670   -1.478  -12.504 1.00 0.00 ? 9  DG B "C2'" 4 
ATOM 1135 C "C1'" . DG B 1 1 ? 4.190   -0.092  -12.838 1.00 0.00 ? 9  DG B "C1'" 4 
ATOM 1136 N N9    . DG B 1 1 ? 3.635   0.897   -11.905 1.00 0.00 ? 9  DG B N9    4 
ATOM 1137 C C8    . DG B 1 1 ? 2.327   1.233   -11.767 1.00 0.00 ? 9  DG B C8    4 
ATOM 1138 N N7    . DG B 1 1 ? 2.098   2.178   -10.896 1.00 0.00 ? 9  DG B N7    4 
ATOM 1139 C C5    . DG B 1 1 ? 3.368   2.465   -10.394 1.00 0.00 ? 9  DG B C5    4 
ATOM 1140 C C6    . DG B 1 1 ? 3.790   3.381   -9.383  1.00 0.00 ? 9  DG B C6    4 
ATOM 1141 O O6    . DG B 1 1 ? 3.116   4.214   -8.778  1.00 0.00 ? 9  DG B O6    4 
ATOM 1142 N N1    . DG B 1 1 ? 5.136   3.254   -9.078  1.00 0.00 ? 9  DG B N1    4 
ATOM 1143 C C2    . DG B 1 1 ? 5.999   2.384   -9.701  1.00 0.00 ? 9  DG B C2    4 
ATOM 1144 N N2    . DG B 1 1 ? 7.230   2.250   -9.223  1.00 0.00 ? 9  DG B N2    4 
ATOM 1145 N N3    . DG B 1 1 ? 5.628   1.572   -10.690 1.00 0.00 ? 9  DG B N3    4 
ATOM 1146 C C4    . DG B 1 1 ? 4.307   1.652   -10.982 1.00 0.00 ? 9  DG B C4    4 
ATOM 1147 P P     . DT B 1 2 ? 5.752   -3.901  -13.197 1.00 0.00 ? 10 DT B P     4 
ATOM 1148 O OP1   . DT B 1 2 ? 6.933   -4.414  -13.928 1.00 0.00 ? 10 DT B OP1   4 
ATOM 1149 O OP2   . DT B 1 2 ? 4.644   -4.820  -12.865 1.00 0.00 ? 10 DT B OP2   4 
ATOM 1150 O "O5'" . DT B 1 2 ? 6.268   -3.229  -11.822 1.00 0.00 ? 10 DT B "O5'" 4 
ATOM 1151 C "C5'" . DT B 1 2 ? 7.476   -2.493  -11.761 1.00 0.00 ? 10 DT B "C5'" 4 
ATOM 1152 C "C4'" . DT B 1 2 ? 7.860   -2.117  -10.318 1.00 0.00 ? 10 DT B "C4'" 4 
ATOM 1153 O "O4'" . DT B 1 2 ? 7.039   -1.074  -9.812  1.00 0.00 ? 10 DT B "O4'" 4 
ATOM 1154 C "C3'" . DT B 1 2 ? 7.731   -3.289  -9.333  1.00 0.00 ? 10 DT B "C3'" 4 
ATOM 1155 O "O3'" . DT B 1 2 ? 8.924   -3.757  -8.702  1.00 0.00 ? 10 DT B "O3'" 4 
ATOM 1156 C "C2'" . DT B 1 2 ? 6.623   -2.851  -8.387  1.00 0.00 ? 10 DT B "C2'" 4 
ATOM 1157 C "C1'" . DT B 1 2 ? 6.779   -1.334  -8.443  1.00 0.00 ? 10 DT B "C1'" 4 
ATOM 1158 N N1    . DT B 1 2 ? 5.575   -0.594  -8.002  1.00 0.00 ? 10 DT B N1    4 
ATOM 1159 C C2    . DT B 1 2 ? 5.701   0.440   -7.074  1.00 0.00 ? 10 DT B C2    4 
ATOM 1160 O O2    . DT B 1 2 ? 6.747   0.722   -6.499  1.00 0.00 ? 10 DT B O2    4 
ATOM 1161 N N3    . DT B 1 2 ? 4.558   1.163   -6.806  1.00 0.00 ? 10 DT B N3    4 
ATOM 1162 C C4    . DT B 1 2 ? 3.298   0.875   -7.288  1.00 0.00 ? 10 DT B C4    4 
ATOM 1163 O O4    . DT B 1 2 ? 2.337   1.539   -6.910  1.00 0.00 ? 10 DT B O4    4 
ATOM 1164 C C5    . DT B 1 2 ? 3.243   -0.217  -8.243  1.00 0.00 ? 10 DT B C5    4 
ATOM 1165 C C7    . DT B 1 2 ? 1.912   -0.628  -8.843  1.00 0.00 ? 10 DT B C7    4 
ATOM 1166 C C6    . DT B 1 2 ? 4.369   -0.896  -8.567  1.00 0.00 ? 10 DT B C6    4 
ATOM 1167 P P     . DA B 1 3 ? 9.971   -2.880  -7.819  1.00 0.00 ? 11 DA B P     4 
ATOM 1168 O OP1   . DA B 1 3 ? 10.216  -1.582  -8.480  1.00 0.00 ? 11 DA B OP1   4 
ATOM 1169 O OP2   . DA B 1 3 ? 11.125  -3.757  -7.522  1.00 0.00 ? 11 DA B OP2   4 
ATOM 1170 O "O5'" . DA B 1 3 ? 9.232   -2.574  -6.423  1.00 0.00 ? 11 DA B "O5'" 4 
ATOM 1171 C "C5'" . DA B 1 3 ? 8.903   -3.603  -5.513  1.00 0.00 ? 11 DA B "C5'" 4 
ATOM 1172 C "C4'" . DA B 1 3 ? 8.698   -3.019  -4.110  1.00 0.00 ? 11 DA B "C4'" 4 
ATOM 1173 O "O4'" . DA B 1 3 ? 7.818   -1.899  -4.114  1.00 0.00 ? 11 DA B "O4'" 4 
ATOM 1174 C "C3'" . DA B 1 3 ? 8.104   -4.076  -3.182  1.00 0.00 ? 11 DA B "C3'" 4 
ATOM 1175 O "O3'" . DA B 1 3 ? 8.819   -4.042  -1.959  1.00 0.00 ? 11 DA B "O3'" 4 
ATOM 1176 C "C2'" . DA B 1 3 ? 6.668   -3.586  -3.066  1.00 0.00 ? 11 DA B "C2'" 4 
ATOM 1177 C "C1'" . DA B 1 3 ? 6.830   -2.068  -3.113  1.00 0.00 ? 11 DA B "C1'" 4 
ATOM 1178 N N9    . DA B 1 3 ? 5.587   -1.397  -3.556  1.00 0.00 ? 11 DA B N9    4 
ATOM 1179 C C8    . DA B 1 3 ? 4.859   -1.716  -4.665  1.00 0.00 ? 11 DA B C8    4 
ATOM 1180 N N7    . DA B 1 3 ? 3.796   -0.986  -4.855  1.00 0.00 ? 11 DA B N7    4 
ATOM 1181 C C5    . DA B 1 3 ? 3.863   -0.061  -3.816  1.00 0.00 ? 11 DA B C5    4 
ATOM 1182 C C6    . DA B 1 3 ? 3.069   1.050   -3.469  1.00 0.00 ? 11 DA B C6    4 
ATOM 1183 N N6    . DA B 1 3 ? 2.009   1.417   -4.183  1.00 0.00 ? 11 DA B N6    4 
ATOM 1184 N N1    . DA B 1 3 ? 3.416   1.809   -2.419  1.00 0.00 ? 11 DA B N1    4 
ATOM 1185 C C2    . DA B 1 3 ? 4.502   1.466   -1.732  1.00 0.00 ? 11 DA B C2    4 
ATOM 1186 N N3    . DA B 1 3 ? 5.330   0.448   -1.946  1.00 0.00 ? 11 DA B N3    4 
ATOM 1187 C C4    . DA B 1 3 ? 4.959   -0.290  -3.023  1.00 0.00 ? 11 DA B C4    4 
ATOM 1188 P P     . DT B 1 4 ? 8.432   -4.960  -0.697  1.00 0.00 ? 12 DT B P     4 
ATOM 1189 O OP1   . DT B 1 4 ? 9.671   -5.275  0.050   1.00 0.00 ? 12 DT B OP1   4 
ATOM 1190 O OP2   . DT B 1 4 ? 7.543   -6.052  -1.150  1.00 0.00 ? 12 DT B OP2   4 
ATOM 1191 O "O5'" . DT B 1 4 ? 7.560   -3.935  0.180   1.00 0.00 ? 12 DT B "O5'" 4 
ATOM 1192 C "C5'" . DT B 1 4 ? 8.161   -2.800  0.778   1.00 0.00 ? 12 DT B "C5'" 4 
ATOM 1193 C "C4'" . DT B 1 4 ? 7.126   -1.990  1.564   1.00 0.00 ? 12 DT B "C4'" 4 
ATOM 1194 O "O4'" . DT B 1 4 ? 6.167   -1.455  0.667   1.00 0.00 ? 12 DT B "O4'" 4 
ATOM 1195 C "C3'" . DT B 1 4 ? 6.384   -2.823  2.617   1.00 0.00 ? 12 DT B "C3'" 4 
ATOM 1196 O "O3'" . DT B 1 4 ? 6.134   -2.131  3.818   1.00 0.00 ? 12 DT B "O3'" 4 
ATOM 1197 C "C2'" . DT B 1 4 ? 5.052   -2.974  1.945   1.00 0.00 ? 12 DT B "C2'" 4 
ATOM 1198 C "C1'" . DT B 1 4 ? 4.910   -1.615  1.278   1.00 0.00 ? 12 DT B "C1'" 4 
ATOM 1199 N N1    . DT B 1 4 ? 3.820   -1.578  0.278   1.00 0.00 ? 12 DT B N1    4 
ATOM 1200 C C2    . DT B 1 4 ? 2.946   -0.499  0.286   1.00 0.00 ? 12 DT B C2    4 
ATOM 1201 O O2    . DT B 1 4 ? 3.008   0.422   1.094   1.00 0.00 ? 12 DT B O2    4 
ATOM 1202 N N3    . DT B 1 4 ? 1.962   -0.510  -0.675  1.00 0.00 ? 12 DT B N3    4 
ATOM 1203 C C4    . DT B 1 4 ? 1.773   -1.466  -1.647  1.00 0.00 ? 12 DT B C4    4 
ATOM 1204 O O4    . DT B 1 4 ? 0.879   -1.318  -2.475  1.00 0.00 ? 12 DT B O4    4 
ATOM 1205 C C5    . DT B 1 4 ? 2.734   -2.554  -1.606  1.00 0.00 ? 12 DT B C5    4 
ATOM 1206 C C7    . DT B 1 4 ? 2.654   -3.663  -2.636  1.00 0.00 ? 12 DT B C7    4 
ATOM 1207 C C6    . DT B 1 4 ? 3.709   -2.569  -0.661  1.00 0.00 ? 12 DT B C6    4 
ATOM 1208 P P     . DA B 1 5 ? 7.193   -2.059  5.015   1.00 0.00 ? 13 DA B P     4 
ATOM 1209 O OP1   . DA B 1 5 ? 8.505   -1.635  4.479   1.00 0.00 ? 13 DA B OP1   4 
ATOM 1210 O OP2   . DA B 1 5 ? 7.080   -3.306  5.803   1.00 0.00 ? 13 DA B OP2   4 
ATOM 1211 O "O5'" . DA B 1 5 ? 6.549   -0.848  5.852   1.00 0.00 ? 13 DA B "O5'" 4 
ATOM 1212 C "C5'" . DA B 1 5 ? 6.814   0.500   5.506   1.00 0.00 ? 13 DA B "C5'" 4 
ATOM 1213 C "C4'" . DA B 1 5 ? 5.583   1.388   5.725   1.00 0.00 ? 13 DA B "C4'" 4 
ATOM 1214 O "O4'" . DA B 1 5 ? 4.605   1.101   4.745   1.00 0.00 ? 13 DA B "O4'" 4 
ATOM 1215 C "C3'" . DA B 1 5 ? 4.943   1.250   7.111   1.00 0.00 ? 13 DA B "C3'" 4 
ATOM 1216 O "O3'" . DA B 1 5 ? 4.836   2.549   7.673   1.00 0.00 ? 13 DA B "O3'" 4 
ATOM 1217 C "C2'" . DA B 1 5 ? 3.616   0.598   6.801   1.00 0.00 ? 13 DA B "C2'" 4 
ATOM 1218 C "C1'" . DA B 1 5 ? 3.337   0.985   5.356   1.00 0.00 ? 13 DA B "C1'" 4 
ATOM 1219 N N9    . DA B 1 5 ? 2.634   -0.089  4.638   1.00 0.00 ? 13 DA B N9    4 
ATOM 1220 C C8    . DA B 1 5 ? 3.066   -1.377  4.488   1.00 0.00 ? 13 DA B C8    4 
ATOM 1221 N N7    . DA B 1 5 ? 2.368   -2.085  3.644   1.00 0.00 ? 13 DA B N7    4 
ATOM 1222 C C5    . DA B 1 5 ? 1.424   -1.181  3.185   1.00 0.00 ? 13 DA B C5    4 
ATOM 1223 C C6    . DA B 1 5 ? 0.421   -1.274  2.211   1.00 0.00 ? 13 DA B C6    4 
ATOM 1224 N N6    . DA B 1 5 ? 0.265   -2.370  1.470   1.00 0.00 ? 13 DA B N6    4 
ATOM 1225 N N1    . DA B 1 5 ? -0.378  -0.224  1.999   1.00 0.00 ? 13 DA B N1    4 
ATOM 1226 C C2    . DA B 1 5 ? -0.191  0.880   2.719   1.00 0.00 ? 13 DA B C2    4 
ATOM 1227 N N3    . DA B 1 5 ? 0.738   1.112   3.638   1.00 0.00 ? 13 DA B N3    4 
ATOM 1228 C C4    . DA B 1 5 ? 1.543   0.032   3.811   1.00 0.00 ? 13 DA B C4    4 
ATOM 1229 P P     . DT B 1 6 ? 4.252   2.831   9.149   1.00 0.00 ? 14 DT B P     4 
ATOM 1230 O OP1   . DT B 1 6 ? 4.650   4.203   9.537   1.00 0.00 ? 14 DT B OP1   4 
ATOM 1231 O OP2   . DT B 1 6 ? 4.602   1.693   10.024  1.00 0.00 ? 14 DT B OP2   4 
ATOM 1232 O "O5'" . DT B 1 6 ? 2.661   2.822   8.907   1.00 0.00 ? 14 DT B "O5'" 4 
ATOM 1233 C "C5'" . DT B 1 6 ? 2.043   3.830   8.132   1.00 0.00 ? 14 DT B "C5'" 4 
ATOM 1234 C "C4'" . DT B 1 6 ? 0.570   3.507   7.851   1.00 0.00 ? 14 DT B "C4'" 4 
ATOM 1235 O "O4'" . DT B 1 6 ? 0.401   2.422   6.961   1.00 0.00 ? 14 DT B "O4'" 4 
ATOM 1236 C "C3'" . DT B 1 6 ? -0.264  3.216   9.106   1.00 0.00 ? 14 DT B "C3'" 4 
ATOM 1237 O "O3'" . DT B 1 6 ? -1.215  4.257   9.258   1.00 0.00 ? 14 DT B "O3'" 4 
ATOM 1238 C "C2'" . DT B 1 6 ? -0.880  1.857   8.772   1.00 0.00 ? 14 DT B "C2'" 4 
ATOM 1239 C "C1'" . DT B 1 6 ? -0.860  1.846   7.243   1.00 0.00 ? 14 DT B "C1'" 4 
ATOM 1240 N N1    . DT B 1 6 ? -0.892  0.497   6.630   1.00 0.00 ? 14 DT B N1    4 
ATOM 1241 C C2    . DT B 1 6 ? -1.784  0.226   5.593   1.00 0.00 ? 14 DT B C2    4 
ATOM 1242 O O2    . DT B 1 6 ? -2.663  1.002   5.230   1.00 0.00 ? 14 DT B O2    4 
ATOM 1243 N N3    . DT B 1 6 ? -1.653  -1.000  4.968   1.00 0.00 ? 14 DT B N3    4 
ATOM 1244 C C4    . DT B 1 6 ? -0.761  -1.990  5.332   1.00 0.00 ? 14 DT B C4    4 
ATOM 1245 O O4    . DT B 1 6 ? -0.746  -3.050  4.714   1.00 0.00 ? 14 DT B O4    4 
ATOM 1246 C C5    . DT B 1 6 ? 0.148   -1.629  6.405   1.00 0.00 ? 14 DT B C5    4 
ATOM 1247 C C7    . DT B 1 6 ? 1.176   -2.631  6.894   1.00 0.00 ? 14 DT B C7    4 
ATOM 1248 C C6    . DT B 1 6 ? 0.066   -0.410  6.989   1.00 0.00 ? 14 DT B C6    4 
ATOM 1249 P P     . DA B 1 7 ? -2.226  4.331   10.509  1.00 0.00 ? 15 DA B P     4 
ATOM 1250 O OP1   . DA B 1 7 ? -2.704  5.726   10.633  1.00 0.00 ? 15 DA B OP1   4 
ATOM 1251 O OP2   . DA B 1 7 ? -1.596  3.665   11.668  1.00 0.00 ? 15 DA B OP2   4 
ATOM 1252 O "O5'" . DA B 1 7 ? -3.446  3.421   10.000  1.00 0.00 ? 15 DA B "O5'" 4 
ATOM 1253 C "C5'" . DA B 1 7 ? -4.386  3.921   9.073   1.00 0.00 ? 15 DA B "C5'" 4 
ATOM 1254 C "C4'" . DA B 1 7 ? -5.381  2.840   8.645   1.00 0.00 ? 15 DA B "C4'" 4 
ATOM 1255 O "O4'" . DA B 1 7 ? -4.791  1.875   7.787   1.00 0.00 ? 15 DA B "O4'" 4 
ATOM 1256 C "C3'" . DA B 1 7 ? -6.007  2.098   9.828   1.00 0.00 ? 15 DA B "C3'" 4 
ATOM 1257 O "O3'" . DA B 1 7 ? -7.352  2.534   9.984   1.00 0.00 ? 15 DA B "O3'" 4 
ATOM 1258 C "C2'" . DA B 1 7 ? -5.861  0.653   9.398   1.00 0.00 ? 15 DA B "C2'" 4 
ATOM 1259 C "C1'" . DA B 1 7 ? -5.547  0.688   7.911   1.00 0.00 ? 15 DA B "C1'" 4 
ATOM 1260 N N9    . DA B 1 7 ? -4.764  -0.492  7.497   1.00 0.00 ? 15 DA B N9    4 
ATOM 1261 C C8    . DA B 1 7 ? -3.678  -0.994  8.144   1.00 0.00 ? 15 DA B C8    4 
ATOM 1262 N N7    . DA B 1 7 ? -3.191  -2.092  7.632   1.00 0.00 ? 15 DA B N7    4 
ATOM 1263 C C5    . DA B 1 7 ? -4.019  -2.313  6.532   1.00 0.00 ? 15 DA B C5    4 
ATOM 1264 C C6    . DA B 1 7 ? -4.052  -3.314  5.544   1.00 0.00 ? 15 DA B C6    4 
ATOM 1265 N N6    . DA B 1 7 ? -3.190  -4.328  5.532   1.00 0.00 ? 15 DA B N6    4 
ATOM 1266 N N1    . DA B 1 7 ? -4.967  -3.243  4.566   1.00 0.00 ? 15 DA B N1    4 
ATOM 1267 C C2    . DA B 1 7 ? -5.819  -2.222  4.571   1.00 0.00 ? 15 DA B C2    4 
ATOM 1268 N N3    . DA B 1 7 ? -5.918  -1.233  5.454   1.00 0.00 ? 15 DA B N3    4 
ATOM 1269 C C4    . DA B 1 7 ? -4.971  -1.331  6.424   1.00 0.00 ? 15 DA B C4    4 
ATOM 1270 P P     . DC B 1 8 ? -8.376  1.895   11.055  1.00 0.00 ? 16 DC B P     4 
ATOM 1271 O OP1   . DC B 1 8 ? -9.454  2.872   11.320  1.00 0.00 ? 16 DC B OP1   4 
ATOM 1272 O OP2   . DC B 1 8 ? -7.602  1.330   12.181  1.00 0.00 ? 16 DC B OP2   4 
ATOM 1273 O "O5'" . DC B 1 8 ? -9.021  0.669   10.235  1.00 0.00 ? 16 DC B "O5'" 4 
ATOM 1274 C "C5'" . DC B 1 8 ? -9.827  0.900   9.096   1.00 0.00 ? 16 DC B "C5'" 4 
ATOM 1275 C "C4'" . DC B 1 8 ? -10.013 -0.398  8.304   1.00 0.00 ? 16 DC B "C4'" 4 
ATOM 1276 O "O4'" . DC B 1 8 ? -8.764  -0.937  7.914   1.00 0.00 ? 16 DC B "O4'" 4 
ATOM 1277 C "C3'" . DC B 1 8 ? -10.680 -1.519  9.097   1.00 0.00 ? 16 DC B "C3'" 4 
ATOM 1278 O "O3'" . DC B 1 8 ? -12.089 -1.441  9.039   1.00 0.00 ? 16 DC B "O3'" 4 
ATOM 1279 C "C2'" . DC B 1 8 ? -10.171 -2.775  8.390   1.00 0.00 ? 16 DC B "C2'" 4 
ATOM 1280 C "C1'" . DC B 1 8 ? -8.974  -2.291  7.560   1.00 0.00 ? 16 DC B "C1'" 4 
ATOM 1281 N N1    . DC B 1 8 ? -7.755  -3.100  7.830   1.00 0.00 ? 16 DC B N1    4 
ATOM 1282 C C2    . DC B 1 8 ? -7.417  -4.127  6.957   1.00 0.00 ? 16 DC B C2    4 
ATOM 1283 O O2    . DC B 1 8 ? -8.131  -4.412  5.999   1.00 0.00 ? 16 DC B O2    4 
ATOM 1284 N N3    . DC B 1 8 ? -6.283  -4.847  7.187   1.00 0.00 ? 16 DC B N3    4 
ATOM 1285 C C4    . DC B 1 8 ? -5.516  -4.586  8.251   1.00 0.00 ? 16 DC B C4    4 
ATOM 1286 N N4    . DC B 1 8 ? -4.390  -5.277  8.393   1.00 0.00 ? 16 DC B N4    4 
ATOM 1287 C C5    . DC B 1 8 ? -5.869  -3.577  9.198   1.00 0.00 ? 16 DC B C5    4 
ATOM 1288 C C6    . DC B 1 8 ? -6.993  -2.867  8.941   1.00 0.00 ? 16 DC B C6    4 
ATOM 1289 O "O5'" . DG A 1 1 ? -9.902  -12.412 -3.162  1.00 0.00 ? 1  DG A "O5'" 5 
ATOM 1290 C "C5'" . DG A 1 1 ? -9.106  -11.766 -2.190  1.00 0.00 ? 1  DG A "C5'" 5 
ATOM 1291 C "C4'" . DG A 1 1 ? -9.880  -10.591 -1.565  1.00 0.00 ? 1  DG A "C4'" 5 
ATOM 1292 O "O4'" . DG A 1 1 ? -9.360  -10.241 -0.289  1.00 0.00 ? 1  DG A "O4'" 5 
ATOM 1293 C "C3'" . DG A 1 1 ? -9.887  -9.335  -2.426  1.00 0.00 ? 1  DG A "C3'" 5 
ATOM 1294 O "O3'" . DG A 1 1 ? -11.199 -8.802  -2.470  1.00 0.00 ? 1  DG A "O3'" 5 
ATOM 1295 C "C2'" . DG A 1 1 ? -8.929  -8.431  -1.667  1.00 0.00 ? 1  DG A "C2'" 5 
ATOM 1296 C "C1'" . DG A 1 1 ? -9.161  -8.837  -0.221  1.00 0.00 ? 1  DG A "C1'" 5 
ATOM 1297 N N9    . DG A 1 1 ? -7.968  -8.571  0.597   1.00 0.00 ? 1  DG A N9    5 
ATOM 1298 C C8    . DG A 1 1 ? -6.739  -9.129  0.432   1.00 0.00 ? 1  DG A C8    5 
ATOM 1299 N N7    . DG A 1 1 ? -5.870  -8.810  1.351   1.00 0.00 ? 1  DG A N7    5 
ATOM 1300 C C5    . DG A 1 1 ? -6.585  -7.949  2.183   1.00 0.00 ? 1  DG A C5    5 
ATOM 1301 C C6    . DG A 1 1 ? -6.185  -7.257  3.363   1.00 0.00 ? 1  DG A C6    5 
ATOM 1302 O O6    . DG A 1 1 ? -5.108  -7.319  3.951   1.00 0.00 ? 1  DG A O6    5 
ATOM 1303 N N1    . DG A 1 1 ? -7.178  -6.426  3.860   1.00 0.00 ? 1  DG A N1    5 
ATOM 1304 C C2    . DG A 1 1 ? -8.430  -6.302  3.309   1.00 0.00 ? 1  DG A C2    5 
ATOM 1305 N N2    . DG A 1 1 ? -9.268  -5.415  3.829   1.00 0.00 ? 1  DG A N2    5 
ATOM 1306 N N3    . DG A 1 1 ? -8.830  -6.980  2.233   1.00 0.00 ? 1  DG A N3    5 
ATOM 1307 C C4    . DG A 1 1 ? -7.865  -7.779  1.713   1.00 0.00 ? 1  DG A C4    5 
ATOM 1308 P P     . DT A 1 2 ? -11.573 -7.537  -3.396  1.00 0.00 ? 2  DT A P     5 
ATOM 1309 O OP1   . DT A 1 2 ? -13.040 -7.507  -3.580  1.00 0.00 ? 2  DT A OP1   5 
ATOM 1310 O OP2   . DT A 1 2 ? -10.686 -7.553  -4.578  1.00 0.00 ? 2  DT A OP2   5 
ATOM 1311 O "O5'" . DT A 1 2 ? -11.157 -6.280  -2.477  1.00 0.00 ? 2  DT A "O5'" 5 
ATOM 1312 C "C5'" . DT A 1 2 ? -11.929 -5.913  -1.350  1.00 0.00 ? 2  DT A "C5'" 5 
ATOM 1313 C "C4'" . DT A 1 2 ? -11.343 -4.696  -0.622  1.00 0.00 ? 2  DT A "C4'" 5 
ATOM 1314 O "O4'" . DT A 1 2 ? -10.159 -5.002  0.100   1.00 0.00 ? 2  DT A "O4'" 5 
ATOM 1315 C "C3'" . DT A 1 2 ? -11.008 -3.517  -1.544  1.00 0.00 ? 2  DT A "C3'" 5 
ATOM 1316 O "O3'" . DT A 1 2 ? -11.804 -2.409  -1.151  1.00 0.00 ? 2  DT A "O3'" 5 
ATOM 1317 C "C2'" . DT A 1 2 ? -9.514  -3.318  -1.319  1.00 0.00 ? 2  DT A "C2'" 5 
ATOM 1318 C "C1'" . DT A 1 2 ? -9.348  -3.840  0.099   1.00 0.00 ? 2  DT A "C1'" 5 
ATOM 1319 N N1    . DT A 1 2 ? -7.947  -4.180  0.434   1.00 0.00 ? 2  DT A N1    5 
ATOM 1320 C C2    . DT A 1 2 ? -7.375  -3.678  1.602   1.00 0.00 ? 2  DT A C2    5 
ATOM 1321 O O2    . DT A 1 2 ? -7.936  -2.890  2.356   1.00 0.00 ? 2  DT A O2    5 
ATOM 1322 N N3    . DT A 1 2 ? -6.106  -4.130  1.900   1.00 0.00 ? 2  DT A N3    5 
ATOM 1323 C C4    . DT A 1 2 ? -5.340  -4.964  1.117   1.00 0.00 ? 2  DT A C4    5 
ATOM 1324 O O4    . DT A 1 2 ? -4.210  -5.267  1.486   1.00 0.00 ? 2  DT A O4    5 
ATOM 1325 C C5    . DT A 1 2 ? -5.995  -5.430  -0.093  1.00 0.00 ? 2  DT A C5    5 
ATOM 1326 C C7    . DT A 1 2 ? -5.258  -6.357  -1.041  1.00 0.00 ? 2  DT A C7    5 
ATOM 1327 C C6    . DT A 1 2 ? -7.258  -5.033  -0.381  1.00 0.00 ? 2  DT A C6    5 
ATOM 1328 P P     . DA A 1 3 ? -11.655 -0.943  -1.799  1.00 0.00 ? 3  DA A P     5 
ATOM 1329 O OP1   . DA A 1 3 ? -12.987 -0.297  -1.786  1.00 0.00 ? 3  DA A OP1   5 
ATOM 1330 O OP2   . DA A 1 3 ? -10.906 -1.056  -3.069  1.00 0.00 ? 3  DA A OP2   5 
ATOM 1331 O "O5'" . DA A 1 3 ? -10.717 -0.199  -0.723  1.00 0.00 ? 3  DA A "O5'" 5 
ATOM 1332 C "C5'" . DA A 1 3 ? -11.244 0.217   0.525   1.00 0.00 ? 3  DA A "C5'" 5 
ATOM 1333 C "C4'" . DA A 1 3 ? -10.272 1.110   1.303   1.00 0.00 ? 3  DA A "C4'" 5 
ATOM 1334 O "O4'" . DA A 1 3 ? -9.118  0.376   1.690   1.00 0.00 ? 3  DA A "O4'" 5 
ATOM 1335 C "C3'" . DA A 1 3 ? -9.807  2.298   0.450   1.00 0.00 ? 3  DA A "C3'" 5 
ATOM 1336 O "O3'" . DA A 1 3 ? -10.146 3.618   0.875   1.00 0.00 ? 3  DA A "O3'" 5 
ATOM 1337 C "C2'" . DA A 1 3 ? -8.313  2.034   0.268   1.00 0.00 ? 3  DA A "C2'" 5 
ATOM 1338 C "C1'" . DA A 1 3 ? -7.955  1.156   1.470   1.00 0.00 ? 3  DA A "C1'" 5 
ATOM 1339 N N9    . DA A 1 3 ? -6.829  0.237   1.188   1.00 0.00 ? 3  DA A N9    5 
ATOM 1340 C C8    . DA A 1 3 ? -6.723  -0.626  0.133   1.00 0.00 ? 3  DA A C8    5 
ATOM 1341 N N7    . DA A 1 3 ? -5.679  -1.408  0.156   1.00 0.00 ? 3  DA A N7    5 
ATOM 1342 C C5    . DA A 1 3 ? -5.041  -1.034  1.334   1.00 0.00 ? 3  DA A C5    5 
ATOM 1343 C C6    . DA A 1 3 ? -3.868  -1.483  1.968   1.00 0.00 ? 3  DA A C6    5 
ATOM 1344 N N6    . DA A 1 3 ? -3.121  -2.466  1.472   1.00 0.00 ? 3  DA A N6    5 
ATOM 1345 N N1    . DA A 1 3 ? -3.482  -0.907  3.116   1.00 0.00 ? 3  DA A N1    5 
ATOM 1346 C C2    . DA A 1 3 ? -4.235  0.065   3.619   1.00 0.00 ? 3  DA A C2    5 
ATOM 1347 N N3    . DA A 1 3 ? -5.367  0.565   3.137   1.00 0.00 ? 3  DA A N3    5 
ATOM 1348 C C4    . DA A 1 3 ? -5.728  -0.033  1.973   1.00 0.00 ? 3  DA A C4    5 
ATOM 1349 P P     . DT A 1 4 ? -9.892  4.274   2.335   1.00 0.00 ? 4  DT A P     5 
ATOM 1350 O OP1   . DT A 1 4 ? -10.461 3.389   3.372   1.00 0.00 ? 4  DT A OP1   5 
ATOM 1351 O OP2   . DT A 1 4 ? -10.375 5.670   2.265   1.00 0.00 ? 4  DT A OP2   5 
ATOM 1352 O "O5'" . DT A 1 4 ? -8.300  4.338   2.551   1.00 0.00 ? 4  DT A "O5'" 5 
ATOM 1353 C "C5'" . DT A 1 4 ? -7.787  4.454   3.865   1.00 0.00 ? 4  DT A "C5'" 5 
ATOM 1354 C "C4'" . DT A 1 4 ? -6.283  4.731   3.900   1.00 0.00 ? 4  DT A "C4'" 5 
ATOM 1355 O "O4'" . DT A 1 4 ? -5.549  3.688   3.299   1.00 0.00 ? 4  DT A "O4'" 5 
ATOM 1356 C "C3'" . DT A 1 4 ? -5.826  6.059   3.286   1.00 0.00 ? 4  DT A "C3'" 5 
ATOM 1357 O "O3'" . DT A 1 4 ? -5.222  6.835   4.311   1.00 0.00 ? 4  DT A "O3'" 5 
ATOM 1358 C "C2'" . DT A 1 4 ? -4.865  5.578   2.220   1.00 0.00 ? 4  DT A "C2'" 5 
ATOM 1359 C "C1'" . DT A 1 4 ? -4.367  4.254   2.784   1.00 0.00 ? 4  DT A "C1'" 5 
ATOM 1360 N N1    . DT A 1 4 ? -3.813  3.300   1.797   1.00 0.00 ? 4  DT A N1    5 
ATOM 1361 C C2    . DT A 1 4 ? -2.771  2.480   2.209   1.00 0.00 ? 4  DT A C2    5 
ATOM 1362 O O2    . DT A 1 4 ? -2.172  2.623   3.270   1.00 0.00 ? 4  DT A O2    5 
ATOM 1363 N N3    . DT A 1 4 ? -2.424  1.457   1.358   1.00 0.00 ? 4  DT A N3    5 
ATOM 1364 C C4    . DT A 1 4 ? -2.942  1.228   0.108   1.00 0.00 ? 4  DT A C4    5 
ATOM 1365 O O4    . DT A 1 4 ? -2.448  0.349   -0.596  1.00 0.00 ? 4  DT A O4    5 
ATOM 1366 C C5    . DT A 1 4 ? -4.075  2.068   -0.228  1.00 0.00 ? 4  DT A C5    5 
ATOM 1367 C C7    . DT A 1 4 ? -4.812  1.854   -1.536  1.00 0.00 ? 4  DT A C7    5 
ATOM 1368 C C6    . DT A 1 4 ? -4.469  3.053   0.618   1.00 0.00 ? 4  DT A C6    5 
ATOM 1369 P P     . DA A 1 5 ? -4.365  8.167   4.033   1.00 0.00 ? 5  DA A P     5 
ATOM 1370 O OP1   . DA A 1 5 ? -4.381  8.980   5.269   1.00 0.00 ? 5  DA A OP1   5 
ATOM 1371 O OP2   . DA A 1 5 ? -4.823  8.771   2.763   1.00 0.00 ? 5  DA A OP2   5 
ATOM 1372 O "O5'" . DA A 1 5 ? -2.872  7.590   3.822   1.00 0.00 ? 5  DA A "O5'" 5 
ATOM 1373 C "C5'" . DA A 1 5 ? -2.120  7.107   4.922   1.00 0.00 ? 5  DA A "C5'" 5 
ATOM 1374 C "C4'" . DA A 1 5 ? -0.699  6.673   4.528   1.00 0.00 ? 5  DA A "C4'" 5 
ATOM 1375 O "O4'" . DA A 1 5 ? -0.676  5.468   3.777   1.00 0.00 ? 5  DA A "O4'" 5 
ATOM 1376 C "C3'" . DA A 1 5 ? 0.066   7.727   3.719   1.00 0.00 ? 5  DA A "C3'" 5 
ATOM 1377 O "O3'" . DA A 1 5 ? 1.051   8.319   4.556   1.00 0.00 ? 5  DA A "O3'" 5 
ATOM 1378 C "C2'" . DA A 1 5 ? 0.609   6.921   2.553   1.00 0.00 ? 5  DA A "C2'" 5 
ATOM 1379 C "C1'" . DA A 1 5 ? 0.489   5.464   2.968   1.00 0.00 ? 5  DA A "C1'" 5 
ATOM 1380 N N9    . DA A 1 5 ? 0.268   4.591   1.799   1.00 0.00 ? 5  DA A N9    5 
ATOM 1381 C C8    . DA A 1 5 ? -0.771  4.665   0.918   1.00 0.00 ? 5  DA A C8    5 
ATOM 1382 N N7    . DA A 1 5 ? -0.824  3.687   0.055   1.00 0.00 ? 5  DA A N7    5 
ATOM 1383 C C5    . DA A 1 5 ? 0.294   2.924   0.379   1.00 0.00 ? 5  DA A C5    5 
ATOM 1384 C C6    . DA A 1 5 ? 0.838   1.740   -0.152  1.00 0.00 ? 5  DA A C6    5 
ATOM 1385 N N6    . DA A 1 5 ? 0.237   1.011   -1.089  1.00 0.00 ? 5  DA A N6    5 
ATOM 1386 N N1    . DA A 1 5 ? 2.026   1.314   0.299   1.00 0.00 ? 5  DA A N1    5 
ATOM 1387 C C2    . DA A 1 5 ? 2.639   2.001   1.255   1.00 0.00 ? 5  DA A C2    5 
ATOM 1388 N N3    . DA A 1 5 ? 2.209   3.090   1.880   1.00 0.00 ? 5  DA A N3    5 
ATOM 1389 C C4    . DA A 1 5 ? 1.006   3.502   1.399   1.00 0.00 ? 5  DA A C4    5 
ATOM 1390 P P     . DT A 1 6 ? 2.134   9.392   4.033   1.00 0.00 ? 6  DT A P     5 
ATOM 1391 O OP1   . DT A 1 6 ? 2.705   10.086  5.209   1.00 0.00 ? 6  DT A OP1   5 
ATOM 1392 O OP2   . DT A 1 6 ? 1.535   10.186  2.937   1.00 0.00 ? 6  DT A OP2   5 
ATOM 1393 O "O5'" . DT A 1 6 ? 3.275   8.452   3.402   1.00 0.00 ? 6  DT A "O5'" 5 
ATOM 1394 C "C5'" . DT A 1 6 ? 3.879   7.423   4.165   1.00 0.00 ? 6  DT A "C5'" 5 
ATOM 1395 C "C4'" . DT A 1 6 ? 4.855   6.611   3.306   1.00 0.00 ? 6  DT A "C4'" 5 
ATOM 1396 O "O4'" . DT A 1 6 ? 4.180   5.796   2.372   1.00 0.00 ? 6  DT A "O4'" 5 
ATOM 1397 C "C3'" . DT A 1 6 ? 5.852   7.486   2.540   1.00 0.00 ? 6  DT A "C3'" 5 
ATOM 1398 O "O3'" . DT A 1 6 ? 7.165   7.136   2.942   1.00 0.00 ? 6  DT A "O3'" 5 
ATOM 1399 C "C2'" . DT A 1 6 ? 5.533   7.126   1.091   1.00 0.00 ? 6  DT A "C2'" 5 
ATOM 1400 C "C1'" . DT A 1 6 ? 4.981   5.709   1.211   1.00 0.00 ? 6  DT A "C1'" 5 
ATOM 1401 N N1    . DT A 1 6 ? 4.095   5.308   0.092   1.00 0.00 ? 6  DT A N1    5 
ATOM 1402 C C2    . DT A 1 6 ? 4.331   4.109   -0.576  1.00 0.00 ? 6  DT A C2    5 
ATOM 1403 O O2    . DT A 1 6 ? 5.345   3.435   -0.427  1.00 0.00 ? 6  DT A O2    5 
ATOM 1404 N N3    . DT A 1 6 ? 3.352   3.697   -1.456  1.00 0.00 ? 6  DT A N3    5 
ATOM 1405 C C4    . DT A 1 6 ? 2.219   4.406   -1.793  1.00 0.00 ? 6  DT A C4    5 
ATOM 1406 O O4    . DT A 1 6 ? 1.436   3.947   -2.618  1.00 0.00 ? 6  DT A O4    5 
ATOM 1407 C C5    . DT A 1 6 ? 2.044   5.649   -1.066  1.00 0.00 ? 6  DT A C5    5 
ATOM 1408 C C7    . DT A 1 6 ? 0.850   6.534   -1.370  1.00 0.00 ? 6  DT A C7    5 
ATOM 1409 C C6    . DT A 1 6 ? 2.964   6.037   -0.150  1.00 0.00 ? 6  DT A C6    5 
ATOM 1410 P P     . DA A 1 7 ? 8.457   7.987   2.493   1.00 0.00 ? 7  DA A P     5 
ATOM 1411 O OP1   . DA A 1 7 ? 9.561   7.673   3.426   1.00 0.00 ? 7  DA A OP1   5 
ATOM 1412 O OP2   . DA A 1 7 ? 8.047   9.395   2.295   1.00 0.00 ? 7  DA A OP2   5 
ATOM 1413 O "O5'" . DA A 1 7 ? 8.798   7.348   1.058   1.00 0.00 ? 7  DA A "O5'" 5 
ATOM 1414 C "C5'" . DA A 1 7 ? 9.525   6.139   0.953   1.00 0.00 ? 7  DA A "C5'" 5 
ATOM 1415 C "C4'" . DA A 1 7 ? 9.588   5.645   -0.499  1.00 0.00 ? 7  DA A "C4'" 5 
ATOM 1416 O "O4'" . DA A 1 7 ? 8.353   5.092   -0.935  1.00 0.00 ? 7  DA A "O4'" 5 
ATOM 1417 C "C3'" . DA A 1 7 ? 9.987   6.730   -1.507  1.00 0.00 ? 7  DA A "C3'" 5 
ATOM 1418 O "O3'" . DA A 1 7 ? 11.338  6.527   -1.908  1.00 0.00 ? 7  DA A "O3'" 5 
ATOM 1419 C "C2'" . DA A 1 7 ? 8.970   6.520   -2.611  1.00 0.00 ? 7  DA A "C2'" 5 
ATOM 1420 C "C1'" . DA A 1 7 ? 8.330   5.166   -2.347  1.00 0.00 ? 7  DA A "C1'" 5 
ATOM 1421 N N9    . DA A 1 7 ? 6.952   5.105   -2.872  1.00 0.00 ? 7  DA A N9    5 
ATOM 1422 C C8    . DA A 1 7 ? 6.001   6.068   -2.728  1.00 0.00 ? 7  DA A C8    5 
ATOM 1423 N N7    . DA A 1 7 ? 4.873   5.826   -3.337  1.00 0.00 ? 7  DA A N7    5 
ATOM 1424 C C5    . DA A 1 7 ? 5.094   4.575   -3.909  1.00 0.00 ? 7  DA A C5    5 
ATOM 1425 C C6    . DA A 1 7 ? 4.289   3.722   -4.689  1.00 0.00 ? 7  DA A C6    5 
ATOM 1426 N N6    . DA A 1 7 ? 3.044   4.044   -5.031  1.00 0.00 ? 7  DA A N6    5 
ATOM 1427 N N1    . DA A 1 7 ? 4.772   2.533   -5.081  1.00 0.00 ? 7  DA A N1    5 
ATOM 1428 C C2    . DA A 1 7 ? 6.009   2.207   -4.715  1.00 0.00 ? 7  DA A C2    5 
ATOM 1429 N N3    . DA A 1 7 ? 6.879   2.921   -4.008  1.00 0.00 ? 7  DA A N3    5 
ATOM 1430 C C4    . DA A 1 7 ? 6.353   4.113   -3.620  1.00 0.00 ? 7  DA A C4    5 
ATOM 1431 P P     . DC A 1 8 ? 12.068  7.405   -3.049  1.00 0.00 ? 8  DC A P     5 
ATOM 1432 O OP1   . DC A 1 8 ? 13.531  7.296   -2.859  1.00 0.00 ? 8  DC A OP1   5 
ATOM 1433 O OP2   . DC A 1 8 ? 11.431  8.739   -3.108  1.00 0.00 ? 8  DC A OP2   5 
ATOM 1434 O "O5'" . DC A 1 8 ? 11.692  6.610   -4.396  1.00 0.00 ? 8  DC A "O5'" 5 
ATOM 1435 C "C5'" . DC A 1 8 ? 12.186  5.307   -4.627  1.00 0.00 ? 8  DC A "C5'" 5 
ATOM 1436 C "C4'" . DC A 1 8 ? 11.417  4.643   -5.773  1.00 0.00 ? 8  DC A "C4'" 5 
ATOM 1437 O "O4'" . DC A 1 8 ? 10.030  4.604   -5.496  1.00 0.00 ? 8  DC A "O4'" 5 
ATOM 1438 C "C3'" . DC A 1 8 ? 11.528  5.383   -7.104  1.00 0.00 ? 8  DC A "C3'" 5 
ATOM 1439 O "O3'" . DC A 1 8 ? 12.664  4.977   -7.838  1.00 0.00 ? 8  DC A "O3'" 5 
ATOM 1440 C "C2'" . DC A 1 8 ? 10.238  4.982   -7.819  1.00 0.00 ? 8  DC A "C2'" 5 
ATOM 1441 C "C1'" . DC A 1 8 ? 9.356   4.375   -6.719  1.00 0.00 ? 8  DC A "C1'" 5 
ATOM 1442 N N1    . DC A 1 8 ? 8.006   4.996   -6.695  1.00 0.00 ? 8  DC A N1    5 
ATOM 1443 C C2    . DC A 1 8 ? 6.940   4.327   -7.286  1.00 0.00 ? 8  DC A C2    5 
ATOM 1444 O O2    . DC A 1 8 ? 7.095   3.239   -7.835  1.00 0.00 ? 8  DC A O2    5 
ATOM 1445 N N3    . DC A 1 8 ? 5.706   4.904   -7.269  1.00 0.00 ? 8  DC A N3    5 
ATOM 1446 C C4    . DC A 1 8 ? 5.521   6.100   -6.705  1.00 0.00 ? 8  DC A C4    5 
ATOM 1447 N N4    . DC A 1 8 ? 4.287   6.587   -6.660  1.00 0.00 ? 8  DC A N4    5 
ATOM 1448 C C5    . DC A 1 8 ? 6.605   6.828   -6.121  1.00 0.00 ? 8  DC A C5    5 
ATOM 1449 C C6    . DC A 1 8 ? 7.820   6.233   -6.143  1.00 0.00 ? 8  DC A C6    5 
ATOM 1450 O "O5'" . DG B 1 1 ? -2.224  3.263   -13.799 1.00 0.00 ? 9  DG B "O5'" 5 
ATOM 1451 C "C5'" . DG B 1 1 ? -2.212  1.856   -13.916 1.00 0.00 ? 9  DG B "C5'" 5 
ATOM 1452 C "C4'" . DG B 1 1 ? -0.772  1.343   -14.147 1.00 0.00 ? 9  DG B "C4'" 5 
ATOM 1453 O "O4'" . DG B 1 1 ? 0.186   2.163   -13.494 1.00 0.00 ? 9  DG B "O4'" 5 
ATOM 1454 C "C3'" . DG B 1 1 ? -0.500  -0.092  -13.688 1.00 0.00 ? 9  DG B "C3'" 5 
ATOM 1455 O "O3'" . DG B 1 1 ? 0.510   -0.651  -14.512 1.00 0.00 ? 9  DG B "O3'" 5 
ATOM 1456 C "C2'" . DG B 1 1 ? 0.009   0.173   -12.285 1.00 0.00 ? 9  DG B "C2'" 5 
ATOM 1457 C "C1'" . DG B 1 1 ? 0.867   1.412   -12.502 1.00 0.00 ? 9  DG B "C1'" 5 
ATOM 1458 N N9    . DG B 1 1 ? 0.921   2.233   -11.288 1.00 0.00 ? 9  DG B N9    5 
ATOM 1459 C C8    . DG B 1 1 ? -0.135  2.855   -10.705 1.00 0.00 ? 9  DG B C8    5 
ATOM 1460 N N7    . DG B 1 1 ? 0.175   3.626   -9.701  1.00 0.00 ? 9  DG B N7    5 
ATOM 1461 C C5    . DG B 1 1 ? 1.561   3.491   -9.609  1.00 0.00 ? 9  DG B C5    5 
ATOM 1462 C C6    . DG B 1 1 ? 2.497   4.083   -8.709  1.00 0.00 ? 9  DG B C6    5 
ATOM 1463 O O6    . DG B 1 1 ? 2.284   4.905   -7.821  1.00 0.00 ? 9  DG B O6    5 
ATOM 1464 N N1    . DG B 1 1 ? 3.792   3.632   -8.912  1.00 0.00 ? 9  DG B N1    5 
ATOM 1465 C C2    . DG B 1 1 ? 4.160   2.741   -9.892  1.00 0.00 ? 9  DG B C2    5 
ATOM 1466 N N2    . DG B 1 1 ? 5.415   2.311   -9.926  1.00 0.00 ? 9  DG B N2    5 
ATOM 1467 N N3    . DG B 1 1 ? 3.300   2.215   -10.764 1.00 0.00 ? 9  DG B N3    5 
ATOM 1468 C C4    . DG B 1 1 ? 2.022   2.622   -10.569 1.00 0.00 ? 9  DG B C4    5 
ATOM 1469 P P     . DT B 1 2 ? 0.956   -2.196  -14.390 1.00 0.00 ? 10 DT B P     5 
ATOM 1470 O OP1   . DT B 1 2 ? 1.752   -2.546  -15.586 1.00 0.00 ? 10 DT B OP1   5 
ATOM 1471 O OP2   . DT B 1 2 ? -0.240  -2.996  -14.052 1.00 0.00 ? 10 DT B OP2   5 
ATOM 1472 O "O5'" . DT B 1 2 ? 1.939   -2.209  -13.112 1.00 0.00 ? 10 DT B "O5'" 5 
ATOM 1473 C "C5'" . DT B 1 2 ? 3.303   -1.843  -13.221 1.00 0.00 ? 10 DT B "C5'" 5 
ATOM 1474 C "C4'" . DT B 1 2 ? 4.057   -1.972  -11.886 1.00 0.00 ? 10 DT B "C4'" 5 
ATOM 1475 O "O4'" . DT B 1 2 ? 3.730   -0.923  -10.986 1.00 0.00 ? 10 DT B "O4'" 5 
ATOM 1476 C "C3'" . DT B 1 2 ? 3.784   -3.279  -11.122 1.00 0.00 ? 10 DT B "C3'" 5 
ATOM 1477 O "O3'" . DT B 1 2 ? 4.798   -4.284  -11.096 1.00 0.00 ? 10 DT B "O3'" 5 
ATOM 1478 C "C2'" . DT B 1 2 ? 3.289   -2.824  -9.751  1.00 0.00 ? 10 DT B "C2'" 5 
ATOM 1479 C "C1'" . DT B 1 2 ? 3.875   -1.416  -9.665  1.00 0.00 ? 10 DT B "C1'" 5 
ATOM 1480 N N1    . DT B 1 2 ? 3.178   -0.520  -8.710  1.00 0.00 ? 10 DT B N1    5 
ATOM 1481 C C2    . DT B 1 2 ? 3.923   0.246   -7.812  1.00 0.00 ? 10 DT B C2    5 
ATOM 1482 O O2    . DT B 1 2 ? 5.139   0.153   -7.676  1.00 0.00 ? 10 DT B O2    5 
ATOM 1483 N N3    . DT B 1 2 ? 3.218   1.153   -7.048  1.00 0.00 ? 10 DT B N3    5 
ATOM 1484 C C4    . DT B 1 2 ? 1.845   1.292   -7.034  1.00 0.00 ? 10 DT B C4    5 
ATOM 1485 O O4    . DT B 1 2 ? 1.321   2.079   -6.252  1.00 0.00 ? 10 DT B O4    5 
ATOM 1486 C C5    . DT B 1 2 ? 1.138   0.470   -7.998  1.00 0.00 ? 10 DT B C5    5 
ATOM 1487 C C7    . DT B 1 2 ? -0.374  0.550   -8.092  1.00 0.00 ? 10 DT B C7    5 
ATOM 1488 C C6    . DT B 1 2 ? 1.821   -0.387  -8.792  1.00 0.00 ? 10 DT B C6    5 
ATOM 1489 P P     . DA B 1 3 ? 6.345   -4.105  -10.627 1.00 0.00 ? 11 DA B P     5 
ATOM 1490 O OP1   . DA B 1 3 ? 6.955   -2.968  -11.347 1.00 0.00 ? 11 DA B OP1   5 
ATOM 1491 O OP2   . DA B 1 3 ? 6.980   -5.437  -10.747 1.00 0.00 ? 11 DA B OP2   5 
ATOM 1492 O "O5'" . DA B 1 3 ? 6.320   -3.724  -9.063  1.00 0.00 ? 11 DA B "O5'" 5 
ATOM 1493 C "C5'" . DA B 1 3 ? 6.063   -4.687  -8.060  1.00 0.00 ? 11 DA B "C5'" 5 
ATOM 1494 C "C4'" . DA B 1 3 ? 6.673   -4.219  -6.735  1.00 0.00 ? 11 DA B "C4'" 5 
ATOM 1495 O "O4'" . DA B 1 3 ? 6.179   -2.947  -6.334  1.00 0.00 ? 11 DA B "O4'" 5 
ATOM 1496 C "C3'" . DA B 1 3 ? 6.355   -5.213  -5.620  1.00 0.00 ? 11 DA B "C3'" 5 
ATOM 1497 O "O3'" . DA B 1 3 ? 7.536   -5.396  -4.863  1.00 0.00 ? 11 DA B "O3'" 5 
ATOM 1498 C "C2'" . DA B 1 3 ? 5.267   -4.467  -4.865  1.00 0.00 ? 11 DA B "C2'" 5 
ATOM 1499 C "C1'" . DA B 1 3 ? 5.727   -3.021  -4.992  1.00 0.00 ? 11 DA B "C1'" 5 
ATOM 1500 N N9    . DA B 1 3 ? 4.588   -2.101  -4.830  1.00 0.00 ? 11 DA B N9    5 
ATOM 1501 C C8    . DA B 1 3 ? 3.433   -2.127  -5.552  1.00 0.00 ? 11 DA B C8    5 
ATOM 1502 N N7    . DA B 1 3 ? 2.565   -1.207  -5.231  1.00 0.00 ? 11 DA B N7    5 
ATOM 1503 C C5    . DA B 1 3 ? 3.224   -0.494  -4.231  1.00 0.00 ? 11 DA B C5    5 
ATOM 1504 C C6    . DA B 1 3 ? 2.883   0.643   -3.476  1.00 0.00 ? 11 DA B C6    5 
ATOM 1505 N N6    . DA B 1 3 ? 1.744   1.307   -3.651  1.00 0.00 ? 11 DA B N6    5 
ATOM 1506 N N1    . DA B 1 3 ? 3.755   1.120   -2.576  1.00 0.00 ? 11 DA B N1    5 
ATOM 1507 C C2    . DA B 1 3 ? 4.920   0.497   -2.430  1.00 0.00 ? 11 DA B C2    5 
ATOM 1508 N N3    . DA B 1 3 ? 5.368   -0.575  -3.074  1.00 0.00 ? 11 DA B N3    5 
ATOM 1509 C C4    . DA B 1 3 ? 4.462   -1.028  -3.978  1.00 0.00 ? 11 DA B C4    5 
ATOM 1510 P P     . DT B 1 4 ? 7.589   -6.326  -3.554  1.00 0.00 ? 12 DT B P     5 
ATOM 1511 O OP1   . DT B 1 4 ? 8.919   -6.971  -3.505  1.00 0.00 ? 12 DT B OP1   5 
ATOM 1512 O OP2   . DT B 1 4 ? 6.366   -7.158  -3.524  1.00 0.00 ? 12 DT B OP2   5 
ATOM 1513 O "O5'" . DT B 1 4 ? 7.498   -5.243  -2.373  1.00 0.00 ? 12 DT B "O5'" 5 
ATOM 1514 C "C5'" . DT B 1 4 ? 8.557   -4.331  -2.149  1.00 0.00 ? 12 DT B "C5'" 5 
ATOM 1515 C "C4'" . DT B 1 4 ? 8.315   -3.506  -0.881  1.00 0.00 ? 12 DT B "C4'" 5 
ATOM 1516 O "O4'" . DT B 1 4 ? 7.176   -2.682  -1.039  1.00 0.00 ? 12 DT B "O4'" 5 
ATOM 1517 C "C3'" . DT B 1 4 ? 8.134   -4.358  0.375   1.00 0.00 ? 12 DT B "C3'" 5 
ATOM 1518 O "O3'" . DT B 1 4 ? 8.870   -3.775  1.438   1.00 0.00 ? 12 DT B "O3'" 5 
ATOM 1519 C "C2'" . DT B 1 4 ? 6.642   -4.267  0.560   1.00 0.00 ? 12 DT B "C2'" 5 
ATOM 1520 C "C1'" . DT B 1 4 ? 6.357   -2.841  0.099   1.00 0.00 ? 12 DT B "C1'" 5 
ATOM 1521 N N1    . DT B 1 4 ? 4.957   -2.597  -0.313  1.00 0.00 ? 12 DT B N1    5 
ATOM 1522 C C2    . DT B 1 4 ? 4.369   -1.385  0.030   1.00 0.00 ? 12 DT B C2    5 
ATOM 1523 O O2    . DT B 1 4 ? 4.895   -0.552  0.762   1.00 0.00 ? 12 DT B O2    5 
ATOM 1524 N N3    . DT B 1 4 ? 3.128   -1.134  -0.511  1.00 0.00 ? 12 DT B N3    5 
ATOM 1525 C C4    . DT B 1 4 ? 2.396   -1.993  -1.292  1.00 0.00 ? 12 DT B C4    5 
ATOM 1526 O O4    . DT B 1 4 ? 1.259   -1.676  -1.635  1.00 0.00 ? 12 DT B O4    5 
ATOM 1527 C C5    . DT B 1 4 ? 3.092   -3.210  -1.664  1.00 0.00 ? 12 DT B C5    5 
ATOM 1528 C C7    . DT B 1 4 ? 2.407   -4.202  -2.583  1.00 0.00 ? 12 DT B C7    5 
ATOM 1529 C C6    . DT B 1 4 ? 4.334   -3.459  -1.178  1.00 0.00 ? 12 DT B C6    5 
ATOM 1530 P P     . DA B 1 5 ? 8.819   -4.341  2.940   1.00 0.00 ? 13 DA B P     5 
ATOM 1531 O OP1   . DA B 1 5 ? 10.063  -3.927  3.626   1.00 0.00 ? 13 DA B OP1   5 
ATOM 1532 O OP2   . DA B 1 5 ? 8.454   -5.775  2.898   1.00 0.00 ? 13 DA B OP2   5 
ATOM 1533 O "O5'" . DA B 1 5 ? 7.589   -3.529  3.597   1.00 0.00 ? 13 DA B "O5'" 5 
ATOM 1534 C "C5'" . DA B 1 5 ? 7.759   -2.196  4.044   1.00 0.00 ? 13 DA B "C5'" 5 
ATOM 1535 C "C4'" . DA B 1 5 ? 6.499   -1.637  4.717   1.00 0.00 ? 13 DA B "C4'" 5 
ATOM 1536 O "O4'" . DA B 1 5 ? 5.454   -1.364  3.798   1.00 0.00 ? 13 DA B "O4'" 5 
ATOM 1537 C "C3'" . DA B 1 5 ? 5.917   -2.547  5.807   1.00 0.00 ? 13 DA B "C3'" 5 
ATOM 1538 O "O3'" . DA B 1 5 ? 6.251   -2.003  7.076   1.00 0.00 ? 13 DA B "O3'" 5 
ATOM 1539 C "C2'" . DA B 1 5 ? 4.436   -2.563  5.472   1.00 0.00 ? 13 DA B "C2'" 5 
ATOM 1540 C "C1'" . DA B 1 5 ? 4.218   -1.421  4.492   1.00 0.00 ? 13 DA B "C1'" 5 
ATOM 1541 N N9    . DA B 1 5 ? 3.143   -1.740  3.535   1.00 0.00 ? 13 DA B N9    5 
ATOM 1542 C C8    . DA B 1 5 ? 3.115   -2.791  2.666   1.00 0.00 ? 13 DA B C8    5 
ATOM 1543 N N7    . DA B 1 5 ? 2.123   -2.775  1.818   1.00 0.00 ? 13 DA B N7    5 
ATOM 1544 C C5    . DA B 1 5 ? 1.421   -1.630  2.185   1.00 0.00 ? 13 DA B C5    5 
ATOM 1545 C C6    . DA B 1 5 ? 0.248   -1.024  1.700   1.00 0.00 ? 13 DA B C6    5 
ATOM 1546 N N6    . DA B 1 5 ? -0.393  -1.427  0.604   1.00 0.00 ? 13 DA B N6    5 
ATOM 1547 N N1    . DA B 1 5 ? -0.263  0.017   2.369   1.00 0.00 ? 13 DA B N1    5 
ATOM 1548 C C2    . DA B 1 5 ? 0.367   0.471   3.446   1.00 0.00 ? 13 DA B C2    5 
ATOM 1549 N N3    . DA B 1 5 ? 1.504   0.033   3.969   1.00 0.00 ? 13 DA B N3    5 
ATOM 1550 C C4    . DA B 1 5 ? 1.995   -1.028  3.276   1.00 0.00 ? 13 DA B C4    5 
ATOM 1551 P P     . DT B 1 6 ? 5.708   -2.594  8.474   1.00 0.00 ? 14 DT B P     5 
ATOM 1552 O OP1   . DT B 1 6 ? 6.554   -2.058  9.563   1.00 0.00 ? 14 DT B OP1   5 
ATOM 1553 O OP2   . DT B 1 6 ? 5.520   -4.056  8.344   1.00 0.00 ? 14 DT B OP2   5 
ATOM 1554 O "O5'" . DT B 1 6 ? 4.257   -1.913  8.588   1.00 0.00 ? 14 DT B "O5'" 5 
ATOM 1555 C "C5'" . DT B 1 6 ? 4.103   -0.508  8.501   1.00 0.00 ? 14 DT B "C5'" 5 
ATOM 1556 C "C4'" . DT B 1 6 ? 2.624   -0.118  8.552   1.00 0.00 ? 14 DT B "C4'" 5 
ATOM 1557 O "O4'" . DT B 1 6 ? 1.948   -0.447  7.355   1.00 0.00 ? 14 DT B "O4'" 5 
ATOM 1558 C "C3'" . DT B 1 6 ? 1.877   -0.775  9.718   1.00 0.00 ? 14 DT B "C3'" 5 
ATOM 1559 O "O3'" . DT B 1 6 ? 1.350   0.241   10.553  1.00 0.00 ? 14 DT B "O3'" 5 
ATOM 1560 C "C2'" . DT B 1 6 ? 0.818   -1.588  8.981   1.00 0.00 ? 14 DT B "C2'" 5 
ATOM 1561 C "C1'" . DT B 1 6 ? 0.622   -0.806  7.688   1.00 0.00 ? 14 DT B "C1'" 5 
ATOM 1562 N N1    . DT B 1 6 ? 0.080   -1.618  6.571   1.00 0.00 ? 14 DT B N1    5 
ATOM 1563 C C2    . DT B 1 6 ? -1.039  -1.176  5.871   1.00 0.00 ? 14 DT B C2    5 
ATOM 1564 O O2    . DT B 1 6 ? -1.720  -0.215  6.213   1.00 0.00 ? 14 DT B O2    5 
ATOM 1565 N N3    . DT B 1 6 ? -1.374  -1.889  4.738   1.00 0.00 ? 14 DT B N3    5 
ATOM 1566 C C4    . DT B 1 6 ? -0.724  -3.007  4.263   1.00 0.00 ? 14 DT B C4    5 
ATOM 1567 O O4    . DT B 1 6 ? -1.101  -3.532  3.219   1.00 0.00 ? 14 DT B O4    5 
ATOM 1568 C C5    . DT B 1 6 ? 0.417   -3.425  5.056   1.00 0.00 ? 14 DT B C5    5 
ATOM 1569 C C7    . DT B 1 6 ? 1.180   -4.682  4.682   1.00 0.00 ? 14 DT B C7    5 
ATOM 1570 C C6    . DT B 1 6 ? 0.782   -2.715  6.150   1.00 0.00 ? 14 DT B C6    5 
ATOM 1571 P P     . DA B 1 7 ? 0.587   -0.093  11.930  1.00 0.00 ? 15 DA B P     5 
ATOM 1572 O OP1   . DA B 1 7 ? 0.613   1.115   12.784  1.00 0.00 ? 15 DA B OP1   5 
ATOM 1573 O OP2   . DA B 1 7 ? 1.109   -1.373  12.459  1.00 0.00 ? 15 DA B OP2   5 
ATOM 1574 O "O5'" . DA B 1 7 ? -0.915  -0.331  11.423  1.00 0.00 ? 15 DA B "O5'" 5 
ATOM 1575 C "C5'" . DA B 1 7 ? -1.766  0.752   11.103  1.00 0.00 ? 15 DA B "C5'" 5 
ATOM 1576 C "C4'" . DA B 1 7 ? -3.104  0.233   10.567  1.00 0.00 ? 15 DA B "C4'" 5 
ATOM 1577 O "O4'" . DA B 1 7 ? -2.980  -0.307  9.258   1.00 0.00 ? 15 DA B "O4'" 5 
ATOM 1578 C "C3'" . DA B 1 7 ? -3.720  -0.851  11.458  1.00 0.00 ? 15 DA B "C3'" 5 
ATOM 1579 O "O3'" . DA B 1 7 ? -4.802  -0.296  12.196  1.00 0.00 ? 15 DA B "O3'" 5 
ATOM 1580 C "C2'" . DA B 1 7 ? -4.120  -1.900  10.440  1.00 0.00 ? 15 DA B "C2'" 5 
ATOM 1581 C "C1'" . DA B 1 7 ? -4.033  -1.234  9.075   1.00 0.00 ? 15 DA B "C1'" 5 
ATOM 1582 N N9    . DA B 1 7 ? -3.703  -2.211  8.018   1.00 0.00 ? 15 DA B N9    5 
ATOM 1583 C C8    . DA B 1 7 ? -2.710  -3.138  8.078   1.00 0.00 ? 15 DA B C8    5 
ATOM 1584 N N7    . DA B 1 7 ? -2.615  -3.922  7.039   1.00 0.00 ? 15 DA B N7    5 
ATOM 1585 C C5    . DA B 1 7 ? -3.632  -3.451  6.211   1.00 0.00 ? 15 DA B C5    5 
ATOM 1586 C C6    . DA B 1 7 ? -4.080  -3.837  4.934   1.00 0.00 ? 15 DA B C6    5 
ATOM 1587 N N6    . DA B 1 7 ? -3.515  -4.834  4.257   1.00 0.00 ? 15 DA B N6    5 
ATOM 1588 N N1    . DA B 1 7 ? -5.098  -3.174  4.369   1.00 0.00 ? 15 DA B N1    5 
ATOM 1589 C C2    . DA B 1 7 ? -5.660  -2.178  5.046   1.00 0.00 ? 15 DA B C2    5 
ATOM 1590 N N3    . DA B 1 7 ? -5.349  -1.723  6.257   1.00 0.00 ? 15 DA B N3    5 
ATOM 1591 C C4    . DA B 1 7 ? -4.304  -2.405  6.793   1.00 0.00 ? 15 DA B C4    5 
ATOM 1592 P P     . DC B 1 8 ? -5.771  -1.172  13.145  1.00 0.00 ? 16 DC B P     5 
ATOM 1593 O OP1   . DC B 1 8 ? -6.394  -0.271  14.138  1.00 0.00 ? 16 DC B OP1   5 
ATOM 1594 O OP2   . DC B 1 8 ? -5.034  -2.372  13.600  1.00 0.00 ? 16 DC B OP2   5 
ATOM 1595 O "O5'" . DC B 1 8 ? -6.916  -1.646  12.120  1.00 0.00 ? 16 DC B "O5'" 5 
ATOM 1596 C "C5'" . DC B 1 8 ? -7.769  -0.703  11.501  1.00 0.00 ? 16 DC B "C5'" 5 
ATOM 1597 C "C4'" . DC B 1 8 ? -8.489  -1.351  10.315  1.00 0.00 ? 16 DC B "C4'" 5 
ATOM 1598 O "O4'" . DC B 1 8 ? -7.557  -1.878  9.392   1.00 0.00 ? 16 DC B "O4'" 5 
ATOM 1599 C "C3'" . DC B 1 8 ? -9.362  -2.541  10.705  1.00 0.00 ? 16 DC B "C3'" 5 
ATOM 1600 O "O3'" . DC B 1 8 ? -10.662 -2.138  11.077  1.00 0.00 ? 16 DC B "O3'" 5 
ATOM 1601 C "C2'" . DC B 1 8 ? -9.386  -3.374  9.424   1.00 0.00 ? 16 DC B "C2'" 5 
ATOM 1602 C "C1'" . DC B 1 8 ? -8.245  -2.804  8.571   1.00 0.00 ? 16 DC B "C1'" 5 
ATOM 1603 N N1    . DC B 1 8 ? -7.317  -3.871  8.107   1.00 0.00 ? 16 DC B N1    5 
ATOM 1604 C C2    . DC B 1 8 ? -7.425  -4.345  6.805   1.00 0.00 ? 16 DC B C2    5 
ATOM 1605 O O2    . DC B 1 8 ? -8.297  -3.936  6.044   1.00 0.00 ? 16 DC B O2    5 
ATOM 1606 N N3    . DC B 1 8 ? -6.550  -5.298  6.372   1.00 0.00 ? 16 DC B N3    5 
ATOM 1607 C C4    . DC B 1 8 ? -5.609  -5.778  7.189   1.00 0.00 ? 16 DC B C4    5 
ATOM 1608 N N4    . DC B 1 8 ? -4.743  -6.656  6.703   1.00 0.00 ? 16 DC B N4    5 
ATOM 1609 C C5    . DC B 1 8 ? -5.495  -5.337  8.543   1.00 0.00 ? 16 DC B C5    5 
ATOM 1610 C C6    . DC B 1 8 ? -6.373  -4.390  8.950   1.00 0.00 ? 16 DC B C6    5 
# 
